data_4MLK
# 
_entry.id   4MLK 
# 
_audit_conform.dict_name       mmcif_pdbx.dic 
_audit_conform.dict_version    5.387 
_audit_conform.dict_location   http://mmcif.pdb.org/dictionaries/ascii/mmcif_pdbx.dic 
# 
loop_
_database_2.database_id 
_database_2.database_code 
_database_2.pdbx_database_accession 
_database_2.pdbx_DOI 
PDB   4MLK         pdb_00004mlk 10.2210/pdb4mlk/pdb 
RCSB  RCSB082062   ?            ?                   
WWPDB D_1000082062 ?            ?                   
# 
loop_
_pdbx_audit_revision_history.ordinal 
_pdbx_audit_revision_history.data_content_type 
_pdbx_audit_revision_history.major_revision 
_pdbx_audit_revision_history.minor_revision 
_pdbx_audit_revision_history.revision_date 
1 'Structure model' 1 0 2013-11-13 
2 'Structure model' 1 1 2013-12-18 
3 'Structure model' 1 2 2017-11-15 
4 'Structure model' 1 3 2024-02-28 
# 
_pdbx_audit_revision_details.ordinal             1 
_pdbx_audit_revision_details.revision_ordinal    1 
_pdbx_audit_revision_details.data_content_type   'Structure model' 
_pdbx_audit_revision_details.provider            repository 
_pdbx_audit_revision_details.type                'Initial release' 
_pdbx_audit_revision_details.description         ? 
_pdbx_audit_revision_details.details             ? 
# 
loop_
_pdbx_audit_revision_group.ordinal 
_pdbx_audit_revision_group.revision_ordinal 
_pdbx_audit_revision_group.data_content_type 
_pdbx_audit_revision_group.group 
1 2 'Structure model' 'Database references'    
2 3 'Structure model' 'Refinement description' 
3 4 'Structure model' 'Data collection'        
4 4 'Structure model' 'Database references'    
# 
loop_
_pdbx_audit_revision_category.ordinal 
_pdbx_audit_revision_category.revision_ordinal 
_pdbx_audit_revision_category.data_content_type 
_pdbx_audit_revision_category.category 
1 3 'Structure model' software           
2 4 'Structure model' chem_comp_atom     
3 4 'Structure model' chem_comp_bond     
4 4 'Structure model' database_2         
5 4 'Structure model' struct_ref_seq_dif 
# 
loop_
_pdbx_audit_revision_item.ordinal 
_pdbx_audit_revision_item.revision_ordinal 
_pdbx_audit_revision_item.data_content_type 
_pdbx_audit_revision_item.item 
1 3 'Structure model' '_software.name'                      
2 4 'Structure model' '_database_2.pdbx_DOI'                
3 4 'Structure model' '_database_2.pdbx_database_accession' 
4 4 'Structure model' '_struct_ref_seq_dif.details'         
# 
_pdbx_database_status.entry_id                        4MLK 
_pdbx_database_status.status_code                     REL 
_pdbx_database_status.deposit_site                    RCSB 
_pdbx_database_status.process_site                    RCSB 
_pdbx_database_status.recvd_initial_deposition_date   2013-09-06 
_pdbx_database_status.status_code_sf                  REL 
_pdbx_database_status.status_code_mr                  ? 
_pdbx_database_status.SG_entry                        ? 
_pdbx_database_status.status_code_cs                  ? 
_pdbx_database_status.methods_development_category    ? 
_pdbx_database_status.pdb_format_compatible           Y 
_pdbx_database_status.status_code_nmr_data            ? 
# 
loop_
_audit_author.name 
_audit_author.pdbx_ordinal 
'Hickey, J.'     1 
'Lovell, S.'     2 
'Kemege, K.'     3 
'Barta, M.L.'    4 
'Battaile, K.P.' 5 
'Hefty, P.S.'    6 
# 
_citation.id                        primary 
_citation.title                     'Structure of CT584 from Chlamydia trachomatis refined to 3.05 angstrom resolution.' 
_citation.journal_abbrev            'Acta Crystallogr.,Sect.F' 
_citation.journal_volume            69 
_citation.page_first                1196 
_citation.page_last                 1201 
_citation.year                      2013 
_citation.journal_id_ASTM           ? 
_citation.country                   DK 
_citation.journal_id_ISSN           1744-3091 
_citation.journal_id_CSD            ? 
_citation.book_publisher            ? 
_citation.pdbx_database_id_PubMed   24192348 
_citation.pdbx_database_id_DOI      10.1107/S1744309113027371 
# 
loop_
_citation_author.citation_id 
_citation_author.name 
_citation_author.ordinal 
_citation_author.identifier_ORCID 
primary 'Barta, M.L.'    1 ? 
primary 'Hickey, J.'     2 ? 
primary 'Kemege, K.E.'   3 ? 
primary 'Lovell, S.'     4 ? 
primary 'Battaile, K.P.' 5 ? 
primary 'Hefty, P.S.'    6 ? 
# 
_entity.id                         1 
_entity.type                       polymer 
_entity.src_method                 man 
_entity.pdbx_description           'CT584 protein' 
_entity.formula_weight             22449.750 
_entity.pdbx_number_of_molecules   1 
_entity.pdbx_ec                    ? 
_entity.pdbx_mutation              ? 
_entity.pdbx_fragment              ? 
_entity.details                    ? 
# 
_entity_poly.entity_id                      1 
_entity_poly.type                           'polypeptide(L)' 
_entity_poly.nstd_linkage                   no 
_entity_poly.nstd_monomer                   no 
_entity_poly.pdbx_seq_one_letter_code       
;MTTKPKTLEIDNNTFLLLEGNLKRIFATPIGYTTFREFQNVVFNCAQGQQELANFLFEMLINGKLLQELPAGQKQSAQSL
IVQFMMPIRVAKDIHERGEFINFITSDMLAQQERCVFLNRLSRVDGQEFLLMTDVQNTCHLIRHLLSRLLEAQKNPIGEK
NLQEIQEDLDSLRAHFEELTKSVAAALEHHHHHH
;
_entity_poly.pdbx_seq_one_letter_code_can   
;MTTKPKTLEIDNNTFLLLEGNLKRIFATPIGYTTFREFQNVVFNCAQGQQELANFLFEMLINGKLLQELPAGQKQSAQSL
IVQFMMPIRVAKDIHERGEFINFITSDMLAQQERCVFLNRLSRVDGQEFLLMTDVQNTCHLIRHLLSRLLEAQKNPIGEK
NLQEIQEDLDSLRAHFEELTKSVAAALEHHHHHH
;
_entity_poly.pdbx_strand_id                 A 
_entity_poly.pdbx_target_identifier         ? 
# 
loop_
_entity_poly_seq.entity_id 
_entity_poly_seq.num 
_entity_poly_seq.mon_id 
_entity_poly_seq.hetero 
1 1   MET n 
1 2   THR n 
1 3   THR n 
1 4   LYS n 
1 5   PRO n 
1 6   LYS n 
1 7   THR n 
1 8   LEU n 
1 9   GLU n 
1 10  ILE n 
1 11  ASP n 
1 12  ASN n 
1 13  ASN n 
1 14  THR n 
1 15  PHE n 
1 16  LEU n 
1 17  LEU n 
1 18  LEU n 
1 19  GLU n 
1 20  GLY n 
1 21  ASN n 
1 22  LEU n 
1 23  LYS n 
1 24  ARG n 
1 25  ILE n 
1 26  PHE n 
1 27  ALA n 
1 28  THR n 
1 29  PRO n 
1 30  ILE n 
1 31  GLY n 
1 32  TYR n 
1 33  THR n 
1 34  THR n 
1 35  PHE n 
1 36  ARG n 
1 37  GLU n 
1 38  PHE n 
1 39  GLN n 
1 40  ASN n 
1 41  VAL n 
1 42  VAL n 
1 43  PHE n 
1 44  ASN n 
1 45  CYS n 
1 46  ALA n 
1 47  GLN n 
1 48  GLY n 
1 49  GLN n 
1 50  GLN n 
1 51  GLU n 
1 52  LEU n 
1 53  ALA n 
1 54  ASN n 
1 55  PHE n 
1 56  LEU n 
1 57  PHE n 
1 58  GLU n 
1 59  MET n 
1 60  LEU n 
1 61  ILE n 
1 62  ASN n 
1 63  GLY n 
1 64  LYS n 
1 65  LEU n 
1 66  LEU n 
1 67  GLN n 
1 68  GLU n 
1 69  LEU n 
1 70  PRO n 
1 71  ALA n 
1 72  GLY n 
1 73  GLN n 
1 74  LYS n 
1 75  GLN n 
1 76  SER n 
1 77  ALA n 
1 78  GLN n 
1 79  SER n 
1 80  LEU n 
1 81  ILE n 
1 82  VAL n 
1 83  GLN n 
1 84  PHE n 
1 85  MET n 
1 86  MET n 
1 87  PRO n 
1 88  ILE n 
1 89  ARG n 
1 90  VAL n 
1 91  ALA n 
1 92  LYS n 
1 93  ASP n 
1 94  ILE n 
1 95  HIS n 
1 96  GLU n 
1 97  ARG n 
1 98  GLY n 
1 99  GLU n 
1 100 PHE n 
1 101 ILE n 
1 102 ASN n 
1 103 PHE n 
1 104 ILE n 
1 105 THR n 
1 106 SER n 
1 107 ASP n 
1 108 MET n 
1 109 LEU n 
1 110 ALA n 
1 111 GLN n 
1 112 GLN n 
1 113 GLU n 
1 114 ARG n 
1 115 CYS n 
1 116 VAL n 
1 117 PHE n 
1 118 LEU n 
1 119 ASN n 
1 120 ARG n 
1 121 LEU n 
1 122 SER n 
1 123 ARG n 
1 124 VAL n 
1 125 ASP n 
1 126 GLY n 
1 127 GLN n 
1 128 GLU n 
1 129 PHE n 
1 130 LEU n 
1 131 LEU n 
1 132 MET n 
1 133 THR n 
1 134 ASP n 
1 135 VAL n 
1 136 GLN n 
1 137 ASN n 
1 138 THR n 
1 139 CYS n 
1 140 HIS n 
1 141 LEU n 
1 142 ILE n 
1 143 ARG n 
1 144 HIS n 
1 145 LEU n 
1 146 LEU n 
1 147 SER n 
1 148 ARG n 
1 149 LEU n 
1 150 LEU n 
1 151 GLU n 
1 152 ALA n 
1 153 GLN n 
1 154 LYS n 
1 155 ASN n 
1 156 PRO n 
1 157 ILE n 
1 158 GLY n 
1 159 GLU n 
1 160 LYS n 
1 161 ASN n 
1 162 LEU n 
1 163 GLN n 
1 164 GLU n 
1 165 ILE n 
1 166 GLN n 
1 167 GLU n 
1 168 ASP n 
1 169 LEU n 
1 170 ASP n 
1 171 SER n 
1 172 LEU n 
1 173 ARG n 
1 174 ALA n 
1 175 HIS n 
1 176 PHE n 
1 177 GLU n 
1 178 GLU n 
1 179 LEU n 
1 180 THR n 
1 181 LYS n 
1 182 SER n 
1 183 VAL n 
1 184 ALA n 
1 185 ALA n 
1 186 ALA n 
1 187 LEU n 
1 188 GLU n 
1 189 HIS n 
1 190 HIS n 
1 191 HIS n 
1 192 HIS n 
1 193 HIS n 
1 194 HIS n 
# 
_entity_src_gen.entity_id                          1 
_entity_src_gen.pdbx_src_id                        1 
_entity_src_gen.pdbx_alt_source_flag               sample 
_entity_src_gen.pdbx_seq_type                      ? 
_entity_src_gen.pdbx_beg_seq_num                   ? 
_entity_src_gen.pdbx_end_seq_num                   ? 
_entity_src_gen.gene_src_common_name               ? 
_entity_src_gen.gene_src_genus                     ? 
_entity_src_gen.pdbx_gene_src_gene                 CTL0847 
_entity_src_gen.gene_src_species                   ? 
_entity_src_gen.gene_src_strain                    L2/434/Bu 
_entity_src_gen.gene_src_tissue                    ? 
_entity_src_gen.gene_src_tissue_fraction           ? 
_entity_src_gen.gene_src_details                   ? 
_entity_src_gen.pdbx_gene_src_fragment             ? 
_entity_src_gen.pdbx_gene_src_scientific_name      'Chlamydia trachomatis' 
_entity_src_gen.pdbx_gene_src_ncbi_taxonomy_id     471472 
_entity_src_gen.pdbx_gene_src_variant              ? 
_entity_src_gen.pdbx_gene_src_cell_line            ? 
_entity_src_gen.pdbx_gene_src_atcc                 ? 
_entity_src_gen.pdbx_gene_src_organ                ? 
_entity_src_gen.pdbx_gene_src_organelle            ? 
_entity_src_gen.pdbx_gene_src_cell                 ? 
_entity_src_gen.pdbx_gene_src_cellular_location    ? 
_entity_src_gen.host_org_common_name               ? 
_entity_src_gen.pdbx_host_org_scientific_name      'Escherichia coli' 
_entity_src_gen.pdbx_host_org_ncbi_taxonomy_id     562 
_entity_src_gen.host_org_genus                     ? 
_entity_src_gen.pdbx_host_org_gene                 ? 
_entity_src_gen.pdbx_host_org_organ                ? 
_entity_src_gen.host_org_species                   ? 
_entity_src_gen.pdbx_host_org_tissue               ? 
_entity_src_gen.pdbx_host_org_tissue_fraction      ? 
_entity_src_gen.pdbx_host_org_strain               'BL21(DE3)' 
_entity_src_gen.pdbx_host_org_variant              ? 
_entity_src_gen.pdbx_host_org_cell_line            ? 
_entity_src_gen.pdbx_host_org_atcc                 ? 
_entity_src_gen.pdbx_host_org_culture_collection   ? 
_entity_src_gen.pdbx_host_org_cell                 ? 
_entity_src_gen.pdbx_host_org_organelle            ? 
_entity_src_gen.pdbx_host_org_cellular_location    ? 
_entity_src_gen.pdbx_host_org_vector_type          plasmid 
_entity_src_gen.pdbx_host_org_vector               ? 
_entity_src_gen.host_org_details                   ? 
_entity_src_gen.expression_system_id               ? 
_entity_src_gen.plasmid_name                       pET21b 
_entity_src_gen.plasmid_details                    ? 
_entity_src_gen.pdbx_description                   ? 
# 
loop_
_chem_comp.id 
_chem_comp.type 
_chem_comp.mon_nstd_flag 
_chem_comp.name 
_chem_comp.pdbx_synonyms 
_chem_comp.formula 
_chem_comp.formula_weight 
ALA 'L-peptide linking' y ALANINE         ? 'C3 H7 N O2'     89.093  
ARG 'L-peptide linking' y ARGININE        ? 'C6 H15 N4 O2 1' 175.209 
ASN 'L-peptide linking' y ASPARAGINE      ? 'C4 H8 N2 O3'    132.118 
ASP 'L-peptide linking' y 'ASPARTIC ACID' ? 'C4 H7 N O4'     133.103 
CYS 'L-peptide linking' y CYSTEINE        ? 'C3 H7 N O2 S'   121.158 
GLN 'L-peptide linking' y GLUTAMINE       ? 'C5 H10 N2 O3'   146.144 
GLU 'L-peptide linking' y 'GLUTAMIC ACID' ? 'C5 H9 N O4'     147.129 
GLY 'peptide linking'   y GLYCINE         ? 'C2 H5 N O2'     75.067  
HIS 'L-peptide linking' y HISTIDINE       ? 'C6 H10 N3 O2 1' 156.162 
ILE 'L-peptide linking' y ISOLEUCINE      ? 'C6 H13 N O2'    131.173 
LEU 'L-peptide linking' y LEUCINE         ? 'C6 H13 N O2'    131.173 
LYS 'L-peptide linking' y LYSINE          ? 'C6 H15 N2 O2 1' 147.195 
MET 'L-peptide linking' y METHIONINE      ? 'C5 H11 N O2 S'  149.211 
PHE 'L-peptide linking' y PHENYLALANINE   ? 'C9 H11 N O2'    165.189 
PRO 'L-peptide linking' y PROLINE         ? 'C5 H9 N O2'     115.130 
SER 'L-peptide linking' y SERINE          ? 'C3 H7 N O3'     105.093 
THR 'L-peptide linking' y THREONINE       ? 'C4 H9 N O3'     119.119 
TYR 'L-peptide linking' y TYROSINE        ? 'C9 H11 N O3'    181.189 
VAL 'L-peptide linking' y VALINE          ? 'C5 H11 N O2'    117.146 
# 
loop_
_pdbx_poly_seq_scheme.asym_id 
_pdbx_poly_seq_scheme.entity_id 
_pdbx_poly_seq_scheme.seq_id 
_pdbx_poly_seq_scheme.mon_id 
_pdbx_poly_seq_scheme.ndb_seq_num 
_pdbx_poly_seq_scheme.pdb_seq_num 
_pdbx_poly_seq_scheme.auth_seq_num 
_pdbx_poly_seq_scheme.pdb_mon_id 
_pdbx_poly_seq_scheme.auth_mon_id 
_pdbx_poly_seq_scheme.pdb_strand_id 
_pdbx_poly_seq_scheme.pdb_ins_code 
_pdbx_poly_seq_scheme.hetero 
A 1 1   MET 1   1   ?   ?   ?   A . n 
A 1 2   THR 2   2   ?   ?   ?   A . n 
A 1 3   THR 3   3   ?   ?   ?   A . n 
A 1 4   LYS 4   4   ?   ?   ?   A . n 
A 1 5   PRO 5   5   ?   ?   ?   A . n 
A 1 6   LYS 6   6   ?   ?   ?   A . n 
A 1 7   THR 7   7   ?   ?   ?   A . n 
A 1 8   LEU 8   8   ?   ?   ?   A . n 
A 1 9   GLU 9   9   ?   ?   ?   A . n 
A 1 10  ILE 10  10  ?   ?   ?   A . n 
A 1 11  ASP 11  11  ?   ?   ?   A . n 
A 1 12  ASN 12  12  ?   ?   ?   A . n 
A 1 13  ASN 13  13  ?   ?   ?   A . n 
A 1 14  THR 14  14  14  THR THR A . n 
A 1 15  PHE 15  15  15  PHE PHE A . n 
A 1 16  LEU 16  16  16  LEU LEU A . n 
A 1 17  LEU 17  17  17  LEU LEU A . n 
A 1 18  LEU 18  18  18  LEU LEU A . n 
A 1 19  GLU 19  19  19  GLU GLU A . n 
A 1 20  GLY 20  20  20  GLY GLY A . n 
A 1 21  ASN 21  21  21  ASN ASN A . n 
A 1 22  LEU 22  22  22  LEU LEU A . n 
A 1 23  LYS 23  23  23  LYS LYS A . n 
A 1 24  ARG 24  24  24  ARG ARG A . n 
A 1 25  ILE 25  25  25  ILE ILE A . n 
A 1 26  PHE 26  26  26  PHE PHE A . n 
A 1 27  ALA 27  27  27  ALA ALA A . n 
A 1 28  THR 28  28  28  THR THR A . n 
A 1 29  PRO 29  29  29  PRO PRO A . n 
A 1 30  ILE 30  30  30  ILE ILE A . n 
A 1 31  GLY 31  31  31  GLY GLY A . n 
A 1 32  TYR 32  32  32  TYR TYR A . n 
A 1 33  THR 33  33  33  THR THR A . n 
A 1 34  THR 34  34  34  THR THR A . n 
A 1 35  PHE 35  35  35  PHE PHE A . n 
A 1 36  ARG 36  36  36  ARG ARG A . n 
A 1 37  GLU 37  37  37  GLU GLU A . n 
A 1 38  PHE 38  38  38  PHE PHE A . n 
A 1 39  GLN 39  39  39  GLN GLN A . n 
A 1 40  ASN 40  40  40  ASN ASN A . n 
A 1 41  VAL 41  41  41  VAL VAL A . n 
A 1 42  VAL 42  42  42  VAL VAL A . n 
A 1 43  PHE 43  43  43  PHE PHE A . n 
A 1 44  ASN 44  44  44  ASN ASN A . n 
A 1 45  CYS 45  45  45  CYS CYS A . n 
A 1 46  ALA 46  46  46  ALA ALA A . n 
A 1 47  GLN 47  47  ?   ?   ?   A . n 
A 1 48  GLY 48  48  ?   ?   ?   A . n 
A 1 49  GLN 49  49  49  GLN GLN A . n 
A 1 50  GLN 50  50  50  GLN GLN A . n 
A 1 51  GLU 51  51  51  GLU GLU A . n 
A 1 52  LEU 52  52  52  LEU LEU A . n 
A 1 53  ALA 53  53  53  ALA ALA A . n 
A 1 54  ASN 54  54  54  ASN ASN A . n 
A 1 55  PHE 55  55  55  PHE PHE A . n 
A 1 56  LEU 56  56  56  LEU LEU A . n 
A 1 57  PHE 57  57  57  PHE PHE A . n 
A 1 58  GLU 58  58  58  GLU GLU A . n 
A 1 59  MET 59  59  59  MET MET A . n 
A 1 60  LEU 60  60  60  LEU LEU A . n 
A 1 61  ILE 61  61  61  ILE ILE A . n 
A 1 62  ASN 62  62  62  ASN ASN A . n 
A 1 63  GLY 63  63  63  GLY GLY A . n 
A 1 64  LYS 64  64  64  LYS LYS A . n 
A 1 65  LEU 65  65  65  LEU LEU A . n 
A 1 66  LEU 66  66  ?   ?   ?   A . n 
A 1 67  GLN 67  67  ?   ?   ?   A . n 
A 1 68  GLU 68  68  ?   ?   ?   A . n 
A 1 69  LEU 69  69  ?   ?   ?   A . n 
A 1 70  PRO 70  70  ?   ?   ?   A . n 
A 1 71  ALA 71  71  ?   ?   ?   A . n 
A 1 72  GLY 72  72  ?   ?   ?   A . n 
A 1 73  GLN 73  73  ?   ?   ?   A . n 
A 1 74  LYS 74  74  74  LYS LYS A . n 
A 1 75  GLN 75  75  75  GLN GLN A . n 
A 1 76  SER 76  76  76  SER SER A . n 
A 1 77  ALA 77  77  77  ALA ALA A . n 
A 1 78  GLN 78  78  78  GLN GLN A . n 
A 1 79  SER 79  79  79  SER SER A . n 
A 1 80  LEU 80  80  80  LEU LEU A . n 
A 1 81  ILE 81  81  81  ILE ILE A . n 
A 1 82  VAL 82  82  82  VAL VAL A . n 
A 1 83  GLN 83  83  83  GLN GLN A . n 
A 1 84  PHE 84  84  84  PHE PHE A . n 
A 1 85  MET 85  85  85  MET MET A . n 
A 1 86  MET 86  86  86  MET MET A . n 
A 1 87  PRO 87  87  87  PRO PRO A . n 
A 1 88  ILE 88  88  88  ILE ILE A . n 
A 1 89  ARG 89  89  89  ARG ARG A . n 
A 1 90  VAL 90  90  90  VAL VAL A . n 
A 1 91  ALA 91  91  91  ALA ALA A . n 
A 1 92  LYS 92  92  92  LYS LYS A . n 
A 1 93  ASP 93  93  93  ASP ASP A . n 
A 1 94  ILE 94  94  94  ILE ILE A . n 
A 1 95  HIS 95  95  95  HIS HIS A . n 
A 1 96  GLU 96  96  96  GLU GLU A . n 
A 1 97  ARG 97  97  97  ARG ARG A . n 
A 1 98  GLY 98  98  98  GLY GLY A . n 
A 1 99  GLU 99  99  99  GLU GLU A . n 
A 1 100 PHE 100 100 100 PHE PHE A . n 
A 1 101 ILE 101 101 101 ILE ILE A . n 
A 1 102 ASN 102 102 102 ASN ASN A . n 
A 1 103 PHE 103 103 103 PHE PHE A . n 
A 1 104 ILE 104 104 104 ILE ILE A . n 
A 1 105 THR 105 105 105 THR THR A . n 
A 1 106 SER 106 106 106 SER SER A . n 
A 1 107 ASP 107 107 107 ASP ASP A . n 
A 1 108 MET 108 108 108 MET MET A . n 
A 1 109 LEU 109 109 109 LEU LEU A . n 
A 1 110 ALA 110 110 ?   ?   ?   A . n 
A 1 111 GLN 111 111 ?   ?   ?   A . n 
A 1 112 GLN 112 112 ?   ?   ?   A . n 
A 1 113 GLU 113 113 ?   ?   ?   A . n 
A 1 114 ARG 114 114 ?   ?   ?   A . n 
A 1 115 CYS 115 115 115 CYS CYS A . n 
A 1 116 VAL 116 116 116 VAL VAL A . n 
A 1 117 PHE 117 117 117 PHE PHE A . n 
A 1 118 LEU 118 118 118 LEU LEU A . n 
A 1 119 ASN 119 119 119 ASN ASN A . n 
A 1 120 ARG 120 120 120 ARG ARG A . n 
A 1 121 LEU 121 121 121 LEU LEU A . n 
A 1 122 SER 122 122 122 SER SER A . n 
A 1 123 ARG 123 123 123 ARG ARG A . n 
A 1 124 VAL 124 124 124 VAL VAL A . n 
A 1 125 ASP 125 125 125 ASP ASP A . n 
A 1 126 GLY 126 126 126 GLY GLY A . n 
A 1 127 GLN 127 127 127 GLN GLN A . n 
A 1 128 GLU 128 128 128 GLU GLU A . n 
A 1 129 PHE 129 129 129 PHE PHE A . n 
A 1 130 LEU 130 130 130 LEU LEU A . n 
A 1 131 LEU 131 131 131 LEU LEU A . n 
A 1 132 MET 132 132 132 MET MET A . n 
A 1 133 THR 133 133 133 THR THR A . n 
A 1 134 ASP 134 134 134 ASP ASP A . n 
A 1 135 VAL 135 135 135 VAL VAL A . n 
A 1 136 GLN 136 136 136 GLN GLN A . n 
A 1 137 ASN 137 137 137 ASN ASN A . n 
A 1 138 THR 138 138 138 THR THR A . n 
A 1 139 CYS 139 139 139 CYS CYS A . n 
A 1 140 HIS 140 140 140 HIS HIS A . n 
A 1 141 LEU 141 141 141 LEU LEU A . n 
A 1 142 ILE 142 142 142 ILE ILE A . n 
A 1 143 ARG 143 143 143 ARG ARG A . n 
A 1 144 HIS 144 144 144 HIS HIS A . n 
A 1 145 LEU 145 145 145 LEU LEU A . n 
A 1 146 LEU 146 146 146 LEU LEU A . n 
A 1 147 SER 147 147 147 SER SER A . n 
A 1 148 ARG 148 148 148 ARG ARG A . n 
A 1 149 LEU 149 149 149 LEU LEU A . n 
A 1 150 LEU 150 150 150 LEU LEU A . n 
A 1 151 GLU 151 151 151 GLU GLU A . n 
A 1 152 ALA 152 152 152 ALA ALA A . n 
A 1 153 GLN 153 153 153 GLN GLN A . n 
A 1 154 LYS 154 154 154 LYS LYS A . n 
A 1 155 ASN 155 155 155 ASN ASN A . n 
A 1 156 PRO 156 156 156 PRO PRO A . n 
A 1 157 ILE 157 157 157 ILE ILE A . n 
A 1 158 GLY 158 158 158 GLY GLY A . n 
A 1 159 GLU 159 159 159 GLU GLU A . n 
A 1 160 LYS 160 160 160 LYS LYS A . n 
A 1 161 ASN 161 161 161 ASN ASN A . n 
A 1 162 LEU 162 162 162 LEU LEU A . n 
A 1 163 GLN 163 163 163 GLN GLN A . n 
A 1 164 GLU 164 164 164 GLU GLU A . n 
A 1 165 ILE 165 165 165 ILE ILE A . n 
A 1 166 GLN 166 166 166 GLN GLN A . n 
A 1 167 GLU 167 167 167 GLU GLU A . n 
A 1 168 ASP 168 168 168 ASP ASP A . n 
A 1 169 LEU 169 169 169 LEU LEU A . n 
A 1 170 ASP 170 170 170 ASP ASP A . n 
A 1 171 SER 171 171 171 SER SER A . n 
A 1 172 LEU 172 172 172 LEU LEU A . n 
A 1 173 ARG 173 173 173 ARG ARG A . n 
A 1 174 ALA 174 174 174 ALA ALA A . n 
A 1 175 HIS 175 175 175 HIS HIS A . n 
A 1 176 PHE 176 176 176 PHE PHE A . n 
A 1 177 GLU 177 177 177 GLU GLU A . n 
A 1 178 GLU 178 178 178 GLU GLU A . n 
A 1 179 LEU 179 179 179 LEU LEU A . n 
A 1 180 THR 180 180 180 THR THR A . n 
A 1 181 LYS 181 181 ?   ?   ?   A . n 
A 1 182 SER 182 182 ?   ?   ?   A . n 
A 1 183 VAL 183 183 ?   ?   ?   A . n 
A 1 184 ALA 184 184 ?   ?   ?   A . n 
A 1 185 ALA 185 185 ?   ?   ?   A . n 
A 1 186 ALA 186 186 ?   ?   ?   A . n 
A 1 187 LEU 187 187 ?   ?   ?   A . n 
A 1 188 GLU 188 188 ?   ?   ?   A . n 
A 1 189 HIS 189 189 ?   ?   ?   A . n 
A 1 190 HIS 190 190 ?   ?   ?   A . n 
A 1 191 HIS 191 191 ?   ?   ?   A . n 
A 1 192 HIS 192 192 ?   ?   ?   A . n 
A 1 193 HIS 193 193 ?   ?   ?   A . n 
A 1 194 HIS 194 194 ?   ?   ?   A . n 
# 
loop_
_software.pdbx_ordinal 
_software.name 
_software.version 
_software.date 
_software.type 
_software.contact_author 
_software.contact_author_email 
_software.classification 
_software.location 
_software.language 
_software.citation_id 
1 SCALA       3.3.20    2011/05/18                        other   'Phil R. Evans' pre@mrc-lmb.cam.ac.uk       'data scaling'    
http://www.ccp4.ac.uk/dist/html/scala.html  Fortran_77 ? 
2 PHASER      2.3.0     'Fri Sep 23 00:09:40 2011 (svn )' program 'Randy J. Read' cimr-phaser@lists.cam.ac.uk phasing           
http://www-structmed.cimr.cam.ac.uk/phaser/ ?          ? 
3 PHENIX      1.7.2_869 ?                                 package 'Paul D. Adams' PDAdams@lbl.gov             refinement        
http://www.phenix-online.org/               C++        ? 
4 PDB_EXTRACT 3.11      'April 22, 2011'                  package PDB             deposit@deposit.rcsb.org    'data extraction' 
http://sw-tools.pdb.org/apps/PDB_EXTRACT/   C++        ? 
5 JDirector   .         ?                                 ?       ?               ?                           'data collection' ? 
?          ? 
6 XDS         .         ?                                 ?       ?               ?                           'data reduction'  ? 
?          ? 
# 
_cell.length_a           112.236 
_cell.length_b           112.236 
_cell.length_c           82.072 
_cell.angle_alpha        90.000 
_cell.angle_beta         90.000 
_cell.angle_gamma        120.000 
_cell.entry_id           4MLK 
_cell.pdbx_unique_axis   ? 
_cell.Z_PDB              18 
_cell.length_a_esd       ? 
_cell.length_b_esd       ? 
_cell.length_c_esd       ? 
_cell.angle_alpha_esd    ? 
_cell.angle_beta_esd     ? 
_cell.angle_gamma_esd    ? 
# 
_symmetry.space_group_name_H-M             'H 3 2' 
_symmetry.entry_id                         4MLK 
_symmetry.Int_Tables_number                155 
_symmetry.pdbx_full_space_group_name_H-M   ? 
_symmetry.cell_setting                     ? 
_symmetry.space_group_name_Hall            ? 
# 
_exptl.crystals_number   1 
_exptl.entry_id          4MLK 
_exptl.method            'X-RAY DIFFRACTION' 
# 
_exptl_crystal.id                    1 
_exptl_crystal.density_Matthews      2.22 
_exptl_crystal.density_meas          ? 
_exptl_crystal.density_percent_sol   44.49 
_exptl_crystal.description           ? 
_exptl_crystal.F_000                 ? 
_exptl_crystal.preparation           ? 
# 
_exptl_crystal_grow.crystal_id      1 
_exptl_crystal_grow.method          'VAPOR DIFFUSION' 
_exptl_crystal_grow.pH              8.5 
_exptl_crystal_grow.temp            293 
_exptl_crystal_grow.pdbx_details    
;30% (w/v) PEG 8000, 0.05M sodium cacodylate 0.2M ammonium acetate, 0.01M magnesium acetate, pH 8.5, VAPOR DIFFUSION, temperature 293K
;
_exptl_crystal_grow.temp_details    ? 
_exptl_crystal_grow.pdbx_pH_range   ? 
# 
_diffrn.id                     1 
_diffrn.ambient_temp           100 
_diffrn.ambient_temp_details   ? 
_diffrn.crystal_id             1 
# 
_diffrn_detector.diffrn_id              1 
_diffrn_detector.detector               PIXEL 
_diffrn_detector.type                   'DECTRIS PILATUS 6M' 
_diffrn_detector.pdbx_collection_date   2011-01-01 
_diffrn_detector.details                ? 
# 
_diffrn_radiation.diffrn_id                        1 
_diffrn_radiation.pdbx_diffrn_protocol             'SINGLE WAVELENGTH' 
_diffrn_radiation.monochromator                    ? 
_diffrn_radiation.wavelength_id                    1 
_diffrn_radiation.pdbx_monochromatic_or_laue_m_l   ? 
_diffrn_radiation.pdbx_scattering_type             x-ray 
# 
_diffrn_radiation_wavelength.id           1 
_diffrn_radiation_wavelength.wavelength   1.0000 
_diffrn_radiation_wavelength.wt           1.0 
# 
_diffrn_source.diffrn_id                   1 
_diffrn_source.source                      SYNCHROTRON 
_diffrn_source.type                        'APS BEAMLINE 17-ID' 
_diffrn_source.pdbx_wavelength_list        1.0000 
_diffrn_source.pdbx_wavelength             ? 
_diffrn_source.pdbx_synchrotron_site       APS 
_diffrn_source.pdbx_synchrotron_beamline   17-ID 
# 
_reflns.entry_id                     4MLK 
_reflns.d_resolution_high            3.051 
_reflns.d_resolution_low             62.708 
_reflns.number_all                   3900 
_reflns.number_obs                   3900 
_reflns.pdbx_netI_over_sigmaI        20.300 
_reflns.pdbx_Rsym_value              0.093 
_reflns.pdbx_redundancy              10.000 
_reflns.percent_possible_obs         100.000 
_reflns.B_iso_Wilson_estimate        75.530 
_reflns.observed_criterion_sigma_F   0 
_reflns.observed_criterion_sigma_I   -3 
_reflns.pdbx_Rmerge_I_obs            ? 
_reflns.R_free_details               ? 
_reflns.limit_h_max                  ? 
_reflns.limit_h_min                  ? 
_reflns.limit_k_max                  ? 
_reflns.limit_k_min                  ? 
_reflns.limit_l_max                  ? 
_reflns.limit_l_min                  ? 
_reflns.observed_criterion_F_max     ? 
_reflns.observed_criterion_F_min     ? 
_reflns.pdbx_chi_squared             ? 
_reflns.pdbx_scaling_rejects         ? 
_reflns.pdbx_ordinal                 1 
_reflns.pdbx_diffrn_id               1 
# 
loop_
_reflns_shell.d_res_high 
_reflns_shell.d_res_low 
_reflns_shell.number_measured_obs 
_reflns_shell.number_measured_all 
_reflns_shell.number_unique_obs 
_reflns_shell.Rmerge_I_obs 
_reflns_shell.meanI_over_sigI_obs 
_reflns_shell.pdbx_Rsym_value 
_reflns_shell.pdbx_chi_squared 
_reflns_shell.pdbx_redundancy 
_reflns_shell.percent_possible_obs 
_reflns_shell.number_unique_all 
_reflns_shell.percent_possible_all 
_reflns_shell.pdbx_ordinal 
_reflns_shell.pdbx_diffrn_id 
3.050 3.210  ? 5812 ? 0.713 1.100  0.713 ? 10.500 ? 551 100.000 1  1 
3.210 3.410  ? 5547 ? 0.405 1.900  0.405 ? 10.400 ? 532 100.000 2  1 
3.410 3.650  ? 5065 ? 0.277 2.700  0.277 ? 10.200 ? 495 100.000 3  1 
3.650 3.940  ? 4660 ? 0.171 4.400  0.171 ? 9.900  ? 472 100.000 4  1 
3.940 4.310  ? 3963 ? 0.086 8.700  0.086 ? 9.200  ? 429 100.000 5  1 
4.310 4.820  ? 3767 ? 0.057 12.600 0.057 ? 9.600  ? 393 100.000 6  1 
4.820 5.570  ? 3323 ? 0.059 12.600 0.059 ? 9.500  ? 350 100.000 7  1 
5.570 6.820  ? 3107 ? 0.066 11.000 0.066 ? 10.500 ? 296 100.000 8  1 
6.820 9.640  ? 2444 ? 0.037 14.500 0.037 ? 10.200 ? 239 100.000 9  1 
9.640 62.708 ? 1238 ? 0.032 18.000 0.032 ? 8.700  ? 143 99.900  10 1 
# 
_refine.entry_id                                 4MLK 
_refine.pdbx_refine_id                           'X-RAY DIFFRACTION' 
_refine.ls_d_res_high                            3.0510 
_refine.ls_d_res_low                             32.4000 
_refine.pdbx_ls_sigma_F                          1.720 
_refine.pdbx_data_cutoff_high_absF               ? 
_refine.pdbx_data_cutoff_low_absF                ? 
_refine.ls_percent_reflns_obs                    100.0000 
_refine.ls_number_reflns_obs                     3895 
_refine.ls_number_reflns_all                     ? 
_refine.pdbx_ls_cross_valid_method               ? 
_refine.ls_matrix_type                           ? 
_refine.pdbx_R_Free_selection_details            ? 
_refine.details                                  ? 
_refine.ls_R_factor_all                          ? 
_refine.ls_R_factor_obs                          0.2267 
_refine.ls_R_factor_R_work                       0.2253 
_refine.ls_wR_factor_R_work                      ? 
_refine.ls_R_factor_R_free                       0.2529 
_refine.ls_wR_factor_R_free                      ? 
_refine.ls_percent_reflns_R_free                 4.5700 
_refine.ls_number_reflns_R_free                  178 
_refine.ls_number_reflns_R_work                  3717 
_refine.ls_R_factor_R_free_error                 ? 
_refine.B_iso_mean                               75.3667 
_refine.solvent_model_param_bsol                 ? 
_refine.solvent_model_param_ksol                 ? 
_refine.pdbx_isotropic_thermal_model             ? 
_refine.aniso_B[1][1]                            ? 
_refine.aniso_B[2][2]                            ? 
_refine.aniso_B[3][3]                            ? 
_refine.aniso_B[1][2]                            ? 
_refine.aniso_B[1][3]                            ? 
_refine.aniso_B[2][3]                            ? 
_refine.correlation_coeff_Fo_to_Fc               ? 
_refine.correlation_coeff_Fo_to_Fc_free          ? 
_refine.overall_SU_R_Cruickshank_DPI             ? 
_refine.pdbx_overall_SU_R_free_Cruickshank_DPI   ? 
_refine.pdbx_overall_SU_R_Blow_DPI               ? 
_refine.pdbx_overall_SU_R_free_Blow_DPI          ? 
_refine.overall_SU_R_free                        ? 
_refine.pdbx_overall_ESU_R                       ? 
_refine.pdbx_overall_ESU_R_Free                  ? 
_refine.overall_SU_ML                            0.3600 
_refine.overall_SU_B                             ? 
_refine.solvent_model_details                    'FLAT BULK SOLVENT MODEL' 
_refine.pdbx_solvent_vdw_probe_radii             1.1100 
_refine.pdbx_solvent_ion_probe_radii             ? 
_refine.pdbx_solvent_shrinkage_radii             0.9000 
_refine.ls_number_parameters                     ? 
_refine.ls_number_restraints                     ? 
_refine.pdbx_starting_model                      ? 
_refine.pdbx_method_to_determine_struct          ? 
_refine.pdbx_stereochemistry_target_values       ML 
_refine.pdbx_stereochem_target_val_spec_case     ? 
_refine.overall_FOM_work_R_set                   ? 
_refine.B_iso_max                                178.240 
_refine.B_iso_min                                25.930 
_refine.pdbx_overall_phase_error                 30.7000 
_refine.occupancy_max                            1.000 
_refine.occupancy_min                            1.000 
_refine.pdbx_diffrn_id                           1 
_refine.pdbx_ls_sigma_I                          ? 
_refine.ls_redundancy_reflns_obs                 ? 
_refine.ls_R_factor_R_free_error_details         ? 
_refine.pdbx_data_cutoff_high_rms_absF           ? 
_refine.overall_FOM_free_R_set                   ? 
_refine.pdbx_TLS_residual_ADP_flag               ? 
# 
_refine_hist.pdbx_refine_id                   'X-RAY DIFFRACTION' 
_refine_hist.cycle_id                         LAST 
_refine_hist.pdbx_number_atoms_protein        1243 
_refine_hist.pdbx_number_atoms_nucleic_acid   0 
_refine_hist.pdbx_number_atoms_ligand         0 
_refine_hist.number_atoms_solvent             0 
_refine_hist.number_atoms_total               1243 
_refine_hist.d_res_high                       3.0510 
_refine_hist.d_res_low                        32.4000 
# 
loop_
_refine_ls_restr.pdbx_refine_id 
_refine_ls_restr.type 
_refine_ls_restr.number 
_refine_ls_restr.dev_ideal 
_refine_ls_restr.dev_ideal_target 
_refine_ls_restr.weight 
_refine_ls_restr.pdbx_restraint_function 
'X-RAY DIFFRACTION' f_bond_d           1260 0.007  ? ? ? 
'X-RAY DIFFRACTION' f_angle_d          1691 1.074  ? ? ? 
'X-RAY DIFFRACTION' f_chiral_restr     195  0.050  ? ? ? 
'X-RAY DIFFRACTION' f_plane_restr      218  0.006  ? ? ? 
'X-RAY DIFFRACTION' f_dihedral_angle_d 474  16.273 ? ? ? 
# 
_refine_ls_shell.d_res_high                       3.0507 
_refine_ls_shell.d_res_low                        32.4016 
_refine_ls_shell.pdbx_total_number_of_bins_used   1 
_refine_ls_shell.percent_reflns_obs               100.0000 
_refine_ls_shell.number_reflns_R_work             3717 
_refine_ls_shell.R_factor_all                     ? 
_refine_ls_shell.R_factor_R_work                  0.2253 
_refine_ls_shell.R_factor_R_free                  0.2529 
_refine_ls_shell.percent_reflns_R_free            ? 
_refine_ls_shell.number_reflns_R_free             178 
_refine_ls_shell.R_factor_R_free_error            ? 
_refine_ls_shell.number_reflns_all                3895 
_refine_ls_shell.number_reflns_obs                ? 
_refine_ls_shell.pdbx_refine_id                   'X-RAY DIFFRACTION' 
_refine_ls_shell.redundancy_reflns_obs            ? 
# 
_struct.entry_id                  4MLK 
_struct.title                     '3.05A resolution structure of CT584 from Chlamydia trachomatis' 
_struct.pdbx_model_details        ? 
_struct.pdbx_CASP_flag            ? 
_struct.pdbx_model_type_details   ? 
# 
_struct_keywords.entry_id        4MLK 
_struct_keywords.text            'CT584, Chlamydia, hypothetical protein, UNKNOWN FUNCTION' 
_struct_keywords.pdbx_keywords   'UNKNOWN FUNCTION' 
# 
_struct_asym.id                            A 
_struct_asym.pdbx_blank_PDB_chainid_flag   N 
_struct_asym.pdbx_modified                 N 
_struct_asym.entity_id                     1 
_struct_asym.details                       ? 
# 
_struct_ref.id                         1 
_struct_ref.db_name                    UNP 
_struct_ref.db_code                    B0B8F8_CHLT2 
_struct_ref.pdbx_db_accession          B0B8F8 
_struct_ref.entity_id                  1 
_struct_ref.pdbx_seq_one_letter_code   
;MTTKPKTLEIDNNTFLLLEGNLKRIFATPIGYTTFREFQNVVFNCAQGQQELANFLFEMLINGKLLQELPAGQKQSAQSL
IVQFMMPIRVAKDIHERGEFINFITSDMLAQQERCVFLNRLSRVDGQEFLLMTDVQNTCHLIRHLLSRLLEAQKNPIGEK
NLQEIQEDLDSLRAHFEELTKSV
;
_struct_ref.pdbx_align_begin           1 
_struct_ref.pdbx_db_isoform            ? 
# 
_struct_ref_seq.align_id                      1 
_struct_ref_seq.ref_id                        1 
_struct_ref_seq.pdbx_PDB_id_code              4MLK 
_struct_ref_seq.pdbx_strand_id                A 
_struct_ref_seq.seq_align_beg                 1 
_struct_ref_seq.pdbx_seq_align_beg_ins_code   ? 
_struct_ref_seq.seq_align_end                 183 
_struct_ref_seq.pdbx_seq_align_end_ins_code   ? 
_struct_ref_seq.pdbx_db_accession             B0B8F8 
_struct_ref_seq.db_align_beg                  1 
_struct_ref_seq.pdbx_db_align_beg_ins_code    ? 
_struct_ref_seq.db_align_end                  183 
_struct_ref_seq.pdbx_db_align_end_ins_code    ? 
_struct_ref_seq.pdbx_auth_seq_align_beg       1 
_struct_ref_seq.pdbx_auth_seq_align_end       183 
# 
loop_
_struct_ref_seq_dif.align_id 
_struct_ref_seq_dif.pdbx_pdb_id_code 
_struct_ref_seq_dif.mon_id 
_struct_ref_seq_dif.pdbx_pdb_strand_id 
_struct_ref_seq_dif.seq_num 
_struct_ref_seq_dif.pdbx_pdb_ins_code 
_struct_ref_seq_dif.pdbx_seq_db_name 
_struct_ref_seq_dif.pdbx_seq_db_accession_code 
_struct_ref_seq_dif.db_mon_id 
_struct_ref_seq_dif.pdbx_seq_db_seq_num 
_struct_ref_seq_dif.details 
_struct_ref_seq_dif.pdbx_auth_seq_num 
_struct_ref_seq_dif.pdbx_ordinal 
1 4MLK ALA A 184 ? UNP B0B8F8 ? ? 'expression tag' 184 1  
1 4MLK ALA A 185 ? UNP B0B8F8 ? ? 'expression tag' 185 2  
1 4MLK ALA A 186 ? UNP B0B8F8 ? ? 'expression tag' 186 3  
1 4MLK LEU A 187 ? UNP B0B8F8 ? ? 'expression tag' 187 4  
1 4MLK GLU A 188 ? UNP B0B8F8 ? ? 'expression tag' 188 5  
1 4MLK HIS A 189 ? UNP B0B8F8 ? ? 'expression tag' 189 6  
1 4MLK HIS A 190 ? UNP B0B8F8 ? ? 'expression tag' 190 7  
1 4MLK HIS A 191 ? UNP B0B8F8 ? ? 'expression tag' 191 8  
1 4MLK HIS A 192 ? UNP B0B8F8 ? ? 'expression tag' 192 9  
1 4MLK HIS A 193 ? UNP B0B8F8 ? ? 'expression tag' 193 10 
1 4MLK HIS A 194 ? UNP B0B8F8 ? ? 'expression tag' 194 11 
# 
_pdbx_struct_assembly.id                   1 
_pdbx_struct_assembly.details              author_and_software_defined_assembly 
_pdbx_struct_assembly.method_details       PISA 
_pdbx_struct_assembly.oligomeric_details   hexameric 
_pdbx_struct_assembly.oligomeric_count     6 
# 
loop_
_pdbx_struct_assembly_prop.biol_id 
_pdbx_struct_assembly_prop.type 
_pdbx_struct_assembly_prop.value 
_pdbx_struct_assembly_prop.details 
1 'ABSA (A^2)' 24530 ? 
1 MORE         -243  ? 
1 'SSA (A^2)'  43720 ? 
# 
_pdbx_struct_assembly_gen.assembly_id       1 
_pdbx_struct_assembly_gen.oper_expression   1,2,3,4,5,6 
_pdbx_struct_assembly_gen.asym_id_list      A 
# 
loop_
_pdbx_struct_oper_list.id 
_pdbx_struct_oper_list.type 
_pdbx_struct_oper_list.name 
_pdbx_struct_oper_list.symmetry_operation 
_pdbx_struct_oper_list.matrix[1][1] 
_pdbx_struct_oper_list.matrix[1][2] 
_pdbx_struct_oper_list.matrix[1][3] 
_pdbx_struct_oper_list.vector[1] 
_pdbx_struct_oper_list.matrix[2][1] 
_pdbx_struct_oper_list.matrix[2][2] 
_pdbx_struct_oper_list.matrix[2][3] 
_pdbx_struct_oper_list.vector[2] 
_pdbx_struct_oper_list.matrix[3][1] 
_pdbx_struct_oper_list.matrix[3][2] 
_pdbx_struct_oper_list.matrix[3][3] 
_pdbx_struct_oper_list.vector[3] 
1 'identity operation'         1_555 x,y,z        1.0000000000  0.0000000000  0.0000000000  0.0000000000   0.0000000000  1.0000000000  0.0000000000  0.0000000000   0.0000000000  0.0000000000  1.0000000000  0.0000000000  
2 'crystal symmetry operation' 2_555 -y,x-y,z     0.4916609584  -0.7006746777 0.5170343297  -12.2885678871 -0.7190884868 0.0081695075  0.6948704968  -16.8645112490 -0.4911020772 -0.7134341282 -0.4998304658 16.5266845938 
3 'crystal symmetry operation' 3_555 -x+y,-x,z    0.4916609584  -0.7190884868 -0.4911020772 2.0310223237   -0.7006746777 0.0081695075  -0.7134341282 3.3181872217   0.5170343297  0.6948704968  -0.4998304658 26.3328032296 
4 'crystal symmetry operation' 4_556 y,x,-z+1     -0.5785462140 0.5782377900  -0.5752611029 -15.7141176963 0.5782377900  -0.2066533678 -0.7892625950 22.9418873970  -0.5752611029 -0.7892625950 -0.2148004182 11.5479594153 
5 'crystal symmetry operation' 5_556 x-y,-y,-z+1  -0.4177408008 0.8205075034  0.3902051515  -27.8634697907 0.8205075034  0.1562420380  0.5498689503  6.2773871365   0.3902051515  0.5498689503  -0.7385012371 28.3776836792 
6 'crystal symmetry operation' 6_556 -x,-x+y,-z+1 -0.9870349019 0.0210178711  0.1591236989  -30.1186941549 0.0210178711  -0.9659276851 0.2579572760  2.6470900825   0.1591236989  0.2579572760  0.9529625870  2.1043730692 
# 
_struct_biol.id        1 
_struct_biol.details   ? 
# 
loop_
_struct_conf.conf_type_id 
_struct_conf.id 
_struct_conf.pdbx_PDB_helix_id 
_struct_conf.beg_label_comp_id 
_struct_conf.beg_label_asym_id 
_struct_conf.beg_label_seq_id 
_struct_conf.pdbx_beg_PDB_ins_code 
_struct_conf.end_label_comp_id 
_struct_conf.end_label_asym_id 
_struct_conf.end_label_seq_id 
_struct_conf.pdbx_end_PDB_ins_code 
_struct_conf.beg_auth_comp_id 
_struct_conf.beg_auth_asym_id 
_struct_conf.beg_auth_seq_id 
_struct_conf.end_auth_comp_id 
_struct_conf.end_auth_asym_id 
_struct_conf.end_auth_seq_id 
_struct_conf.pdbx_PDB_helix_class 
_struct_conf.details 
_struct_conf.pdbx_PDB_helix_length 
HELX_P HELX_P1 1 THR A 14  ? PHE A 26  ? THR A 14  PHE A 26  1 ? 13 
HELX_P HELX_P2 2 THR A 33  ? ALA A 46  ? THR A 33  ALA A 46  1 ? 14 
HELX_P HELX_P3 3 GLN A 50  ? GLY A 63  ? GLN A 50  GLY A 63  1 ? 14 
HELX_P HELX_P4 4 GLN A 75  ? GLY A 98  ? GLN A 75  GLY A 98  1 ? 24 
HELX_P HELX_P5 5 VAL A 135 ? ASN A 155 ? VAL A 135 ASN A 155 1 ? 21 
HELX_P HELX_P6 6 ASN A 155 ? ILE A 165 ? ASN A 155 ILE A 165 1 ? 11 
HELX_P HELX_P7 7 ILE A 165 ? THR A 180 ? ILE A 165 THR A 180 1 ? 16 
# 
_struct_conf_type.id          HELX_P 
_struct_conf_type.criteria    ? 
_struct_conf_type.reference   ? 
# 
_struct_sheet.id               A 
_struct_sheet.type             ? 
_struct_sheet.number_strands   3 
_struct_sheet.details          ? 
# 
loop_
_struct_sheet_order.sheet_id 
_struct_sheet_order.range_id_1 
_struct_sheet_order.range_id_2 
_struct_sheet_order.offset 
_struct_sheet_order.sense 
A 1 2 ? anti-parallel 
A 2 3 ? anti-parallel 
# 
loop_
_struct_sheet_range.sheet_id 
_struct_sheet_range.id 
_struct_sheet_range.beg_label_comp_id 
_struct_sheet_range.beg_label_asym_id 
_struct_sheet_range.beg_label_seq_id 
_struct_sheet_range.pdbx_beg_PDB_ins_code 
_struct_sheet_range.end_label_comp_id 
_struct_sheet_range.end_label_asym_id 
_struct_sheet_range.end_label_seq_id 
_struct_sheet_range.pdbx_end_PDB_ins_code 
_struct_sheet_range.beg_auth_comp_id 
_struct_sheet_range.beg_auth_asym_id 
_struct_sheet_range.beg_auth_seq_id 
_struct_sheet_range.end_auth_comp_id 
_struct_sheet_range.end_auth_asym_id 
_struct_sheet_range.end_auth_seq_id 
A 1 ILE A 101 ? MET A 108 ? ILE A 101 MET A 108 
A 2 VAL A 116 ? ARG A 123 ? VAL A 116 ARG A 123 
A 3 GLU A 128 ? ASP A 134 ? GLU A 128 ASP A 134 
# 
loop_
_pdbx_struct_sheet_hbond.sheet_id 
_pdbx_struct_sheet_hbond.range_id_1 
_pdbx_struct_sheet_hbond.range_id_2 
_pdbx_struct_sheet_hbond.range_1_label_atom_id 
_pdbx_struct_sheet_hbond.range_1_label_comp_id 
_pdbx_struct_sheet_hbond.range_1_label_asym_id 
_pdbx_struct_sheet_hbond.range_1_label_seq_id 
_pdbx_struct_sheet_hbond.range_1_PDB_ins_code 
_pdbx_struct_sheet_hbond.range_1_auth_atom_id 
_pdbx_struct_sheet_hbond.range_1_auth_comp_id 
_pdbx_struct_sheet_hbond.range_1_auth_asym_id 
_pdbx_struct_sheet_hbond.range_1_auth_seq_id 
_pdbx_struct_sheet_hbond.range_2_label_atom_id 
_pdbx_struct_sheet_hbond.range_2_label_comp_id 
_pdbx_struct_sheet_hbond.range_2_label_asym_id 
_pdbx_struct_sheet_hbond.range_2_label_seq_id 
_pdbx_struct_sheet_hbond.range_2_PDB_ins_code 
_pdbx_struct_sheet_hbond.range_2_auth_atom_id 
_pdbx_struct_sheet_hbond.range_2_auth_comp_id 
_pdbx_struct_sheet_hbond.range_2_auth_asym_id 
_pdbx_struct_sheet_hbond.range_2_auth_seq_id 
A 1 2 N ASP A 107 ? N ASP A 107 O LEU A 118 ? O LEU A 118 
A 2 3 N PHE A 117 ? N PHE A 117 O THR A 133 ? O THR A 133 
# 
loop_
_pdbx_validate_torsion.id 
_pdbx_validate_torsion.PDB_model_num 
_pdbx_validate_torsion.auth_comp_id 
_pdbx_validate_torsion.auth_asym_id 
_pdbx_validate_torsion.auth_seq_id 
_pdbx_validate_torsion.PDB_ins_code 
_pdbx_validate_torsion.label_alt_id 
_pdbx_validate_torsion.phi 
_pdbx_validate_torsion.psi 
1 1 GLN A 75 ? ? -38.44  -38.74 
2 1 ARG A 97 ? ? -150.67 34.75  
# 
_pdbx_phasing_MR.entry_id                     4MLK 
_pdbx_phasing_MR.method_rotation              ? 
_pdbx_phasing_MR.method_translation           ? 
_pdbx_phasing_MR.model_details                ? 
_pdbx_phasing_MR.R_factor                     ? 
_pdbx_phasing_MR.R_rigid_body                 ? 
_pdbx_phasing_MR.correlation_coeff_Fo_to_Fc   ? 
_pdbx_phasing_MR.correlation_coeff_Io_to_Ic   ? 
_pdbx_phasing_MR.d_res_high_rotation          3.050 
_pdbx_phasing_MR.d_res_low_rotation           62.710 
_pdbx_phasing_MR.d_res_high_translation       3.050 
_pdbx_phasing_MR.d_res_low_translation        62.710 
_pdbx_phasing_MR.packing                      ? 
_pdbx_phasing_MR.reflns_percent_rotation      ? 
_pdbx_phasing_MR.reflns_percent_translation   ? 
_pdbx_phasing_MR.sigma_F_rotation             ? 
_pdbx_phasing_MR.sigma_F_translation          ? 
_pdbx_phasing_MR.sigma_I_rotation             ? 
_pdbx_phasing_MR.sigma_I_translation          ? 
# 
_phasing.method   MR 
# 
loop_
_pdbx_unobs_or_zero_occ_residues.id 
_pdbx_unobs_or_zero_occ_residues.PDB_model_num 
_pdbx_unobs_or_zero_occ_residues.polymer_flag 
_pdbx_unobs_or_zero_occ_residues.occupancy_flag 
_pdbx_unobs_or_zero_occ_residues.auth_asym_id 
_pdbx_unobs_or_zero_occ_residues.auth_comp_id 
_pdbx_unobs_or_zero_occ_residues.auth_seq_id 
_pdbx_unobs_or_zero_occ_residues.PDB_ins_code 
_pdbx_unobs_or_zero_occ_residues.label_asym_id 
_pdbx_unobs_or_zero_occ_residues.label_comp_id 
_pdbx_unobs_or_zero_occ_residues.label_seq_id 
1  1 Y 1 A MET 1   ? A MET 1   
2  1 Y 1 A THR 2   ? A THR 2   
3  1 Y 1 A THR 3   ? A THR 3   
4  1 Y 1 A LYS 4   ? A LYS 4   
5  1 Y 1 A PRO 5   ? A PRO 5   
6  1 Y 1 A LYS 6   ? A LYS 6   
7  1 Y 1 A THR 7   ? A THR 7   
8  1 Y 1 A LEU 8   ? A LEU 8   
9  1 Y 1 A GLU 9   ? A GLU 9   
10 1 Y 1 A ILE 10  ? A ILE 10  
11 1 Y 1 A ASP 11  ? A ASP 11  
12 1 Y 1 A ASN 12  ? A ASN 12  
13 1 Y 1 A ASN 13  ? A ASN 13  
14 1 Y 1 A GLN 47  ? A GLN 47  
15 1 Y 1 A GLY 48  ? A GLY 48  
16 1 Y 1 A LEU 66  ? A LEU 66  
17 1 Y 1 A GLN 67  ? A GLN 67  
18 1 Y 1 A GLU 68  ? A GLU 68  
19 1 Y 1 A LEU 69  ? A LEU 69  
20 1 Y 1 A PRO 70  ? A PRO 70  
21 1 Y 1 A ALA 71  ? A ALA 71  
22 1 Y 1 A GLY 72  ? A GLY 72  
23 1 Y 1 A GLN 73  ? A GLN 73  
24 1 Y 1 A ALA 110 ? A ALA 110 
25 1 Y 1 A GLN 111 ? A GLN 111 
26 1 Y 1 A GLN 112 ? A GLN 112 
27 1 Y 1 A GLU 113 ? A GLU 113 
28 1 Y 1 A ARG 114 ? A ARG 114 
29 1 Y 1 A LYS 181 ? A LYS 181 
30 1 Y 1 A SER 182 ? A SER 182 
31 1 Y 1 A VAL 183 ? A VAL 183 
32 1 Y 1 A ALA 184 ? A ALA 184 
33 1 Y 1 A ALA 185 ? A ALA 185 
34 1 Y 1 A ALA 186 ? A ALA 186 
35 1 Y 1 A LEU 187 ? A LEU 187 
36 1 Y 1 A GLU 188 ? A GLU 188 
37 1 Y 1 A HIS 189 ? A HIS 189 
38 1 Y 1 A HIS 190 ? A HIS 190 
39 1 Y 1 A HIS 191 ? A HIS 191 
40 1 Y 1 A HIS 192 ? A HIS 192 
41 1 Y 1 A HIS 193 ? A HIS 193 
42 1 Y 1 A HIS 194 ? A HIS 194 
# 
loop_
_chem_comp_atom.comp_id 
_chem_comp_atom.atom_id 
_chem_comp_atom.type_symbol 
_chem_comp_atom.pdbx_aromatic_flag 
_chem_comp_atom.pdbx_stereo_config 
_chem_comp_atom.pdbx_ordinal 
ALA N    N N N 1   
ALA CA   C N S 2   
ALA C    C N N 3   
ALA O    O N N 4   
ALA CB   C N N 5   
ALA OXT  O N N 6   
ALA H    H N N 7   
ALA H2   H N N 8   
ALA HA   H N N 9   
ALA HB1  H N N 10  
ALA HB2  H N N 11  
ALA HB3  H N N 12  
ALA HXT  H N N 13  
ARG N    N N N 14  
ARG CA   C N S 15  
ARG C    C N N 16  
ARG O    O N N 17  
ARG CB   C N N 18  
ARG CG   C N N 19  
ARG CD   C N N 20  
ARG NE   N N N 21  
ARG CZ   C N N 22  
ARG NH1  N N N 23  
ARG NH2  N N N 24  
ARG OXT  O N N 25  
ARG H    H N N 26  
ARG H2   H N N 27  
ARG HA   H N N 28  
ARG HB2  H N N 29  
ARG HB3  H N N 30  
ARG HG2  H N N 31  
ARG HG3  H N N 32  
ARG HD2  H N N 33  
ARG HD3  H N N 34  
ARG HE   H N N 35  
ARG HH11 H N N 36  
ARG HH12 H N N 37  
ARG HH21 H N N 38  
ARG HH22 H N N 39  
ARG HXT  H N N 40  
ASN N    N N N 41  
ASN CA   C N S 42  
ASN C    C N N 43  
ASN O    O N N 44  
ASN CB   C N N 45  
ASN CG   C N N 46  
ASN OD1  O N N 47  
ASN ND2  N N N 48  
ASN OXT  O N N 49  
ASN H    H N N 50  
ASN H2   H N N 51  
ASN HA   H N N 52  
ASN HB2  H N N 53  
ASN HB3  H N N 54  
ASN HD21 H N N 55  
ASN HD22 H N N 56  
ASN HXT  H N N 57  
ASP N    N N N 58  
ASP CA   C N S 59  
ASP C    C N N 60  
ASP O    O N N 61  
ASP CB   C N N 62  
ASP CG   C N N 63  
ASP OD1  O N N 64  
ASP OD2  O N N 65  
ASP OXT  O N N 66  
ASP H    H N N 67  
ASP H2   H N N 68  
ASP HA   H N N 69  
ASP HB2  H N N 70  
ASP HB3  H N N 71  
ASP HD2  H N N 72  
ASP HXT  H N N 73  
CYS N    N N N 74  
CYS CA   C N R 75  
CYS C    C N N 76  
CYS O    O N N 77  
CYS CB   C N N 78  
CYS SG   S N N 79  
CYS OXT  O N N 80  
CYS H    H N N 81  
CYS H2   H N N 82  
CYS HA   H N N 83  
CYS HB2  H N N 84  
CYS HB3  H N N 85  
CYS HG   H N N 86  
CYS HXT  H N N 87  
GLN N    N N N 88  
GLN CA   C N S 89  
GLN C    C N N 90  
GLN O    O N N 91  
GLN CB   C N N 92  
GLN CG   C N N 93  
GLN CD   C N N 94  
GLN OE1  O N N 95  
GLN NE2  N N N 96  
GLN OXT  O N N 97  
GLN H    H N N 98  
GLN H2   H N N 99  
GLN HA   H N N 100 
GLN HB2  H N N 101 
GLN HB3  H N N 102 
GLN HG2  H N N 103 
GLN HG3  H N N 104 
GLN HE21 H N N 105 
GLN HE22 H N N 106 
GLN HXT  H N N 107 
GLU N    N N N 108 
GLU CA   C N S 109 
GLU C    C N N 110 
GLU O    O N N 111 
GLU CB   C N N 112 
GLU CG   C N N 113 
GLU CD   C N N 114 
GLU OE1  O N N 115 
GLU OE2  O N N 116 
GLU OXT  O N N 117 
GLU H    H N N 118 
GLU H2   H N N 119 
GLU HA   H N N 120 
GLU HB2  H N N 121 
GLU HB3  H N N 122 
GLU HG2  H N N 123 
GLU HG3  H N N 124 
GLU HE2  H N N 125 
GLU HXT  H N N 126 
GLY N    N N N 127 
GLY CA   C N N 128 
GLY C    C N N 129 
GLY O    O N N 130 
GLY OXT  O N N 131 
GLY H    H N N 132 
GLY H2   H N N 133 
GLY HA2  H N N 134 
GLY HA3  H N N 135 
GLY HXT  H N N 136 
HIS N    N N N 137 
HIS CA   C N S 138 
HIS C    C N N 139 
HIS O    O N N 140 
HIS CB   C N N 141 
HIS CG   C Y N 142 
HIS ND1  N Y N 143 
HIS CD2  C Y N 144 
HIS CE1  C Y N 145 
HIS NE2  N Y N 146 
HIS OXT  O N N 147 
HIS H    H N N 148 
HIS H2   H N N 149 
HIS HA   H N N 150 
HIS HB2  H N N 151 
HIS HB3  H N N 152 
HIS HD1  H N N 153 
HIS HD2  H N N 154 
HIS HE1  H N N 155 
HIS HE2  H N N 156 
HIS HXT  H N N 157 
ILE N    N N N 158 
ILE CA   C N S 159 
ILE C    C N N 160 
ILE O    O N N 161 
ILE CB   C N S 162 
ILE CG1  C N N 163 
ILE CG2  C N N 164 
ILE CD1  C N N 165 
ILE OXT  O N N 166 
ILE H    H N N 167 
ILE H2   H N N 168 
ILE HA   H N N 169 
ILE HB   H N N 170 
ILE HG12 H N N 171 
ILE HG13 H N N 172 
ILE HG21 H N N 173 
ILE HG22 H N N 174 
ILE HG23 H N N 175 
ILE HD11 H N N 176 
ILE HD12 H N N 177 
ILE HD13 H N N 178 
ILE HXT  H N N 179 
LEU N    N N N 180 
LEU CA   C N S 181 
LEU C    C N N 182 
LEU O    O N N 183 
LEU CB   C N N 184 
LEU CG   C N N 185 
LEU CD1  C N N 186 
LEU CD2  C N N 187 
LEU OXT  O N N 188 
LEU H    H N N 189 
LEU H2   H N N 190 
LEU HA   H N N 191 
LEU HB2  H N N 192 
LEU HB3  H N N 193 
LEU HG   H N N 194 
LEU HD11 H N N 195 
LEU HD12 H N N 196 
LEU HD13 H N N 197 
LEU HD21 H N N 198 
LEU HD22 H N N 199 
LEU HD23 H N N 200 
LEU HXT  H N N 201 
LYS N    N N N 202 
LYS CA   C N S 203 
LYS C    C N N 204 
LYS O    O N N 205 
LYS CB   C N N 206 
LYS CG   C N N 207 
LYS CD   C N N 208 
LYS CE   C N N 209 
LYS NZ   N N N 210 
LYS OXT  O N N 211 
LYS H    H N N 212 
LYS H2   H N N 213 
LYS HA   H N N 214 
LYS HB2  H N N 215 
LYS HB3  H N N 216 
LYS HG2  H N N 217 
LYS HG3  H N N 218 
LYS HD2  H N N 219 
LYS HD3  H N N 220 
LYS HE2  H N N 221 
LYS HE3  H N N 222 
LYS HZ1  H N N 223 
LYS HZ2  H N N 224 
LYS HZ3  H N N 225 
LYS HXT  H N N 226 
MET N    N N N 227 
MET CA   C N S 228 
MET C    C N N 229 
MET O    O N N 230 
MET CB   C N N 231 
MET CG   C N N 232 
MET SD   S N N 233 
MET CE   C N N 234 
MET OXT  O N N 235 
MET H    H N N 236 
MET H2   H N N 237 
MET HA   H N N 238 
MET HB2  H N N 239 
MET HB3  H N N 240 
MET HG2  H N N 241 
MET HG3  H N N 242 
MET HE1  H N N 243 
MET HE2  H N N 244 
MET HE3  H N N 245 
MET HXT  H N N 246 
PHE N    N N N 247 
PHE CA   C N S 248 
PHE C    C N N 249 
PHE O    O N N 250 
PHE CB   C N N 251 
PHE CG   C Y N 252 
PHE CD1  C Y N 253 
PHE CD2  C Y N 254 
PHE CE1  C Y N 255 
PHE CE2  C Y N 256 
PHE CZ   C Y N 257 
PHE OXT  O N N 258 
PHE H    H N N 259 
PHE H2   H N N 260 
PHE HA   H N N 261 
PHE HB2  H N N 262 
PHE HB3  H N N 263 
PHE HD1  H N N 264 
PHE HD2  H N N 265 
PHE HE1  H N N 266 
PHE HE2  H N N 267 
PHE HZ   H N N 268 
PHE HXT  H N N 269 
PRO N    N N N 270 
PRO CA   C N S 271 
PRO C    C N N 272 
PRO O    O N N 273 
PRO CB   C N N 274 
PRO CG   C N N 275 
PRO CD   C N N 276 
PRO OXT  O N N 277 
PRO H    H N N 278 
PRO HA   H N N 279 
PRO HB2  H N N 280 
PRO HB3  H N N 281 
PRO HG2  H N N 282 
PRO HG3  H N N 283 
PRO HD2  H N N 284 
PRO HD3  H N N 285 
PRO HXT  H N N 286 
SER N    N N N 287 
SER CA   C N S 288 
SER C    C N N 289 
SER O    O N N 290 
SER CB   C N N 291 
SER OG   O N N 292 
SER OXT  O N N 293 
SER H    H N N 294 
SER H2   H N N 295 
SER HA   H N N 296 
SER HB2  H N N 297 
SER HB3  H N N 298 
SER HG   H N N 299 
SER HXT  H N N 300 
THR N    N N N 301 
THR CA   C N S 302 
THR C    C N N 303 
THR O    O N N 304 
THR CB   C N R 305 
THR OG1  O N N 306 
THR CG2  C N N 307 
THR OXT  O N N 308 
THR H    H N N 309 
THR H2   H N N 310 
THR HA   H N N 311 
THR HB   H N N 312 
THR HG1  H N N 313 
THR HG21 H N N 314 
THR HG22 H N N 315 
THR HG23 H N N 316 
THR HXT  H N N 317 
TYR N    N N N 318 
TYR CA   C N S 319 
TYR C    C N N 320 
TYR O    O N N 321 
TYR CB   C N N 322 
TYR CG   C Y N 323 
TYR CD1  C Y N 324 
TYR CD2  C Y N 325 
TYR CE1  C Y N 326 
TYR CE2  C Y N 327 
TYR CZ   C Y N 328 
TYR OH   O N N 329 
TYR OXT  O N N 330 
TYR H    H N N 331 
TYR H2   H N N 332 
TYR HA   H N N 333 
TYR HB2  H N N 334 
TYR HB3  H N N 335 
TYR HD1  H N N 336 
TYR HD2  H N N 337 
TYR HE1  H N N 338 
TYR HE2  H N N 339 
TYR HH   H N N 340 
TYR HXT  H N N 341 
VAL N    N N N 342 
VAL CA   C N S 343 
VAL C    C N N 344 
VAL O    O N N 345 
VAL CB   C N N 346 
VAL CG1  C N N 347 
VAL CG2  C N N 348 
VAL OXT  O N N 349 
VAL H    H N N 350 
VAL H2   H N N 351 
VAL HA   H N N 352 
VAL HB   H N N 353 
VAL HG11 H N N 354 
VAL HG12 H N N 355 
VAL HG13 H N N 356 
VAL HG21 H N N 357 
VAL HG22 H N N 358 
VAL HG23 H N N 359 
VAL HXT  H N N 360 
# 
loop_
_chem_comp_bond.comp_id 
_chem_comp_bond.atom_id_1 
_chem_comp_bond.atom_id_2 
_chem_comp_bond.value_order 
_chem_comp_bond.pdbx_aromatic_flag 
_chem_comp_bond.pdbx_stereo_config 
_chem_comp_bond.pdbx_ordinal 
ALA N   CA   sing N N 1   
ALA N   H    sing N N 2   
ALA N   H2   sing N N 3   
ALA CA  C    sing N N 4   
ALA CA  CB   sing N N 5   
ALA CA  HA   sing N N 6   
ALA C   O    doub N N 7   
ALA C   OXT  sing N N 8   
ALA CB  HB1  sing N N 9   
ALA CB  HB2  sing N N 10  
ALA CB  HB3  sing N N 11  
ALA OXT HXT  sing N N 12  
ARG N   CA   sing N N 13  
ARG N   H    sing N N 14  
ARG N   H2   sing N N 15  
ARG CA  C    sing N N 16  
ARG CA  CB   sing N N 17  
ARG CA  HA   sing N N 18  
ARG C   O    doub N N 19  
ARG C   OXT  sing N N 20  
ARG CB  CG   sing N N 21  
ARG CB  HB2  sing N N 22  
ARG CB  HB3  sing N N 23  
ARG CG  CD   sing N N 24  
ARG CG  HG2  sing N N 25  
ARG CG  HG3  sing N N 26  
ARG CD  NE   sing N N 27  
ARG CD  HD2  sing N N 28  
ARG CD  HD3  sing N N 29  
ARG NE  CZ   sing N N 30  
ARG NE  HE   sing N N 31  
ARG CZ  NH1  sing N N 32  
ARG CZ  NH2  doub N N 33  
ARG NH1 HH11 sing N N 34  
ARG NH1 HH12 sing N N 35  
ARG NH2 HH21 sing N N 36  
ARG NH2 HH22 sing N N 37  
ARG OXT HXT  sing N N 38  
ASN N   CA   sing N N 39  
ASN N   H    sing N N 40  
ASN N   H2   sing N N 41  
ASN CA  C    sing N N 42  
ASN CA  CB   sing N N 43  
ASN CA  HA   sing N N 44  
ASN C   O    doub N N 45  
ASN C   OXT  sing N N 46  
ASN CB  CG   sing N N 47  
ASN CB  HB2  sing N N 48  
ASN CB  HB3  sing N N 49  
ASN CG  OD1  doub N N 50  
ASN CG  ND2  sing N N 51  
ASN ND2 HD21 sing N N 52  
ASN ND2 HD22 sing N N 53  
ASN OXT HXT  sing N N 54  
ASP N   CA   sing N N 55  
ASP N   H    sing N N 56  
ASP N   H2   sing N N 57  
ASP CA  C    sing N N 58  
ASP CA  CB   sing N N 59  
ASP CA  HA   sing N N 60  
ASP C   O    doub N N 61  
ASP C   OXT  sing N N 62  
ASP CB  CG   sing N N 63  
ASP CB  HB2  sing N N 64  
ASP CB  HB3  sing N N 65  
ASP CG  OD1  doub N N 66  
ASP CG  OD2  sing N N 67  
ASP OD2 HD2  sing N N 68  
ASP OXT HXT  sing N N 69  
CYS N   CA   sing N N 70  
CYS N   H    sing N N 71  
CYS N   H2   sing N N 72  
CYS CA  C    sing N N 73  
CYS CA  CB   sing N N 74  
CYS CA  HA   sing N N 75  
CYS C   O    doub N N 76  
CYS C   OXT  sing N N 77  
CYS CB  SG   sing N N 78  
CYS CB  HB2  sing N N 79  
CYS CB  HB3  sing N N 80  
CYS SG  HG   sing N N 81  
CYS OXT HXT  sing N N 82  
GLN N   CA   sing N N 83  
GLN N   H    sing N N 84  
GLN N   H2   sing N N 85  
GLN CA  C    sing N N 86  
GLN CA  CB   sing N N 87  
GLN CA  HA   sing N N 88  
GLN C   O    doub N N 89  
GLN C   OXT  sing N N 90  
GLN CB  CG   sing N N 91  
GLN CB  HB2  sing N N 92  
GLN CB  HB3  sing N N 93  
GLN CG  CD   sing N N 94  
GLN CG  HG2  sing N N 95  
GLN CG  HG3  sing N N 96  
GLN CD  OE1  doub N N 97  
GLN CD  NE2  sing N N 98  
GLN NE2 HE21 sing N N 99  
GLN NE2 HE22 sing N N 100 
GLN OXT HXT  sing N N 101 
GLU N   CA   sing N N 102 
GLU N   H    sing N N 103 
GLU N   H2   sing N N 104 
GLU CA  C    sing N N 105 
GLU CA  CB   sing N N 106 
GLU CA  HA   sing N N 107 
GLU C   O    doub N N 108 
GLU C   OXT  sing N N 109 
GLU CB  CG   sing N N 110 
GLU CB  HB2  sing N N 111 
GLU CB  HB3  sing N N 112 
GLU CG  CD   sing N N 113 
GLU CG  HG2  sing N N 114 
GLU CG  HG3  sing N N 115 
GLU CD  OE1  doub N N 116 
GLU CD  OE2  sing N N 117 
GLU OE2 HE2  sing N N 118 
GLU OXT HXT  sing N N 119 
GLY N   CA   sing N N 120 
GLY N   H    sing N N 121 
GLY N   H2   sing N N 122 
GLY CA  C    sing N N 123 
GLY CA  HA2  sing N N 124 
GLY CA  HA3  sing N N 125 
GLY C   O    doub N N 126 
GLY C   OXT  sing N N 127 
GLY OXT HXT  sing N N 128 
HIS N   CA   sing N N 129 
HIS N   H    sing N N 130 
HIS N   H2   sing N N 131 
HIS CA  C    sing N N 132 
HIS CA  CB   sing N N 133 
HIS CA  HA   sing N N 134 
HIS C   O    doub N N 135 
HIS C   OXT  sing N N 136 
HIS CB  CG   sing N N 137 
HIS CB  HB2  sing N N 138 
HIS CB  HB3  sing N N 139 
HIS CG  ND1  sing Y N 140 
HIS CG  CD2  doub Y N 141 
HIS ND1 CE1  doub Y N 142 
HIS ND1 HD1  sing N N 143 
HIS CD2 NE2  sing Y N 144 
HIS CD2 HD2  sing N N 145 
HIS CE1 NE2  sing Y N 146 
HIS CE1 HE1  sing N N 147 
HIS NE2 HE2  sing N N 148 
HIS OXT HXT  sing N N 149 
ILE N   CA   sing N N 150 
ILE N   H    sing N N 151 
ILE N   H2   sing N N 152 
ILE CA  C    sing N N 153 
ILE CA  CB   sing N N 154 
ILE CA  HA   sing N N 155 
ILE C   O    doub N N 156 
ILE C   OXT  sing N N 157 
ILE CB  CG1  sing N N 158 
ILE CB  CG2  sing N N 159 
ILE CB  HB   sing N N 160 
ILE CG1 CD1  sing N N 161 
ILE CG1 HG12 sing N N 162 
ILE CG1 HG13 sing N N 163 
ILE CG2 HG21 sing N N 164 
ILE CG2 HG22 sing N N 165 
ILE CG2 HG23 sing N N 166 
ILE CD1 HD11 sing N N 167 
ILE CD1 HD12 sing N N 168 
ILE CD1 HD13 sing N N 169 
ILE OXT HXT  sing N N 170 
LEU N   CA   sing N N 171 
LEU N   H    sing N N 172 
LEU N   H2   sing N N 173 
LEU CA  C    sing N N 174 
LEU CA  CB   sing N N 175 
LEU CA  HA   sing N N 176 
LEU C   O    doub N N 177 
LEU C   OXT  sing N N 178 
LEU CB  CG   sing N N 179 
LEU CB  HB2  sing N N 180 
LEU CB  HB3  sing N N 181 
LEU CG  CD1  sing N N 182 
LEU CG  CD2  sing N N 183 
LEU CG  HG   sing N N 184 
LEU CD1 HD11 sing N N 185 
LEU CD1 HD12 sing N N 186 
LEU CD1 HD13 sing N N 187 
LEU CD2 HD21 sing N N 188 
LEU CD2 HD22 sing N N 189 
LEU CD2 HD23 sing N N 190 
LEU OXT HXT  sing N N 191 
LYS N   CA   sing N N 192 
LYS N   H    sing N N 193 
LYS N   H2   sing N N 194 
LYS CA  C    sing N N 195 
LYS CA  CB   sing N N 196 
LYS CA  HA   sing N N 197 
LYS C   O    doub N N 198 
LYS C   OXT  sing N N 199 
LYS CB  CG   sing N N 200 
LYS CB  HB2  sing N N 201 
LYS CB  HB3  sing N N 202 
LYS CG  CD   sing N N 203 
LYS CG  HG2  sing N N 204 
LYS CG  HG3  sing N N 205 
LYS CD  CE   sing N N 206 
LYS CD  HD2  sing N N 207 
LYS CD  HD3  sing N N 208 
LYS CE  NZ   sing N N 209 
LYS CE  HE2  sing N N 210 
LYS CE  HE3  sing N N 211 
LYS NZ  HZ1  sing N N 212 
LYS NZ  HZ2  sing N N 213 
LYS NZ  HZ3  sing N N 214 
LYS OXT HXT  sing N N 215 
MET N   CA   sing N N 216 
MET N   H    sing N N 217 
MET N   H2   sing N N 218 
MET CA  C    sing N N 219 
MET CA  CB   sing N N 220 
MET CA  HA   sing N N 221 
MET C   O    doub N N 222 
MET C   OXT  sing N N 223 
MET CB  CG   sing N N 224 
MET CB  HB2  sing N N 225 
MET CB  HB3  sing N N 226 
MET CG  SD   sing N N 227 
MET CG  HG2  sing N N 228 
MET CG  HG3  sing N N 229 
MET SD  CE   sing N N 230 
MET CE  HE1  sing N N 231 
MET CE  HE2  sing N N 232 
MET CE  HE3  sing N N 233 
MET OXT HXT  sing N N 234 
PHE N   CA   sing N N 235 
PHE N   H    sing N N 236 
PHE N   H2   sing N N 237 
PHE CA  C    sing N N 238 
PHE CA  CB   sing N N 239 
PHE CA  HA   sing N N 240 
PHE C   O    doub N N 241 
PHE C   OXT  sing N N 242 
PHE CB  CG   sing N N 243 
PHE CB  HB2  sing N N 244 
PHE CB  HB3  sing N N 245 
PHE CG  CD1  doub Y N 246 
PHE CG  CD2  sing Y N 247 
PHE CD1 CE1  sing Y N 248 
PHE CD1 HD1  sing N N 249 
PHE CD2 CE2  doub Y N 250 
PHE CD2 HD2  sing N N 251 
PHE CE1 CZ   doub Y N 252 
PHE CE1 HE1  sing N N 253 
PHE CE2 CZ   sing Y N 254 
PHE CE2 HE2  sing N N 255 
PHE CZ  HZ   sing N N 256 
PHE OXT HXT  sing N N 257 
PRO N   CA   sing N N 258 
PRO N   CD   sing N N 259 
PRO N   H    sing N N 260 
PRO CA  C    sing N N 261 
PRO CA  CB   sing N N 262 
PRO CA  HA   sing N N 263 
PRO C   O    doub N N 264 
PRO C   OXT  sing N N 265 
PRO CB  CG   sing N N 266 
PRO CB  HB2  sing N N 267 
PRO CB  HB3  sing N N 268 
PRO CG  CD   sing N N 269 
PRO CG  HG2  sing N N 270 
PRO CG  HG3  sing N N 271 
PRO CD  HD2  sing N N 272 
PRO CD  HD3  sing N N 273 
PRO OXT HXT  sing N N 274 
SER N   CA   sing N N 275 
SER N   H    sing N N 276 
SER N   H2   sing N N 277 
SER CA  C    sing N N 278 
SER CA  CB   sing N N 279 
SER CA  HA   sing N N 280 
SER C   O    doub N N 281 
SER C   OXT  sing N N 282 
SER CB  OG   sing N N 283 
SER CB  HB2  sing N N 284 
SER CB  HB3  sing N N 285 
SER OG  HG   sing N N 286 
SER OXT HXT  sing N N 287 
THR N   CA   sing N N 288 
THR N   H    sing N N 289 
THR N   H2   sing N N 290 
THR CA  C    sing N N 291 
THR CA  CB   sing N N 292 
THR CA  HA   sing N N 293 
THR C   O    doub N N 294 
THR C   OXT  sing N N 295 
THR CB  OG1  sing N N 296 
THR CB  CG2  sing N N 297 
THR CB  HB   sing N N 298 
THR OG1 HG1  sing N N 299 
THR CG2 HG21 sing N N 300 
THR CG2 HG22 sing N N 301 
THR CG2 HG23 sing N N 302 
THR OXT HXT  sing N N 303 
TYR N   CA   sing N N 304 
TYR N   H    sing N N 305 
TYR N   H2   sing N N 306 
TYR CA  C    sing N N 307 
TYR CA  CB   sing N N 308 
TYR CA  HA   sing N N 309 
TYR C   O    doub N N 310 
TYR C   OXT  sing N N 311 
TYR CB  CG   sing N N 312 
TYR CB  HB2  sing N N 313 
TYR CB  HB3  sing N N 314 
TYR CG  CD1  doub Y N 315 
TYR CG  CD2  sing Y N 316 
TYR CD1 CE1  sing Y N 317 
TYR CD1 HD1  sing N N 318 
TYR CD2 CE2  doub Y N 319 
TYR CD2 HD2  sing N N 320 
TYR CE1 CZ   doub Y N 321 
TYR CE1 HE1  sing N N 322 
TYR CE2 CZ   sing Y N 323 
TYR CE2 HE2  sing N N 324 
TYR CZ  OH   sing N N 325 
TYR OH  HH   sing N N 326 
TYR OXT HXT  sing N N 327 
VAL N   CA   sing N N 328 
VAL N   H    sing N N 329 
VAL N   H2   sing N N 330 
VAL CA  C    sing N N 331 
VAL CA  CB   sing N N 332 
VAL CA  HA   sing N N 333 
VAL C   O    doub N N 334 
VAL C   OXT  sing N N 335 
VAL CB  CG1  sing N N 336 
VAL CB  CG2  sing N N 337 
VAL CB  HB   sing N N 338 
VAL CG1 HG11 sing N N 339 
VAL CG1 HG12 sing N N 340 
VAL CG1 HG13 sing N N 341 
VAL CG2 HG21 sing N N 342 
VAL CG2 HG22 sing N N 343 
VAL CG2 HG23 sing N N 344 
VAL OXT HXT  sing N N 345 
# 
_atom_sites.entry_id                    4MLK 
_atom_sites.fract_transf_matrix[1][1]   0.00593173 
_atom_sites.fract_transf_matrix[1][2]   0.00825751 
_atom_sites.fract_transf_matrix[1][3]   -0.00157383 
_atom_sites.fract_transf_matrix[2][1]   0.00224842 
_atom_sites.fract_transf_matrix[2][2]   0.00296572 
_atom_sites.fract_transf_matrix[2][3]   -0.00959125 
_atom_sites.fract_transf_matrix[3][1]   -0.00990663 
_atom_sites.fract_transf_matrix[3][2]   0.00709167 
_atom_sites.fract_transf_matrix[3][3]   -0.00012953 
_atom_sites.fract_transf_vector[1]      0.080053 
_atom_sites.fract_transf_vector[2]      0.158105 
_atom_sites.fract_transf_vector[3]      0.341545 
# 
loop_
_atom_type.symbol 
C 
N 
O 
S 
# 
loop_
_atom_site.group_PDB 
_atom_site.id 
_atom_site.type_symbol 
_atom_site.label_atom_id 
_atom_site.label_alt_id 
_atom_site.label_comp_id 
_atom_site.label_asym_id 
_atom_site.label_entity_id 
_atom_site.label_seq_id 
_atom_site.pdbx_PDB_ins_code 
_atom_site.Cartn_x 
_atom_site.Cartn_y 
_atom_site.Cartn_z 
_atom_site.occupancy 
_atom_site.B_iso_or_equiv 
_atom_site.pdbx_formal_charge 
_atom_site.auth_seq_id 
_atom_site.auth_comp_id 
_atom_site.auth_asym_id 
_atom_site.auth_atom_id 
_atom_site.pdbx_PDB_model_num 
ATOM 1    N N   . THR A 1 14  ? 24.304  -1.359  21.445  1.00 93.46  ? 14  THR A N   1 
ATOM 2    C CA  . THR A 1 14  ? 23.546  -0.454  20.582  1.00 103.96 ? 14  THR A CA  1 
ATOM 3    C C   . THR A 1 14  ? 22.613  -1.212  19.633  1.00 98.59  ? 14  THR A C   1 
ATOM 4    O O   . THR A 1 14  ? 21.479  -0.793  19.418  1.00 99.94  ? 14  THR A O   1 
ATOM 5    C CB  . THR A 1 14  ? 24.470  0.489   19.767  1.00 105.55 ? 14  THR A CB  1 
ATOM 6    O OG1 . THR A 1 14  ? 23.675  1.516   19.160  1.00 91.91  ? 14  THR A OG1 1 
ATOM 7    C CG2 . THR A 1 14  ? 25.226  -0.245  18.682  1.00 94.64  ? 14  THR A CG2 1 
ATOM 8    N N   . PHE A 1 15  ? 23.092  -2.329  19.075  1.00 93.46  ? 15  PHE A N   1 
ATOM 9    C CA  . PHE A 1 15  ? 22.265  -3.147  18.189  1.00 80.09  ? 15  PHE A CA  1 
ATOM 10   C C   . PHE A 1 15  ? 21.067  -3.713  18.930  1.00 84.59  ? 15  PHE A C   1 
ATOM 11   O O   . PHE A 1 15  ? 19.955  -3.769  18.391  1.00 103.65 ? 15  PHE A O   1 
ATOM 12   C CB  . PHE A 1 15  ? 23.079  -4.298  17.594  1.00 87.68  ? 15  PHE A CB  1 
ATOM 13   C CG  . PHE A 1 15  ? 24.052  -3.885  16.531  1.00 80.21  ? 15  PHE A CG  1 
ATOM 14   C CD1 . PHE A 1 15  ? 25.174  -3.128  16.837  1.00 105.46 ? 15  PHE A CD1 1 
ATOM 15   C CD2 . PHE A 1 15  ? 23.852  -4.282  15.221  1.00 59.31  ? 15  PHE A CD2 1 
ATOM 16   C CE1 . PHE A 1 15  ? 26.067  -2.759  15.847  1.00 87.87  ? 15  PHE A CE1 1 
ATOM 17   C CE2 . PHE A 1 15  ? 24.734  -3.923  14.235  1.00 71.10  ? 15  PHE A CE2 1 
ATOM 18   C CZ  . PHE A 1 15  ? 25.844  -3.158  14.545  1.00 83.62  ? 15  PHE A CZ  1 
ATOM 19   N N   . LEU A 1 16  ? 21.276  -4.131  20.170  1.00 95.65  ? 16  LEU A N   1 
ATOM 20   C CA  . LEU A 1 16  ? 20.201  -4.701  20.970  1.00 107.02 ? 16  LEU A CA  1 
ATOM 21   C C   . LEU A 1 16  ? 19.113  -3.666  21.241  1.00 105.55 ? 16  LEU A C   1 
ATOM 22   O O   . LEU A 1 16  ? 17.919  -3.971  21.127  1.00 98.98  ? 16  LEU A O   1 
ATOM 23   C CB  . LEU A 1 16  ? 20.750  -5.290  22.265  1.00 114.48 ? 16  LEU A CB  1 
ATOM 24   C CG  . LEU A 1 16  ? 19.746  -6.163  23.019  1.00 120.69 ? 16  LEU A CG  1 
ATOM 25   C CD1 . LEU A 1 16  ? 19.196  -7.295  22.144  1.00 106.09 ? 16  LEU A CD1 1 
ATOM 26   C CD2 . LEU A 1 16  ? 20.390  -6.741  24.265  1.00 119.94 ? 16  LEU A CD2 1 
ATOM 27   N N   . LEU A 1 17  ? 19.506  -2.431  21.575  1.00 109.24 ? 17  LEU A N   1 
ATOM 28   C CA  . LEU A 1 17  ? 18.529  -1.373  21.839  1.00 104.57 ? 17  LEU A CA  1 
ATOM 29   C C   . LEU A 1 17  ? 17.670  -1.104  20.611  1.00 87.05  ? 17  LEU A C   1 
ATOM 30   O O   . LEU A 1 17  ? 16.464  -0.855  20.735  1.00 77.09  ? 17  LEU A O   1 
ATOM 31   C CB  . LEU A 1 17  ? 19.233  -0.076  22.252  1.00 116.65 ? 17  LEU A CB  1 
ATOM 32   C CG  . LEU A 1 17  ? 20.561  -0.136  23.013  1.00 141.25 ? 17  LEU A CG  1 
ATOM 33   C CD1 . LEU A 1 17  ? 21.061  1.270   23.298  1.00 132.75 ? 17  LEU A CD1 1 
ATOM 34   C CD2 . LEU A 1 17  ? 20.425  -0.924  24.303  1.00 152.47 ? 17  LEU A CD2 1 
ATOM 35   N N   . LEU A 1 18  ? 18.263  -1.119  19.421  1.00 75.60  ? 18  LEU A N   1 
ATOM 36   C CA  . LEU A 1 18  ? 17.448  -0.884  18.243  1.00 59.17  ? 18  LEU A CA  1 
ATOM 37   C C   . LEU A 1 18  ? 16.407  -1.982  18.116  1.00 56.09  ? 18  LEU A C   1 
ATOM 38   O O   . LEU A 1 18  ? 15.230  -1.708  17.862  1.00 63.97  ? 18  LEU A O   1 
ATOM 39   C CB  . LEU A 1 18  ? 18.317  -0.861  16.987  1.00 52.25  ? 18  LEU A CB  1 
ATOM 40   C CG  . LEU A 1 18  ? 18.037  0.197   15.925  1.00 52.67  ? 18  LEU A CG  1 
ATOM 41   C CD1 . LEU A 1 18  ? 18.126  1.581   16.514  1.00 75.16  ? 18  LEU A CD1 1 
ATOM 42   C CD2 . LEU A 1 18  ? 19.015  0.066   14.777  1.00 51.99  ? 18  LEU A CD2 1 
ATOM 43   N N   . GLU A 1 19  ? 16.805  -3.228  18.365  1.00 46.97  ? 19  GLU A N   1 
ATOM 44   C CA  . GLU A 1 19  ? 15.865  -4.337  18.273  1.00 56.44  ? 19  GLU A CA  1 
ATOM 45   C C   . GLU A 1 19  ? 14.727  -4.196  19.273  1.00 59.69  ? 19  GLU A C   1 
ATOM 46   O O   . GLU A 1 19  ? 13.555  -4.372  18.926  1.00 67.97  ? 19  GLU A O   1 
ATOM 47   C CB  . GLU A 1 19  ? 16.599  -5.653  18.504  1.00 72.65  ? 19  GLU A CB  1 
ATOM 48   C CG  . GLU A 1 19  ? 15.708  -6.874  18.396  1.00 80.19  ? 19  GLU A CG  1 
ATOM 49   C CD  . GLU A 1 19  ? 16.448  -8.150  18.718  1.00 109.65 ? 19  GLU A CD  1 
ATOM 50   O OE1 . GLU A 1 19  ? 16.871  -8.311  19.883  1.00 108.86 ? 19  GLU A OE1 1 
ATOM 51   O OE2 . GLU A 1 19  ? 16.592  -8.998  17.812  1.00 115.59 ? 19  GLU A OE2 1 
ATOM 52   N N   . GLY A 1 20  ? 15.054  -3.899  20.528  1.00 63.40  ? 20  GLY A N   1 
ATOM 53   C CA  . GLY A 1 20  ? 14.012  -3.727  21.529  1.00 60.09  ? 20  GLY A CA  1 
ATOM 54   C C   . GLY A 1 20  ? 13.044  -2.615  21.183  1.00 59.70  ? 20  GLY A C   1 
ATOM 55   O O   . GLY A 1 20  ? 11.824  -2.775  21.274  1.00 68.65  ? 20  GLY A O   1 
ATOM 56   N N   . ASN A 1 21  ? 13.581  -1.476  20.752  1.00 59.17  ? 21  ASN A N   1 
ATOM 57   C CA  . ASN A 1 21  ? 12.735  -0.357  20.362  1.00 67.34  ? 21  ASN A CA  1 
ATOM 58   C C   . ASN A 1 21  ? 11.873  -0.716  19.165  1.00 53.16  ? 21  ASN A C   1 
ATOM 59   O O   . ASN A 1 21  ? 10.692  -0.361  19.111  1.00 47.72  ? 21  ASN A O   1 
ATOM 60   C CB  . ASN A 1 21  ? 13.602  0.858   20.067  1.00 72.55  ? 21  ASN A CB  1 
ATOM 61   C CG  . ASN A 1 21  ? 14.140  1.499   21.327  1.00 73.41  ? 21  ASN A CG  1 
ATOM 62   O OD1 . ASN A 1 21  ? 13.415  1.677   22.305  1.00 72.32  ? 21  ASN A OD1 1 
ATOM 63   N ND2 . ASN A 1 21  ? 15.428  1.823   21.320  1.00 84.70  ? 21  ASN A ND2 1 
ATOM 64   N N   . LEU A 1 22  ? 12.428  -1.464  18.220  1.00 44.56  ? 22  LEU A N   1 
ATOM 65   C CA  . LEU A 1 22  ? 11.630  -1.881  17.082  1.00 39.04  ? 22  LEU A CA  1 
ATOM 66   C C   . LEU A 1 22  ? 10.569  -2.892  17.498  1.00 44.07  ? 22  LEU A C   1 
ATOM 67   O O   . LEU A 1 22  ? 9.409   -2.768  17.094  1.00 46.38  ? 22  LEU A O   1 
ATOM 68   C CB  . LEU A 1 22  ? 12.547  -2.447  16.005  1.00 47.43  ? 22  LEU A CB  1 
ATOM 69   C CG  . LEU A 1 22  ? 13.488  -1.405  15.386  1.00 51.77  ? 22  LEU A CG  1 
ATOM 70   C CD1 . LEU A 1 22  ? 14.541  -2.078  14.522  1.00 54.98  ? 22  LEU A CD1 1 
ATOM 71   C CD2 . LEU A 1 22  ? 12.728  -0.383  14.564  1.00 46.76  ? 22  LEU A CD2 1 
ATOM 72   N N   . LYS A 1 23  ? 10.925  -3.884  18.322  1.00 49.81  ? 23  LYS A N   1 
ATOM 73   C CA  . LYS A 1 23  ? 9.897   -4.795  18.819  1.00 52.70  ? 23  LYS A CA  1 
ATOM 74   C C   . LYS A 1 23  ? 8.754   -4.030  19.470  1.00 48.43  ? 23  LYS A C   1 
ATOM 75   O O   . LYS A 1 23  ? 7.581   -4.370  19.271  1.00 46.92  ? 23  LYS A O   1 
ATOM 76   C CB  . LYS A 1 23  ? 10.472  -5.808  19.814  1.00 57.31  ? 23  LYS A CB  1 
ATOM 77   C CG  . LYS A 1 23  ? 11.244  -6.978  19.200  1.00 62.13  ? 23  LYS A CG  1 
ATOM 78   C CD  . LYS A 1 23  ? 11.799  -7.897  20.297  1.00 74.11  ? 23  LYS A CD  1 
ATOM 79   C CE  . LYS A 1 23  ? 12.462  -9.167  19.752  1.00 90.71  ? 23  LYS A CE  1 
ATOM 80   N NZ  . LYS A 1 23  ? 11.531  -10.088 19.028  1.00 87.97  ? 23  LYS A NZ  1 
ATOM 81   N N   . ARG A 1 24  ? 9.071   -2.995  20.255  1.00 44.88  ? 24  ARG A N   1 
ATOM 82   C CA  . ARG A 1 24  ? 8.013   -2.228  20.903  1.00 47.43  ? 24  ARG A CA  1 
ATOM 83   C C   . ARG A 1 24  ? 7.103   -1.547  19.889  1.00 45.24  ? 24  ARG A C   1 
ATOM 84   O O   . ARG A 1 24  ? 5.881   -1.720  19.924  1.00 45.63  ? 24  ARG A O   1 
ATOM 85   C CB  . ARG A 1 24  ? 8.585   -1.158  21.840  1.00 55.13  ? 24  ARG A CB  1 
ATOM 86   C CG  . ARG A 1 24  ? 7.447   -0.441  22.601  1.00 55.25  ? 24  ARG A CG  1 
ATOM 87   C CD  . ARG A 1 24  ? 7.825   0.432   23.804  1.00 57.73  ? 24  ARG A CD  1 
ATOM 88   N NE  . ARG A 1 24  ? 8.881   -0.093  24.658  1.00 102.94 ? 24  ARG A NE  1 
ATOM 89   C CZ  . ARG A 1 24  ? 10.123  0.387   24.701  1.00 122.07 ? 24  ARG A CZ  1 
ATOM 90   N NH1 . ARG A 1 24  ? 11.012  -0.159  25.518  1.00 111.34 ? 24  ARG A NH1 1 
ATOM 91   N NH2 . ARG A 1 24  ? 10.486  1.423   23.951  1.00 120.85 ? 24  ARG A NH2 1 
ATOM 92   N N   . ILE A 1 25  ? 7.686   -0.795  18.948  1.00 45.21  ? 25  ILE A N   1 
ATOM 93   C CA  . ILE A 1 25  ? 6.849   -0.006  18.043  1.00 39.02  ? 25  ILE A CA  1 
ATOM 94   C C   . ILE A 1 25  ? 6.059   -0.894  17.111  1.00 37.22  ? 25  ILE A C   1 
ATOM 95   O O   . ILE A 1 25  ? 4.953   -0.529  16.700  1.00 65.53  ? 25  ILE A O   1 
ATOM 96   C CB  . ILE A 1 25  ? 7.675   1.030   17.254  1.00 40.01  ? 25  ILE A CB  1 
ATOM 97   C CG1 . ILE A 1 25  ? 8.593   0.355   16.242  1.00 49.72  ? 25  ILE A CG1 1 
ATOM 98   C CG2 . ILE A 1 25  ? 8.471   1.900   18.208  1.00 61.24  ? 25  ILE A CG2 1 
ATOM 99   C CD1 . ILE A 1 25  ? 9.452   1.329   15.451  1.00 50.71  ? 25  ILE A CD1 1 
ATOM 100  N N   . PHE A 1 26  ? 6.589   -2.049  16.747  1.00 36.06  ? 26  PHE A N   1 
ATOM 101  C CA  . PHE A 1 26  ? 5.840   -2.936  15.875  1.00 39.77  ? 26  PHE A CA  1 
ATOM 102  C C   . PHE A 1 26  ? 4.931   -3.866  16.653  1.00 39.75  ? 26  PHE A C   1 
ATOM 103  O O   . PHE A 1 26  ? 4.235   -4.686  16.054  1.00 44.21  ? 26  PHE A O   1 
ATOM 104  C CB  . PHE A 1 26  ? 6.783   -3.697  14.950  1.00 33.19  ? 26  PHE A CB  1 
ATOM 105  C CG  . PHE A 1 26  ? 7.353   -2.826  13.874  1.00 36.21  ? 26  PHE A CG  1 
ATOM 106  C CD1 . PHE A 1 26  ? 6.553   -2.404  12.829  1.00 39.16  ? 26  PHE A CD1 1 
ATOM 107  C CD2 . PHE A 1 26  ? 8.665   -2.410  13.910  1.00 34.98  ? 26  PHE A CD2 1 
ATOM 108  C CE1 . PHE A 1 26  ? 7.052   -1.594  11.837  1.00 41.56  ? 26  PHE A CE1 1 
ATOM 109  C CE2 . PHE A 1 26  ? 9.165   -1.597  12.917  1.00 37.85  ? 26  PHE A CE2 1 
ATOM 110  C CZ  . PHE A 1 26  ? 8.357   -1.189  11.881  1.00 32.42  ? 26  PHE A CZ  1 
ATOM 111  N N   . ALA A 1 27  ? 4.881   -3.723  17.970  1.00 37.18  ? 27  ALA A N   1 
ATOM 112  C CA  . ALA A 1 27  ? 3.984   -4.561  18.741  1.00 35.04  ? 27  ALA A CA  1 
ATOM 113  C C   . ALA A 1 27  ? 2.538   -4.156  18.502  1.00 39.58  ? 27  ALA A C   1 
ATOM 114  O O   . ALA A 1 27  ? 1.645   -5.003  18.577  1.00 49.18  ? 27  ALA A O   1 
ATOM 115  C CB  . ALA A 1 27  ? 4.327   -4.476  20.224  1.00 48.26  ? 27  ALA A CB  1 
ATOM 116  N N   . THR A 1 28  ? 2.289   -2.882  18.205  1.00 45.52  ? 28  THR A N   1 
ATOM 117  C CA  . THR A 1 28  ? 0.955   -2.381  17.906  1.00 45.95  ? 28  THR A CA  1 
ATOM 118  C C   . THR A 1 28  ? 0.753   -2.235  16.408  1.00 50.54  ? 28  THR A C   1 
ATOM 119  O O   . THR A 1 28  ? 1.708   -2.275  15.629  1.00 58.33  ? 28  THR A O   1 
ATOM 120  C CB  . THR A 1 28  ? 0.750   -1.021  18.570  1.00 48.74  ? 28  THR A CB  1 
ATOM 121  O OG1 . THR A 1 28  ? 1.844   -0.155  18.245  1.00 60.63  ? 28  THR A OG1 1 
ATOM 122  C CG2 . THR A 1 28  ? 0.662   -1.175  20.058  1.00 62.60  ? 28  THR A CG2 1 
ATOM 123  N N   . PRO A 1 29  ? -0.495  -2.064  15.967  1.00 40.94  ? 29  PRO A N   1 
ATOM 124  C CA  . PRO A 1 29  ? -0.768  -1.921  14.531  1.00 44.01  ? 29  PRO A CA  1 
ATOM 125  C C   . PRO A 1 29  ? 0.068   -0.817  13.903  1.00 55.94  ? 29  PRO A C   1 
ATOM 126  O O   . PRO A 1 29  ? 0.228   0.264   14.474  1.00 63.75  ? 29  PRO A O   1 
ATOM 127  C CB  . PRO A 1 29  ? -2.259  -1.590  14.493  1.00 47.59  ? 29  PRO A CB  1 
ATOM 128  C CG  . PRO A 1 29  ? -2.802  -2.275  15.681  1.00 48.85  ? 29  PRO A CG  1 
ATOM 129  C CD  . PRO A 1 29  ? -1.741  -2.110  16.746  1.00 41.98  ? 29  PRO A CD  1 
ATOM 130  N N   . ILE A 1 30  ? 0.599   -1.086  12.710  1.00 46.71  ? 30  ILE A N   1 
ATOM 131  C CA  . ILE A 1 30  ? 1.250   -0.024  11.961  1.00 45.67  ? 30  ILE A CA  1 
ATOM 132  C C   . ILE A 1 30  ? 0.221   1.041   11.612  1.00 49.55  ? 30  ILE A C   1 
ATOM 133  O O   . ILE A 1 30  ? -0.908  0.736   11.212  1.00 58.06  ? 30  ILE A O   1 
ATOM 134  C CB  . ILE A 1 30  ? 1.920   -0.590  10.700  1.00 41.47  ? 30  ILE A CB  1 
ATOM 135  C CG1 . ILE A 1 30  ? 3.029   -1.559  11.089  1.00 38.20  ? 30  ILE A CG1 1 
ATOM 136  C CG2 . ILE A 1 30  ? 2.487   0.542   9.861   1.00 66.78  ? 30  ILE A CG2 1 
ATOM 137  C CD1 . ILE A 1 30  ? 3.687   -2.218  9.920   1.00 38.28  ? 30  ILE A CD1 1 
ATOM 138  N N   . GLY A 1 31  ? 0.613   2.300   11.766  1.00 44.33  ? 31  GLY A N   1 
ATOM 139  C CA  . GLY A 1 31  ? -0.212  3.424   11.376  1.00 43.90  ? 31  GLY A CA  1 
ATOM 140  C C   . GLY A 1 31  ? 0.576   4.486   10.638  1.00 48.60  ? 31  GLY A C   1 
ATOM 141  O O   . GLY A 1 31  ? 1.701   4.244   10.189  1.00 54.11  ? 31  GLY A O   1 
ATOM 142  N N   . TYR A 1 32  ? -0.014  5.675   10.519  1.00 37.67  ? 32  TYR A N   1 
ATOM 143  C CA  . TYR A 1 32  ? 0.566   6.741   9.720   1.00 35.50  ? 32  TYR A CA  1 
ATOM 144  C C   . TYR A 1 32  ? 1.699   7.457   10.446  1.00 44.72  ? 32  TYR A C   1 
ATOM 145  O O   . TYR A 1 32  ? 2.434   8.222   9.812   1.00 48.59  ? 32  TYR A O   1 
ATOM 146  C CB  . TYR A 1 32  ? -0.531  7.715   9.288   1.00 41.53  ? 32  TYR A CB  1 
ATOM 147  C CG  . TYR A 1 32  ? -1.425  7.080   8.253   1.00 40.92  ? 32  TYR A CG  1 
ATOM 148  C CD1 . TYR A 1 32  ? -2.513  6.311   8.627   1.00 38.10  ? 32  TYR A CD1 1 
ATOM 149  C CD2 . TYR A 1 32  ? -1.145  7.205   6.900   1.00 46.69  ? 32  TYR A CD2 1 
ATOM 150  C CE1 . TYR A 1 32  ? -3.309  5.696   7.681   1.00 39.39  ? 32  TYR A CE1 1 
ATOM 151  C CE2 . TYR A 1 32  ? -1.936  6.600   5.946   1.00 42.57  ? 32  TYR A CE2 1 
ATOM 152  C CZ  . TYR A 1 32  ? -3.016  5.844   6.341   1.00 48.43  ? 32  TYR A CZ  1 
ATOM 153  O OH  . TYR A 1 32  ? -3.812  5.242   5.392   1.00 51.16  ? 32  TYR A OH  1 
ATOM 154  N N   . THR A 1 33  ? 1.852   7.245   11.753  1.00 38.76  ? 33  THR A N   1 
ATOM 155  C CA  . THR A 1 33  ? 2.956   7.841   12.487  1.00 37.13  ? 33  THR A CA  1 
ATOM 156  C C   . THR A 1 33  ? 4.117   6.879   12.628  1.00 44.99  ? 33  THR A C   1 
ATOM 157  O O   . THR A 1 33  ? 5.188   7.277   13.088  1.00 52.30  ? 33  THR A O   1 
ATOM 158  C CB  . THR A 1 33  ? 2.510   8.230   13.895  1.00 34.48  ? 33  THR A CB  1 
ATOM 159  O OG1 . THR A 1 33  ? 2.101   7.052   14.603  1.00 36.28  ? 33  THR A OG1 1 
ATOM 160  C CG2 . THR A 1 33  ? 1.373   9.232   13.845  1.00 50.28  ? 33  THR A CG2 1 
ATOM 161  N N   . THR A 1 34  ? 3.925   5.625   12.230  1.00 51.97  ? 34  THR A N   1 
ATOM 162  C CA  . THR A 1 34  ? 4.879   4.585   12.575  1.00 42.15  ? 34  THR A CA  1 
ATOM 163  C C   . THR A 1 34  ? 6.209   4.772   11.857  1.00 43.26  ? 34  THR A C   1 
ATOM 164  O O   . THR A 1 34  ? 7.268   4.575   12.452  1.00 44.32  ? 34  THR A O   1 
ATOM 165  C CB  . THR A 1 34  ? 4.289   3.218   12.239  1.00 35.58  ? 34  THR A CB  1 
ATOM 166  O OG1 . THR A 1 34  ? 3.086   3.022   12.985  1.00 41.09  ? 34  THR A OG1 1 
ATOM 167  C CG2 . THR A 1 34  ? 5.254   2.119   12.591  1.00 36.00  ? 34  THR A CG2 1 
ATOM 168  N N   . PHE A 1 35  ? 6.189   5.172   10.587  1.00 50.16  ? 35  PHE A N   1 
ATOM 169  C CA  . PHE A 1 35  ? 7.459   5.372   9.904   1.00 42.90  ? 35  PHE A CA  1 
ATOM 170  C C   . PHE A 1 35  ? 8.277   6.495   10.521  1.00 46.92  ? 35  PHE A C   1 
ATOM 171  O O   . PHE A 1 35  ? 9.485   6.343   10.727  1.00 58.27  ? 35  PHE A O   1 
ATOM 172  C CB  . PHE A 1 35  ? 7.241   5.660   8.427   1.00 53.67  ? 35  PHE A CB  1 
ATOM 173  C CG  . PHE A 1 35  ? 8.515   5.773   7.668   1.00 51.33  ? 35  PHE A CG  1 
ATOM 174  C CD1 . PHE A 1 35  ? 9.282   4.647   7.431   1.00 52.63  ? 35  PHE A CD1 1 
ATOM 175  C CD2 . PHE A 1 35  ? 8.987   7.001   7.248   1.00 61.14  ? 35  PHE A CD2 1 
ATOM 176  C CE1 . PHE A 1 35  ? 10.470  4.736   6.752   1.00 53.96  ? 35  PHE A CE1 1 
ATOM 177  C CE2 . PHE A 1 35  ? 10.183  7.098   6.570   1.00 59.44  ? 35  PHE A CE2 1 
ATOM 178  C CZ  . PHE A 1 35  ? 10.924  5.964   6.323   1.00 53.30  ? 35  PHE A CZ  1 
ATOM 179  N N   . ARG A 1 36  ? 7.648   7.622   10.846  1.00 53.76  ? 36  ARG A N   1 
ATOM 180  C CA  . ARG A 1 36  ? 8.403   8.683   11.507  1.00 61.66  ? 36  ARG A CA  1 
ATOM 181  C C   . ARG A 1 36  ? 8.853   8.255   12.894  1.00 60.29  ? 36  ARG A C   1 
ATOM 182  O O   . ARG A 1 36  ? 9.949   8.623   13.334  1.00 66.46  ? 36  ARG A O   1 
ATOM 183  C CB  . ARG A 1 36  ? 7.601   9.985   11.536  1.00 58.16  ? 36  ARG A CB  1 
ATOM 184  C CG  . ARG A 1 36  ? 7.875   10.804  10.273  1.00 65.16  ? 36  ARG A CG  1 
ATOM 185  C CD  . ARG A 1 36  ? 6.980   12.002  10.089  1.00 66.67  ? 36  ARG A CD  1 
ATOM 186  N NE  . ARG A 1 36  ? 5.586   11.636  9.878   1.00 100.48 ? 36  ARG A NE  1 
ATOM 187  C CZ  . ARG A 1 36  ? 4.695   12.423  9.285   1.00 102.64 ? 36  ARG A CZ  1 
ATOM 188  N NH1 . ARG A 1 36  ? 5.062   13.611  8.831   1.00 96.44  ? 36  ARG A NH1 1 
ATOM 189  N NH2 . ARG A 1 36  ? 3.439   12.020  9.130   1.00 96.49  ? 36  ARG A NH2 1 
ATOM 190  N N   . GLU A 1 37  ? 8.056   7.430   13.561  1.00 60.36  ? 37  GLU A N   1 
ATOM 191  C CA  . GLU A 1 37  ? 8.421   6.944   14.883  1.00 59.24  ? 37  GLU A CA  1 
ATOM 192  C C   . GLU A 1 37  ? 9.656   6.050   14.775  1.00 50.32  ? 37  GLU A C   1 
ATOM 193  O O   . GLU A 1 37  ? 10.553  6.107   15.623  1.00 53.58  ? 37  GLU A O   1 
ATOM 194  C CB  . GLU A 1 37  ? 7.192   6.247   15.487  1.00 59.25  ? 37  GLU A CB  1 
ATOM 195  C CG  . GLU A 1 37  ? 7.267   5.770   16.930  1.00 62.19  ? 37  GLU A CG  1 
ATOM 196  C CD  . GLU A 1 37  ? 5.909   5.254   17.441  1.00 69.96  ? 37  GLU A CD  1 
ATOM 197  O OE1 . GLU A 1 37  ? 4.973   5.082   16.626  1.00 63.91  ? 37  GLU A OE1 1 
ATOM 198  O OE2 . GLU A 1 37  ? 5.778   5.009   18.660  1.00 83.77  ? 37  GLU A OE2 1 
ATOM 199  N N   . PHE A 1 38  ? 9.710   5.222   13.732  1.00 59.53  ? 38  PHE A N   1 
ATOM 200  C CA  . PHE A 1 38  ? 10.906  4.443   13.422  1.00 52.14  ? 38  PHE A CA  1 
ATOM 201  C C   . PHE A 1 38  ? 12.120  5.338   13.199  1.00 55.62  ? 38  PHE A C   1 
ATOM 202  O O   . PHE A 1 38  ? 13.209  5.062   13.718  1.00 65.55  ? 38  PHE A O   1 
ATOM 203  C CB  . PHE A 1 38  ? 10.650  3.591   12.183  1.00 54.75  ? 38  PHE A CB  1 
ATOM 204  C CG  . PHE A 1 38  ? 11.888  3.236   11.427  1.00 51.06  ? 38  PHE A CG  1 
ATOM 205  C CD1 . PHE A 1 38  ? 12.733  2.242   11.873  1.00 55.67  ? 38  PHE A CD1 1 
ATOM 206  C CD2 . PHE A 1 38  ? 12.208  3.914   10.263  1.00 56.51  ? 38  PHE A CD2 1 
ATOM 207  C CE1 . PHE A 1 38  ? 13.867  1.925   11.164  1.00 52.70  ? 38  PHE A CE1 1 
ATOM 208  C CE2 . PHE A 1 38  ? 13.339  3.605   9.553   1.00 53.39  ? 38  PHE A CE2 1 
ATOM 209  C CZ  . PHE A 1 38  ? 14.172  2.613   10.002  1.00 54.56  ? 38  PHE A CZ  1 
ATOM 210  N N   . GLN A 1 39  ? 11.963  6.403   12.407  1.00 53.00  ? 39  GLN A N   1 
ATOM 211  C CA  . GLN A 1 39  ? 13.075  7.326   12.188  1.00 52.04  ? 39  GLN A CA  1 
ATOM 212  C C   . GLN A 1 39  ? 13.578  7.882   13.513  1.00 50.06  ? 39  GLN A C   1 
ATOM 213  O O   . GLN A 1 39  ? 14.788  7.994   13.731  1.00 61.78  ? 39  GLN A O   1 
ATOM 214  C CB  . GLN A 1 39  ? 12.655  8.462   11.250  1.00 52.13  ? 39  GLN A CB  1 
ATOM 215  C CG  . GLN A 1 39  ? 12.387  8.023   9.810   1.00 63.89  ? 39  GLN A CG  1 
ATOM 216  C CD  . GLN A 1 39  ? 11.991  9.177   8.886   1.00 64.52  ? 39  GLN A CD  1 
ATOM 217  O OE1 . GLN A 1 39  ? 10.996  9.858   9.118   1.00 66.18  ? 39  GLN A OE1 1 
ATOM 218  N NE2 . GLN A 1 39  ? 12.756  9.376   7.817   1.00 65.97  ? 39  GLN A NE2 1 
ATOM 219  N N   . ASN A 1 40  ? 12.661  8.196   14.426  1.00 47.37  ? 40  ASN A N   1 
ATOM 220  C CA  . ASN A 1 40  ? 13.051  8.744   15.720  1.00 52.86  ? 40  ASN A CA  1 
ATOM 221  C C   . ASN A 1 40  ? 13.895  7.761   16.518  1.00 54.39  ? 40  ASN A C   1 
ATOM 222  O O   . ASN A 1 40  ? 14.856  8.157   17.186  1.00 62.11  ? 40  ASN A O   1 
ATOM 223  C CB  . ASN A 1 40  ? 11.803  9.112   16.517  1.00 52.54  ? 40  ASN A CB  1 
ATOM 224  C CG  . ASN A 1 40  ? 12.134  9.704   17.861  1.00 63.89  ? 40  ASN A CG  1 
ATOM 225  O OD1 . ASN A 1 40  ? 12.721  10.778  17.952  1.00 83.17  ? 40  ASN A OD1 1 
ATOM 226  N ND2 . ASN A 1 40  ? 11.775  8.992   18.922  1.00 86.20  ? 40  ASN A ND2 1 
ATOM 227  N N   . VAL A 1 41  ? 13.556  6.475   16.456  1.00 54.60  ? 41  VAL A N   1 
ATOM 228  C CA  . VAL A 1 41  ? 14.370  5.449   17.107  1.00 54.36  ? 41  VAL A CA  1 
ATOM 229  C C   . VAL A 1 41  ? 15.787  5.430   16.538  1.00 59.26  ? 41  VAL A C   1 
ATOM 230  O O   . VAL A 1 41  ? 16.768  5.364   17.291  1.00 68.60  ? 41  VAL A O   1 
ATOM 231  C CB  . VAL A 1 41  ? 13.691  4.072   16.956  1.00 43.79  ? 41  VAL A CB  1 
ATOM 232  C CG1 . VAL A 1 41  ? 14.667  2.944   17.242  1.00 47.91  ? 41  VAL A CG1 1 
ATOM 233  C CG2 . VAL A 1 41  ? 12.496  3.980   17.891  1.00 51.41  ? 41  VAL A CG2 1 
ATOM 234  N N   . VAL A 1 42  ? 15.926  5.504   15.216  1.00 49.05  ? 42  VAL A N   1 
ATOM 235  C CA  . VAL A 1 42  ? 17.265  5.513   14.628  1.00 55.76  ? 42  VAL A CA  1 
ATOM 236  C C   . VAL A 1 42  ? 18.026  6.765   15.051  1.00 60.18  ? 42  VAL A C   1 
ATOM 237  O O   . VAL A 1 42  ? 19.202  6.694   15.427  1.00 68.70  ? 42  VAL A O   1 
ATOM 238  C CB  . VAL A 1 42  ? 17.170  5.415   13.095  1.00 50.35  ? 42  VAL A CB  1 
ATOM 239  C CG1 . VAL A 1 42  ? 18.544  5.577   12.477  1.00 71.36  ? 42  VAL A CG1 1 
ATOM 240  C CG2 . VAL A 1 42  ? 16.590  4.080   12.714  1.00 46.42  ? 42  VAL A CG2 1 
ATOM 241  N N   . PHE A 1 43  ? 17.374  7.922   14.989  1.00 62.63  ? 43  PHE A N   1 
ATOM 242  C CA  . PHE A 1 43  ? 18.038  9.159   15.382  1.00 59.39  ? 43  PHE A CA  1 
ATOM 243  C C   . PHE A 1 43  ? 18.412  9.122   16.856  1.00 73.12  ? 43  PHE A C   1 
ATOM 244  O O   . PHE A 1 43  ? 19.513  9.546   17.229  1.00 91.56  ? 43  PHE A O   1 
ATOM 245  C CB  . PHE A 1 43  ? 17.148  10.357  15.068  1.00 59.14  ? 43  PHE A CB  1 
ATOM 246  C CG  . PHE A 1 43  ? 17.113  10.697  13.606  1.00 79.55  ? 43  PHE A CG  1 
ATOM 247  C CD1 . PHE A 1 43  ? 18.290  10.873  12.896  1.00 88.96  ? 43  PHE A CD1 1 
ATOM 248  C CD2 . PHE A 1 43  ? 15.909  10.822  12.933  1.00 77.91  ? 43  PHE A CD2 1 
ATOM 249  C CE1 . PHE A 1 43  ? 18.266  11.178  11.545  1.00 98.65  ? 43  PHE A CE1 1 
ATOM 250  C CE2 . PHE A 1 43  ? 15.881  11.128  11.582  1.00 78.50  ? 43  PHE A CE2 1 
ATOM 251  C CZ  . PHE A 1 43  ? 17.061  11.306  10.888  1.00 81.84  ? 43  PHE A CZ  1 
ATOM 252  N N   . ASN A 1 44  ? 17.525  8.596   17.704  1.00 71.85  ? 44  ASN A N   1 
ATOM 253  C CA  . ASN A 1 44  ? 17.845  8.474   19.123  1.00 76.57  ? 44  ASN A CA  1 
ATOM 254  C C   . ASN A 1 44  ? 19.106  7.638   19.314  1.00 86.32  ? 44  ASN A C   1 
ATOM 255  O O   . ASN A 1 44  ? 19.999  8.009   20.085  1.00 97.97  ? 44  ASN A O   1 
ATOM 256  C CB  . ASN A 1 44  ? 16.674  7.836   19.876  1.00 64.86  ? 44  ASN A CB  1 
ATOM 257  C CG  . ASN A 1 44  ? 15.523  8.795   20.097  1.00 82.66  ? 44  ASN A CG  1 
ATOM 258  O OD1 . ASN A 1 44  ? 15.647  10.002  19.881  1.00 79.44  ? 44  ASN A OD1 1 
ATOM 259  N ND2 . ASN A 1 44  ? 14.388  8.256   20.535  1.00 85.96  ? 44  ASN A ND2 1 
ATOM 260  N N   . CYS A 1 45  ? 19.205  6.515   18.602  1.00 83.88  ? 45  CYS A N   1 
ATOM 261  C CA  . CYS A 1 45  ? 20.392  5.673   18.713  1.00 85.75  ? 45  CYS A CA  1 
ATOM 262  C C   . CYS A 1 45  ? 21.630  6.400   18.200  1.00 81.65  ? 45  CYS A C   1 
ATOM 263  O O   . CYS A 1 45  ? 22.714  6.272   18.780  1.00 95.42  ? 45  CYS A O   1 
ATOM 264  C CB  . CYS A 1 45  ? 20.167  4.351   17.984  1.00 78.70  ? 45  CYS A CB  1 
ATOM 265  S SG  . CYS A 1 45  ? 19.123  3.241   18.962  1.00 105.71 ? 45  CYS A SG  1 
ATOM 266  N N   . ALA A 1 46  ? 21.498  7.158   17.121  1.00 74.09  ? 46  ALA A N   1 
ATOM 267  C CA  . ALA A 1 46  ? 22.633  7.892   16.587  1.00 80.36  ? 46  ALA A CA  1 
ATOM 268  C C   . ALA A 1 46  ? 23.009  9.003   17.569  1.00 77.57  ? 46  ALA A C   1 
ATOM 269  O O   . ALA A 1 46  ? 23.372  10.117  17.182  1.00 77.50  ? 46  ALA A O   1 
ATOM 270  C CB  . ALA A 1 46  ? 22.303  8.464   15.217  1.00 89.97  ? 46  ALA A CB  1 
ATOM 271  N N   . GLN A 1 49  ? 24.738  11.088  15.503  1.00 83.62  ? 49  GLN A N   1 
ATOM 272  C CA  . GLN A 1 49  ? 25.723  10.788  14.467  1.00 92.72  ? 49  GLN A CA  1 
ATOM 273  C C   . GLN A 1 49  ? 25.088  10.567  13.109  1.00 93.61  ? 49  GLN A C   1 
ATOM 274  O O   . GLN A 1 49  ? 24.553  9.490   12.841  1.00 90.99  ? 49  GLN A O   1 
ATOM 275  C CB  . GLN A 1 49  ? 26.503  9.531   14.828  1.00 105.41 ? 49  GLN A CB  1 
ATOM 276  C CG  . GLN A 1 49  ? 27.609  9.713   15.827  1.00 107.82 ? 49  GLN A CG  1 
ATOM 277  C CD  . GLN A 1 49  ? 28.612  8.584   15.742  1.00 119.88 ? 49  GLN A CD  1 
ATOM 278  O OE1 . GLN A 1 49  ? 29.112  8.266   14.659  1.00 111.22 ? 49  GLN A OE1 1 
ATOM 279  N NE2 . GLN A 1 49  ? 28.898  7.954   16.875  1.00 129.44 ? 49  GLN A NE2 1 
ATOM 280  N N   . GLN A 1 50  ? 25.161  11.571  12.237  1.00 100.41 ? 50  GLN A N   1 
ATOM 281  C CA  . GLN A 1 50  ? 24.495  11.452  10.945  1.00 111.54 ? 50  GLN A CA  1 
ATOM 282  C C   . GLN A 1 50  ? 25.024  10.275  10.133  1.00 98.78  ? 50  GLN A C   1 
ATOM 283  O O   . GLN A 1 50  ? 24.259  9.620   9.419   1.00 105.22 ? 50  GLN A O   1 
ATOM 284  C CB  . GLN A 1 50  ? 24.649  12.747  10.148  1.00 112.92 ? 50  GLN A CB  1 
ATOM 285  C CG  . GLN A 1 50  ? 23.896  12.727  8.823   1.00 107.20 ? 50  GLN A CG  1 
ATOM 286  C CD  . GLN A 1 50  ? 24.130  13.971  7.995   1.00 118.65 ? 50  GLN A CD  1 
ATOM 287  O OE1 . GLN A 1 50  ? 23.227  14.788  7.807   1.00 121.97 ? 50  GLN A OE1 1 
ATOM 288  N NE2 . GLN A 1 50  ? 25.347  14.119  7.489   1.00 120.00 ? 50  GLN A NE2 1 
ATOM 289  N N   . GLU A 1 51  ? 26.318  9.976   10.244  1.00 97.21  ? 51  GLU A N   1 
ATOM 290  C CA  . GLU A 1 51  ? 26.900  8.913   9.431   1.00 99.89  ? 51  GLU A CA  1 
ATOM 291  C C   . GLU A 1 51  ? 26.362  7.542   9.809   1.00 82.03  ? 51  GLU A C   1 
ATOM 292  O O   . GLU A 1 51  ? 26.188  6.683   8.937   1.00 82.99  ? 51  GLU A O   1 
ATOM 293  C CB  . GLU A 1 51  ? 28.424  8.920   9.571   1.00 111.21 ? 51  GLU A CB  1 
ATOM 294  C CG  . GLU A 1 51  ? 28.942  8.916   11.011  1.00 112.76 ? 51  GLU A CG  1 
ATOM 295  C CD  . GLU A 1 51  ? 29.120  10.312  11.593  1.00 116.99 ? 51  GLU A CD  1 
ATOM 296  O OE1 . GLU A 1 51  ? 28.203  11.148  11.456  1.00 116.40 ? 51  GLU A OE1 1 
ATOM 297  O OE2 . GLU A 1 51  ? 30.189  10.577  12.179  1.00 128.86 ? 51  GLU A OE2 1 
ATOM 298  N N   . LEU A 1 52  ? 26.039  7.342   11.080  1.00 74.64  ? 52  LEU A N   1 
ATOM 299  C CA  . LEU A 1 52  ? 25.494  6.069   11.531  1.00 84.13  ? 52  LEU A CA  1 
ATOM 300  C C   . LEU A 1 52  ? 24.040  5.902   11.131  1.00 86.00  ? 52  LEU A C   1 
ATOM 301  O O   . LEU A 1 52  ? 23.635  4.831   10.658  1.00 76.97  ? 52  LEU A O   1 
ATOM 302  C CB  . LEU A 1 52  ? 25.630  5.955   13.047  1.00 87.14  ? 52  LEU A CB  1 
ATOM 303  C CG  . LEU A 1 52  ? 24.999  4.712   13.673  1.00 75.99  ? 52  LEU A CG  1 
ATOM 304  C CD1 . LEU A 1 52  ? 25.639  3.453   13.114  1.00 67.35  ? 52  LEU A CD1 1 
ATOM 305  C CD2 . LEU A 1 52  ? 25.129  4.756   15.183  1.00 78.90  ? 52  LEU A CD2 1 
ATOM 306  N N   . ALA A 1 53  ? 23.247  6.951   11.320  1.00 80.83  ? 53  ALA A N   1 
ATOM 307  C CA  . ALA A 1 53  ? 21.872  6.928   10.856  1.00 69.24  ? 53  ALA A CA  1 
ATOM 308  C C   . ALA A 1 53  ? 21.780  6.528   9.393   1.00 71.65  ? 53  ALA A C   1 
ATOM 309  O O   . ALA A 1 53  ? 21.034  5.606   9.046   1.00 74.03  ? 53  ALA A O   1 
ATOM 310  C CB  . ALA A 1 53  ? 21.235  8.298   11.083  1.00 65.79  ? 53  ALA A CB  1 
ATOM 311  N N   . ASN A 1 54  ? 22.566  7.163   8.515   1.00 74.58  ? 54  ASN A N   1 
ATOM 312  C CA  . ASN A 1 54  ? 22.438  6.812   7.104   1.00 81.59  ? 54  ASN A CA  1 
ATOM 313  C C   . ASN A 1 54  ? 22.839  5.370   6.862   1.00 78.94  ? 54  ASN A C   1 
ATOM 314  O O   . ASN A 1 54  ? 22.232  4.677   6.038   1.00 73.00  ? 54  ASN A O   1 
ATOM 315  C CB  . ASN A 1 54  ? 23.309  7.729   6.251   1.00 94.62  ? 54  ASN A CB  1 
ATOM 316  C CG  . ASN A 1 54  ? 22.774  9.131   6.177   1.00 103.72 ? 54  ASN A CG  1 
ATOM 317  O OD1 . ASN A 1 54  ? 22.025  9.473   5.259   1.00 106.22 ? 54  ASN A OD1 1 
ATOM 318  N ND2 . ASN A 1 54  ? 23.157  9.961   7.142   1.00 97.79  ? 54  ASN A ND2 1 
ATOM 319  N N   . PHE A 1 55  ? 23.852  4.896   7.579   1.00 72.62  ? 55  PHE A N   1 
ATOM 320  C CA  . PHE A 1 55  ? 24.234  3.500   7.458   1.00 69.15  ? 55  PHE A CA  1 
ATOM 321  C C   . PHE A 1 55  ? 23.065  2.614   7.868   1.00 70.86  ? 55  PHE A C   1 
ATOM 322  O O   . PHE A 1 55  ? 22.727  1.638   7.188   1.00 63.76  ? 55  PHE A O   1 
ATOM 323  C CB  . PHE A 1 55  ? 25.478  3.175   8.268   1.00 71.81  ? 55  PHE A CB  1 
ATOM 324  C CG  . PHE A 1 55  ? 25.801  1.718   8.252   1.00 80.42  ? 55  PHE A CG  1 
ATOM 325  C CD1 . PHE A 1 55  ? 26.223  1.127   7.066   1.00 78.88  ? 55  PHE A CD1 1 
ATOM 326  C CD2 . PHE A 1 55  ? 25.672  0.935   9.375   1.00 75.34  ? 55  PHE A CD2 1 
ATOM 327  C CE1 . PHE A 1 55  ? 26.521  -0.214  7.007   1.00 81.48  ? 55  PHE A CE1 1 
ATOM 328  C CE2 . PHE A 1 55  ? 25.973  -0.414  9.322   1.00 89.31  ? 55  PHE A CE2 1 
ATOM 329  C CZ  . PHE A 1 55  ? 26.397  -0.988  8.135   1.00 85.00  ? 55  PHE A CZ  1 
ATOM 330  N N   . LEU A 1 56  ? 22.453  2.951   9.011   1.00 61.99  ? 56  LEU A N   1 
ATOM 331  C CA  . LEU A 1 56  ? 21.357  2.179   9.585   1.00 57.95  ? 56  LEU A CA  1 
ATOM 332  C C   . LEU A 1 56  ? 20.078  2.266   8.765   1.00 61.29  ? 56  LEU A C   1 
ATOM 333  O O   . LEU A 1 56  ? 19.318  1.294   8.707   1.00 67.23  ? 56  LEU A O   1 
ATOM 334  C CB  . LEU A 1 56  ? 21.057  2.715   10.979  1.00 50.54  ? 56  LEU A CB  1 
ATOM 335  C CG  . LEU A 1 56  ? 21.980  2.399   12.141  1.00 69.75  ? 56  LEU A CG  1 
ATOM 336  C CD1 . LEU A 1 56  ? 21.668  3.352   13.286  1.00 81.55  ? 56  LEU A CD1 1 
ATOM 337  C CD2 . LEU A 1 56  ? 21.792  0.974   12.575  1.00 51.04  ? 56  LEU A CD2 1 
ATOM 338  N N   . PHE A 1 57  ? 19.798  3.408   8.143   1.00 54.75  ? 57  PHE A N   1 
ATOM 339  C CA  . PHE A 1 57  ? 18.644  3.458   7.251   1.00 55.43  ? 57  PHE A CA  1 
ATOM 340  C C   . PHE A 1 57  ? 18.850  2.512   6.081   1.00 67.18  ? 57  PHE A C   1 
ATOM 341  O O   . PHE A 1 57  ? 17.951  1.745   5.719   1.00 71.41  ? 57  PHE A O   1 
ATOM 342  C CB  . PHE A 1 57  ? 18.367  4.886   6.775   1.00 55.57  ? 57  PHE A CB  1 
ATOM 343  C CG  . PHE A 1 57  ? 17.770  5.782   7.834   1.00 66.49  ? 57  PHE A CG  1 
ATOM 344  C CD1 . PHE A 1 57  ? 16.756  5.325   8.661   1.00 64.53  ? 57  PHE A CD1 1 
ATOM 345  C CD2 . PHE A 1 57  ? 18.222  7.079   8.004   1.00 80.36  ? 57  PHE A CD2 1 
ATOM 346  C CE1 . PHE A 1 57  ? 16.204  6.146   9.634   1.00 59.33  ? 57  PHE A CE1 1 
ATOM 347  C CE2 . PHE A 1 57  ? 17.673  7.905   8.978   1.00 63.64  ? 57  PHE A CE2 1 
ATOM 348  C CZ  . PHE A 1 57  ? 16.666  7.434   9.791   1.00 59.93  ? 57  PHE A CZ  1 
ATOM 349  N N   . GLU A 1 58  ? 20.031  2.562   5.470   1.00 75.81  ? 58  GLU A N   1 
ATOM 350  C CA  . GLU A 1 58  ? 20.361  1.632   4.396   1.00 78.77  ? 58  GLU A CA  1 
ATOM 351  C C   . GLU A 1 58  ? 20.237  0.188   4.872   1.00 74.28  ? 58  GLU A C   1 
ATOM 352  O O   . GLU A 1 58  ? 19.646  -0.656  4.189   1.00 74.44  ? 58  GLU A O   1 
ATOM 353  C CB  . GLU A 1 58  ? 21.771  1.921   3.880   1.00 81.35  ? 58  GLU A CB  1 
ATOM 354  C CG  . GLU A 1 58  ? 21.898  3.264   3.165   1.00 86.49  ? 58  GLU A CG  1 
ATOM 355  C CD  . GLU A 1 58  ? 21.195  3.304   1.815   1.00 106.19 ? 58  GLU A CD  1 
ATOM 356  O OE1 . GLU A 1 58  ? 20.614  2.274   1.408   1.00 97.00  ? 58  GLU A OE1 1 
ATOM 357  O OE2 . GLU A 1 58  ? 21.216  4.377   1.170   1.00 119.15 ? 58  GLU A OE2 1 
ATOM 358  N N   . MET A 1 59  ? 20.791  -0.113  6.047   1.00 71.43  ? 59  MET A N   1 
ATOM 359  C CA  B MET A 1 59  ? 20.724  -1.468  6.587   1.00 74.12  ? 59  MET A CA  1 
ATOM 360  C C   . MET A 1 59  ? 19.281  -1.948  6.750   1.00 64.98  ? 59  MET A C   1 
ATOM 361  O O   . MET A 1 59  ? 18.924  -3.032  6.280   1.00 61.00  ? 59  MET A O   1 
ATOM 362  C CB  B MET A 1 59  ? 21.482  -1.540  7.912   1.00 70.59  ? 59  MET A CB  1 
ATOM 363  C CG  B MET A 1 59  ? 21.330  -2.870  8.627   1.00 58.00  ? 59  MET A CG  1 
ATOM 364  S SD  B MET A 1 59  ? 21.845  -2.852  10.342  1.00 69.76  ? 59  MET A SD  1 
ATOM 365  C CE  B MET A 1 59  ? 23.445  -2.070  10.203  1.00 81.08  ? 59  MET A CE  1 
ATOM 366  N N   . LEU A 1 60  ? 18.441  -1.172  7.441   1.00 71.01  ? 60  LEU A N   1 
ATOM 367  C CA  . LEU A 1 60  ? 17.120  -1.645  7.861   1.00 56.37  ? 60  LEU A CA  1 
ATOM 368  C C   . LEU A 1 60  ? 16.014  -1.449  6.828   1.00 58.08  ? 60  LEU A C   1 
ATOM 369  O O   . LEU A 1 60  ? 15.055  -2.231  6.823   1.00 63.10  ? 60  LEU A O   1 
ATOM 370  C CB  . LEU A 1 60  ? 16.689  -0.948  9.156   1.00 47.41  ? 60  LEU A CB  1 
ATOM 371  C CG  . LEU A 1 60  ? 17.540  -1.203  10.394  1.00 53.33  ? 60  LEU A CG  1 
ATOM 372  C CD1 . LEU A 1 60  ? 17.102  -0.328  11.548  1.00 49.37  ? 60  LEU A CD1 1 
ATOM 373  C CD2 . LEU A 1 60  ? 17.422  -2.664  10.793  1.00 60.34  ? 60  LEU A CD2 1 
ATOM 374  N N   . ILE A 1 61  ? 16.111  -0.461  5.942   1.00 61.73  ? 61  ILE A N   1 
ATOM 375  C CA  . ILE A 1 61  ? 15.097  -0.307  4.901   1.00 52.36  ? 61  ILE A CA  1 
ATOM 376  C C   . ILE A 1 61  ? 15.445  -1.124  3.668   1.00 60.35  ? 61  ILE A C   1 
ATOM 377  O O   . ILE A 1 61  ? 14.580  -1.792  3.099   1.00 60.18  ? 61  ILE A O   1 
ATOM 378  C CB  . ILE A 1 61  ? 14.970  1.185   4.527   1.00 36.91  ? 61  ILE A CB  1 
ATOM 379  C CG1 . ILE A 1 61  ? 14.461  2.003   5.708   1.00 48.16  ? 61  ILE A CG1 1 
ATOM 380  C CG2 . ILE A 1 61  ? 14.082  1.348   3.312   1.00 40.96  ? 61  ILE A CG2 1 
ATOM 381  C CD1 . ILE A 1 61  ? 14.548  3.495   5.494   1.00 49.63  ? 61  ILE A CD1 1 
ATOM 382  N N   . ASN A 1 62  ? 16.708  -1.062  3.237   1.00 67.68  ? 62  ASN A N   1 
ATOM 383  C CA  . ASN A 1 62  ? 17.165  -1.734  2.028   1.00 66.71  ? 62  ASN A CA  1 
ATOM 384  C C   . ASN A 1 62  ? 17.951  -3.019  2.271   1.00 74.12  ? 62  ASN A C   1 
ATOM 385  O O   . ASN A 1 62  ? 18.272  -3.709  1.296   1.00 80.64  ? 62  ASN A O   1 
ATOM 386  C CB  . ASN A 1 62  ? 18.033  -0.777  1.208   1.00 72.17  ? 62  ASN A CB  1 
ATOM 387  C CG  . ASN A 1 62  ? 17.258  0.415   0.707   1.00 80.18  ? 62  ASN A CG  1 
ATOM 388  O OD1 . ASN A 1 62  ? 16.045  0.344   0.514   1.00 72.74  ? 62  ASN A OD1 1 
ATOM 389  N ND2 . ASN A 1 62  ? 17.953  1.529   0.507   1.00 102.06 ? 62  ASN A ND2 1 
ATOM 390  N N   . GLY A 1 63  ? 18.265  -3.374  3.516   1.00 74.64  ? 63  GLY A N   1 
ATOM 391  C CA  . GLY A 1 63  ? 19.103  -4.547  3.704   1.00 65.12  ? 63  GLY A CA  1 
ATOM 392  C C   . GLY A 1 63  ? 20.497  -4.390  3.139   1.00 60.01  ? 63  GLY A C   1 
ATOM 393  O O   . GLY A 1 63  ? 21.163  -5.389  2.864   1.00 72.60  ? 63  GLY A O   1 
ATOM 394  N N   . LYS A 1 64  ? 20.960  -3.156  2.968   1.00 56.78  ? 64  LYS A N   1 
ATOM 395  C CA  . LYS A 1 64  ? 22.221  -2.856  2.307   1.00 60.09  ? 64  LYS A CA  1 
ATOM 396  C C   . LYS A 1 64  ? 23.233  -2.289  3.292   1.00 74.90  ? 64  LYS A C   1 
ATOM 397  O O   . LYS A 1 64  ? 22.907  -1.452  4.141   1.00 66.47  ? 64  LYS A O   1 
ATOM 398  C CB  . LYS A 1 64  ? 22.008  -1.882  1.146   1.00 71.29  ? 64  LYS A CB  1 
ATOM 399  C CG  . LYS A 1 64  ? 21.500  -2.564  -0.121  1.00 83.30  ? 64  LYS A CG  1 
ATOM 400  C CD  . LYS A 1 64  ? 21.237  -1.567  -1.241  1.00 111.96 ? 64  LYS A CD  1 
ATOM 401  C CE  . LYS A 1 64  ? 21.347  -2.227  -2.610  1.00 132.85 ? 64  LYS A CE  1 
ATOM 402  N NZ  . LYS A 1 64  ? 20.776  -1.383  -3.701  1.00 123.81 ? 64  LYS A NZ  1 
ATOM 403  N N   . LEU A 1 65  ? 24.454  -2.796  3.187   1.00 89.23  ? 65  LEU A N   1 
ATOM 404  C CA  . LEU A 1 65  ? 25.554  -2.395  4.040   1.00 85.84  ? 65  LEU A CA  1 
ATOM 405  C C   . LEU A 1 65  ? 26.481  -1.398  3.353   1.00 83.23  ? 65  LEU A C   1 
ATOM 406  O O   . LEU A 1 65  ? 26.363  -0.190  3.555   1.00 83.52  ? 65  LEU A O   1 
ATOM 407  C CB  . LEU A 1 65  ? 26.316  -3.648  4.428   1.00 80.43  ? 65  LEU A CB  1 
ATOM 408  C CG  . LEU A 1 65  ? 25.452  -4.582  5.274   1.00 93.16  ? 65  LEU A CG  1 
ATOM 409  C CD1 . LEU A 1 65  ? 26.266  -5.786  5.691   1.00 131.36 ? 65  LEU A CD1 1 
ATOM 410  C CD2 . LEU A 1 65  ? 24.848  -3.889  6.496   1.00 80.29  ? 65  LEU A CD2 1 
ATOM 411  N N   . LYS A 1 74  ? 27.571  -8.017  13.721  1.00 69.63  ? 74  LYS A N   1 
ATOM 412  C CA  . LYS A 1 74  ? 27.379  -8.155  12.280  1.00 88.03  ? 74  LYS A CA  1 
ATOM 413  C C   . LYS A 1 74  ? 26.282  -9.180  11.955  1.00 94.96  ? 74  LYS A C   1 
ATOM 414  O O   . LYS A 1 74  ? 25.292  -8.840  11.314  1.00 89.64  ? 74  LYS A O   1 
ATOM 415  C CB  . LYS A 1 74  ? 28.695  -8.543  11.614  1.00 96.82  ? 74  LYS A CB  1 
ATOM 416  C CG  . LYS A 1 74  ? 28.647  -8.539  10.100  1.00 96.23  ? 74  LYS A CG  1 
ATOM 417  C CD  . LYS A 1 74  ? 30.004  -8.903  9.513   1.00 128.39 ? 74  LYS A CD  1 
ATOM 418  C CE  . LYS A 1 74  ? 29.901  -9.270  8.038   1.00 129.21 ? 74  LYS A CE  1 
ATOM 419  N NZ  . LYS A 1 74  ? 29.655  -8.087  7.174   1.00 130.68 ? 74  LYS A NZ  1 
ATOM 420  N N   . GLN A 1 75  ? 26.475  -10.433 12.377  1.00 103.72 ? 75  GLN A N   1 
ATOM 421  C CA  . GLN A 1 75  ? 25.402  -11.430 12.448  1.00 96.47  ? 75  GLN A CA  1 
ATOM 422  C C   . GLN A 1 75  ? 24.091  -10.806 12.918  1.00 84.74  ? 75  GLN A C   1 
ATOM 423  O O   . GLN A 1 75  ? 23.007  -11.163 12.447  1.00 79.16  ? 75  GLN A O   1 
ATOM 424  C CB  . GLN A 1 75  ? 25.753  -12.610 13.349  1.00 100.91 ? 75  GLN A CB  1 
ATOM 425  C CG  . GLN A 1 75  ? 24.875  -13.818 13.019  1.00 116.01 ? 75  GLN A CG  1 
ATOM 426  C CD  . GLN A 1 75  ? 25.036  -14.971 13.981  1.00 137.81 ? 75  GLN A CD  1 
ATOM 427  O OE1 . GLN A 1 75  ? 25.056  -14.786 15.198  1.00 144.44 ? 75  GLN A OE1 1 
ATOM 428  N NE2 . GLN A 1 75  ? 25.140  -16.178 13.439  1.00 126.58 ? 75  GLN A NE2 1 
ATOM 429  N N   . SER A 1 76  ? 24.203  -9.885  13.873  1.00 78.10  ? 76  SER A N   1 
ATOM 430  C CA  . SER A 1 76  ? 23.047  -9.205  14.443  1.00 87.42  ? 76  SER A CA  1 
ATOM 431  C C   . SER A 1 76  ? 22.335  -8.359  13.400  1.00 76.01  ? 76  SER A C   1 
ATOM 432  O O   . SER A 1 76  ? 21.104  -8.256  13.411  1.00 75.93  ? 76  SER A O   1 
ATOM 433  C CB  . SER A 1 76  ? 23.493  -8.323  15.600  1.00 94.64  ? 76  SER A CB  1 
ATOM 434  O OG  . SER A 1 76  ? 24.366  -7.313  15.117  1.00 92.96  ? 76  SER A OG  1 
ATOM 435  N N   . ALA A 1 77  ? 23.086  -7.719  12.513  1.00 67.64  ? 77  ALA A N   1 
ATOM 436  C CA  . ALA A 1 77  ? 22.452  -6.928  11.469  1.00 63.07  ? 77  ALA A CA  1 
ATOM 437  C C   . ALA A 1 77  ? 21.524  -7.794  10.624  1.00 56.43  ? 77  ALA A C   1 
ATOM 438  O O   . ALA A 1 77  ? 20.378  -7.406  10.376  1.00 71.80  ? 77  ALA A O   1 
ATOM 439  C CB  . ALA A 1 77  ? 23.507  -6.253  10.598  1.00 76.22  ? 77  ALA A CB  1 
ATOM 440  N N   . GLN A 1 78  ? 21.953  -9.004  10.247  1.00 56.75  ? 78  GLN A N   1 
ATOM 441  C CA  . GLN A 1 78  ? 21.073  -9.868  9.458   1.00 65.41  ? 78  GLN A CA  1 
ATOM 442  C C   . GLN A 1 78  ? 19.795  -10.144 10.216  1.00 63.93  ? 78  GLN A C   1 
ATOM 443  O O   . GLN A 1 78  ? 18.718  -10.263 9.620   1.00 76.27  ? 78  GLN A O   1 
ATOM 444  C CB  . GLN A 1 78  ? 21.722  -11.211 9.128   1.00 89.36  ? 78  GLN A CB  1 
ATOM 445  C CG  . GLN A 1 78  ? 22.837  -11.221 8.135   1.00 100.97 ? 78  GLN A CG  1 
ATOM 446  C CD  . GLN A 1 78  ? 23.070  -12.627 7.619   1.00 120.52 ? 78  GLN A CD  1 
ATOM 447  O OE1 . GLN A 1 78  ? 22.817  -13.607 8.325   1.00 121.82 ? 78  GLN A OE1 1 
ATOM 448  N NE2 . GLN A 1 78  ? 23.524  -12.737 6.379   1.00 132.28 ? 78  GLN A NE2 1 
ATOM 449  N N   . SER A 1 79  ? 19.892  -10.264 11.529  1.00 55.59  ? 79  SER A N   1 
ATOM 450  C CA  . SER A 1 79  ? 18.702  -10.525 12.315  1.00 67.96  ? 79  SER A CA  1 
ATOM 451  C C   . SER A 1 79  ? 17.755  -9.332  12.250  1.00 65.58  ? 79  SER A C   1 
ATOM 452  O O   . SER A 1 79  ? 16.543  -9.504  12.081  1.00 72.68  ? 79  SER A O   1 
ATOM 453  C CB  . SER A 1 79  ? 19.103  -10.852 13.752  1.00 67.36  ? 79  SER A CB  1 
ATOM 454  O OG  . SER A 1 79  ? 17.973  -11.056 14.573  1.00 90.45  ? 79  SER A OG  1 
ATOM 455  N N   . LEU A 1 80  ? 18.296  -8.113  12.321  1.00 56.81  ? 80  LEU A N   1 
ATOM 456  C CA  . LEU A 1 80  ? 17.448  -6.928  12.262  1.00 55.98  ? 80  LEU A CA  1 
ATOM 457  C C   . LEU A 1 80  ? 16.742  -6.807  10.914  1.00 58.93  ? 80  LEU A C   1 
ATOM 458  O O   . LEU A 1 80  ? 15.566  -6.426  10.854  1.00 65.97  ? 80  LEU A O   1 
ATOM 459  C CB  . LEU A 1 80  ? 18.289  -5.681  12.536  1.00 52.34  ? 80  LEU A CB  1 
ATOM 460  C CG  . LEU A 1 80  ? 18.777  -5.490  13.978  1.00 52.64  ? 80  LEU A CG  1 
ATOM 461  C CD1 . LEU A 1 80  ? 19.658  -4.263  14.071  1.00 47.59  ? 80  LEU A CD1 1 
ATOM 462  C CD2 . LEU A 1 80  ? 17.641  -5.382  14.971  1.00 58.70  ? 80  LEU A CD2 1 
ATOM 463  N N   . ILE A 1 81  ? 17.429  -7.136  9.821   1.00 47.75  ? 81  ILE A N   1 
ATOM 464  C CA  . ILE A 1 81  ? 16.798  -7.088  8.502   1.00 49.48  ? 81  ILE A CA  1 
ATOM 465  C C   . ILE A 1 81  ? 15.641  -8.077  8.412   1.00 59.71  ? 81  ILE A C   1 
ATOM 466  O O   . ILE A 1 81  ? 14.555  -7.749  7.916   1.00 66.03  ? 81  ILE A O   1 
ATOM 467  C CB  . ILE A 1 81  ? 17.824  -7.350  7.386   1.00 50.90  ? 81  ILE A CB  1 
ATOM 468  C CG1 . ILE A 1 81  ? 18.647  -6.102  7.094   1.00 52.42  ? 81  ILE A CG1 1 
ATOM 469  C CG2 . ILE A 1 81  ? 17.119  -7.613  6.075   1.00 60.95  ? 81  ILE A CG2 1 
ATOM 470  C CD1 . ILE A 1 81  ? 19.668  -5.770  8.100   1.00 67.22  ? 81  ILE A CD1 1 
ATOM 471  N N   . VAL A 1 82  ? 15.873  -9.312  8.852   1.00 58.42  ? 82  VAL A N   1 
ATOM 472  C CA  . VAL A 1 82  ? 14.852  -10.352 8.744   1.00 66.39  ? 82  VAL A CA  1 
ATOM 473  C C   . VAL A 1 82  ? 13.590  -10.009 9.531   1.00 68.69  ? 82  VAL A C   1 
ATOM 474  O O   . VAL A 1 82  ? 12.470  -10.183 9.033   1.00 67.78  ? 82  VAL A O   1 
ATOM 475  C CB  . VAL A 1 82  ? 15.446  -11.685 9.240   1.00 56.31  ? 82  VAL A CB  1 
ATOM 476  C CG1 . VAL A 1 82  ? 14.355  -12.709 9.501   1.00 73.00  ? 82  VAL A CG1 1 
ATOM 477  C CG2 . VAL A 1 82  ? 16.470  -12.205 8.251   1.00 59.15  ? 82  VAL A CG2 1 
ATOM 478  N N   . GLN A 1 83  ? 13.734  -9.536  10.767  1.00 62.19  ? 83  GLN A N   1 
ATOM 479  C CA  . GLN A 1 83  ? 12.530  -9.266  11.544  1.00 62.48  ? 83  GLN A CA  1 
ATOM 480  C C   . GLN A 1 83  ? 11.822  -8.002  11.096  1.00 55.85  ? 83  GLN A C   1 
ATOM 481  O O   . GLN A 1 83  ? 10.590  -7.960  11.064  1.00 58.40  ? 83  GLN A O   1 
ATOM 482  C CB  . GLN A 1 83  ? 12.823  -9.145  13.037  1.00 61.00  ? 83  GLN A CB  1 
ATOM 483  C CG  . GLN A 1 83  ? 13.549  -10.283 13.682  1.00 63.05  ? 83  GLN A CG  1 
ATOM 484  C CD  . GLN A 1 83  ? 14.046  -9.890  15.061  1.00 70.76  ? 83  GLN A CD  1 
ATOM 485  O OE1 . GLN A 1 83  ? 15.097  -9.266  15.207  1.00 61.94  ? 83  GLN A OE1 1 
ATOM 486  N NE2 . GLN A 1 83  ? 13.261  -10.223 16.083  1.00 64.65  ? 83  GLN A NE2 1 
ATOM 487  N N   . PHE A 1 84  ? 12.579  -6.984  10.695  1.00 51.69  ? 84  PHE A N   1 
ATOM 488  C CA  . PHE A 1 84  ? 12.018  -5.648  10.629  1.00 48.39  ? 84  PHE A CA  1 
ATOM 489  C C   . PHE A 1 84  ? 12.013  -4.979  9.271   1.00 49.63  ? 84  PHE A C   1 
ATOM 490  O O   . PHE A 1 84  ? 11.315  -3.970  9.121   1.00 53.29  ? 84  PHE A O   1 
ATOM 491  C CB  . PHE A 1 84  ? 12.761  -4.738  11.615  1.00 48.83  ? 84  PHE A CB  1 
ATOM 492  C CG  . PHE A 1 84  ? 12.600  -5.157  13.048  1.00 58.01  ? 84  PHE A CG  1 
ATOM 493  C CD1 . PHE A 1 84  ? 11.373  -5.076  13.683  1.00 69.00  ? 84  PHE A CD1 1 
ATOM 494  C CD2 . PHE A 1 84  ? 13.681  -5.631  13.762  1.00 55.29  ? 84  PHE A CD2 1 
ATOM 495  C CE1 . PHE A 1 84  ? 11.231  -5.467  15.007  1.00 65.07  ? 84  PHE A CE1 1 
ATOM 496  C CE2 . PHE A 1 84  ? 13.545  -6.017  15.079  1.00 60.45  ? 84  PHE A CE2 1 
ATOM 497  C CZ  . PHE A 1 84  ? 12.321  -5.935  15.702  1.00 59.68  ? 84  PHE A CZ  1 
ATOM 498  N N   . MET A 1 85  ? 12.755  -5.468  8.283   1.00 44.54  ? 85  MET A N   1 
ATOM 499  C CA  . MET A 1 85  ? 12.794  -4.728  7.033   1.00 38.47  ? 85  MET A CA  1 
ATOM 500  C C   . MET A 1 85  ? 11.398  -4.630  6.439   1.00 46.96  ? 85  MET A C   1 
ATOM 501  O O   . MET A 1 85  ? 10.938  -3.538  6.097   1.00 52.83  ? 85  MET A O   1 
ATOM 502  C CB  . MET A 1 85  ? 13.742  -5.362  6.038   1.00 45.10  ? 85  MET A CB  1 
ATOM 503  C CG  . MET A 1 85  ? 13.780  -4.541  4.780   1.00 46.25  ? 85  MET A CG  1 
ATOM 504  S SD  . MET A 1 85  ? 14.988  -5.135  3.618   1.00 71.35  ? 85  MET A SD  1 
ATOM 505  C CE  . MET A 1 85  ? 14.413  -6.818  3.405   1.00 44.81  ? 85  MET A CE  1 
ATOM 506  N N   . MET A 1 86  ? 10.680  -5.749  6.367   1.00 44.13  ? 86  MET A N   1 
ATOM 507  C CA  . MET A 1 86  ? 9.340   -5.699  5.789   1.00 43.98  ? 86  MET A CA  1 
ATOM 508  C C   . MET A 1 86  ? 8.408   -4.842  6.616   1.00 44.63  ? 86  MET A C   1 
ATOM 509  O O   . MET A 1 86  ? 7.676   -4.026  6.032   1.00 57.93  ? 86  MET A O   1 
ATOM 510  C CB  . MET A 1 86  ? 8.793   -7.118  5.619   1.00 44.61  ? 86  MET A CB  1 
ATOM 511  C CG  . MET A 1 86  ? 9.485   -7.891  4.543   1.00 72.47  ? 86  MET A CG  1 
ATOM 512  S SD  . MET A 1 86  ? 9.402   -7.046  2.946   1.00 75.30  ? 86  MET A SD  1 
ATOM 513  C CE  . MET A 1 86  ? 7.754   -6.335  2.963   1.00 42.72  ? 86  MET A CE  1 
ATOM 514  N N   . PRO A 1 87  ? 8.361   -4.955  7.934   1.00 40.32  ? 87  PRO A N   1 
ATOM 515  C CA  . PRO A 1 87  ? 7.475   -4.049  8.670   1.00 41.94  ? 87  PRO A CA  1 
ATOM 516  C C   . PRO A 1 87  ? 7.847   -2.584  8.497   1.00 46.10  ? 87  PRO A C   1 
ATOM 517  O O   . PRO A 1 87  ? 6.956   -1.737  8.392   1.00 59.99  ? 87  PRO A O   1 
ATOM 518  C CB  . PRO A 1 87  ? 7.657   -4.505  10.121  1.00 45.41  ? 87  PRO A CB  1 
ATOM 519  C CG  . PRO A 1 87  ? 7.970   -5.955  9.998   1.00 51.48  ? 87  PRO A CG  1 
ATOM 520  C CD  . PRO A 1 87  ? 8.818   -6.076  8.772   1.00 44.44  ? 87  PRO A CD  1 
ATOM 521  N N   . ILE A 1 88  ? 9.143   -2.264  8.428   1.00 43.67  ? 88  ILE A N   1 
ATOM 522  C CA  . ILE A 1 88  ? 9.572   -0.889  8.176   1.00 39.10  ? 88  ILE A CA  1 
ATOM 523  C C   . ILE A 1 88  ? 9.165   -0.397  6.795   1.00 45.30  ? 88  ILE A C   1 
ATOM 524  O O   . ILE A 1 88  ? 8.674   0.727   6.647   1.00 54.80  ? 88  ILE A O   1 
ATOM 525  C CB  . ILE A 1 88  ? 11.092  -0.769  8.369   1.00 37.37  ? 88  ILE A CB  1 
ATOM 526  C CG1 . ILE A 1 88  ? 11.439  -0.900  9.849   1.00 53.37  ? 88  ILE A CG1 1 
ATOM 527  C CG2 . ILE A 1 88  ? 11.590  0.560   7.844   1.00 42.55  ? 88  ILE A CG2 1 
ATOM 528  C CD1 . ILE A 1 88  ? 12.874  -1.251  10.112  1.00 59.11  ? 88  ILE A CD1 1 
ATOM 529  N N   . ARG A 1 89  ? 9.355   -1.220  5.765   1.00 45.40  ? 89  ARG A N   1 
ATOM 530  C CA  . ARG A 1 89  ? 8.919   -0.844  4.420   1.00 45.23  ? 89  ARG A CA  1 
ATOM 531  C C   . ARG A 1 89  ? 7.408   -0.653  4.316   1.00 49.43  ? 89  ARG A C   1 
ATOM 532  O O   . ARG A 1 89  ? 6.943   0.293   3.669   1.00 57.60  ? 89  ARG A O   1 
ATOM 533  C CB  . ARG A 1 89  ? 9.400   -1.890  3.417   1.00 53.67  ? 89  ARG A CB  1 
ATOM 534  C CG  . ARG A 1 89  ? 10.919  -2.061  3.363   1.00 57.15  ? 89  ARG A CG  1 
ATOM 535  C CD  . ARG A 1 89  ? 11.324  -3.224  2.457   1.00 82.20  ? 89  ARG A CD  1 
ATOM 536  N NE  . ARG A 1 89  ? 11.194  -2.912  1.036   1.00 80.33  ? 89  ARG A NE  1 
ATOM 537  C CZ  . ARG A 1 89  ? 11.967  -2.041  0.392   1.00 85.61  ? 89  ARG A CZ  1 
ATOM 538  N NH1 . ARG A 1 89  ? 12.925  -1.389  1.043   1.00 75.07  ? 89  ARG A NH1 1 
ATOM 539  N NH2 . ARG A 1 89  ? 11.783  -1.822  -0.902  1.00 101.48 ? 89  ARG A NH2 1 
ATOM 540  N N   . VAL A 1 90  ? 6.627   -1.482  5.003   1.00 51.68  ? 90  VAL A N   1 
ATOM 541  C CA  . VAL A 1 90  ? 5.182   -1.268  5.024   1.00 43.45  ? 90  VAL A CA  1 
ATOM 542  C C   . VAL A 1 90  ? 4.839   0.032   5.734   1.00 44.80  ? 90  VAL A C   1 
ATOM 543  O O   . VAL A 1 90  ? 3.971   0.786   5.280   1.00 50.64  ? 90  VAL A O   1 
ATOM 544  C CB  . VAL A 1 90  ? 4.473   -2.467  5.675   1.00 35.50  ? 90  VAL A CB  1 
ATOM 545  C CG1 . VAL A 1 90  ? 3.021   -2.132  5.944   1.00 36.17  ? 90  VAL A CG1 1 
ATOM 546  C CG2 . VAL A 1 90  ? 4.594   -3.701  4.788   1.00 30.67  ? 90  VAL A CG2 1 
ATOM 547  N N   . ALA A 1 91  ? 5.508   0.326   6.846   1.00 43.21  ? 91  ALA A N   1 
ATOM 548  C CA  . ALA A 1 91  ? 5.290   1.616   7.480   1.00 32.98  ? 91  ALA A CA  1 
ATOM 549  C C   . ALA A 1 91  ? 5.567   2.741   6.502   1.00 43.85  ? 91  ALA A C   1 
ATOM 550  O O   . ALA A 1 91  ? 4.787   3.694   6.413   1.00 52.58  ? 91  ALA A O   1 
ATOM 551  C CB  . ALA A 1 91  ? 6.174   1.747   8.715   1.00 39.34  ? 91  ALA A CB  1 
ATOM 552  N N   . LYS A 1 92  ? 6.657   2.636   5.736   1.00 44.06  ? 92  LYS A N   1 
ATOM 553  C CA  . LYS A 1 92  ? 6.964   3.674   4.758   1.00 45.66  ? 92  LYS A CA  1 
ATOM 554  C C   . LYS A 1 92  ? 5.922   3.725   3.651   1.00 46.63  ? 92  LYS A C   1 
ATOM 555  O O   . LYS A 1 92  ? 5.537   4.808   3.204   1.00 57.08  ? 92  LYS A O   1 
ATOM 556  C CB  . LYS A 1 92  ? 8.329   3.447   4.123   1.00 52.13  ? 92  LYS A CB  1 
ATOM 557  C CG  . LYS A 1 92  ? 8.777   4.655   3.317   1.00 60.65  ? 92  LYS A CG  1 
ATOM 558  C CD  . LYS A 1 92  ? 10.209  4.540   2.842   1.00 59.56  ? 92  LYS A CD  1 
ATOM 559  C CE  . LYS A 1 92  ? 10.280  4.677   1.317   1.00 67.75  ? 92  LYS A CE  1 
ATOM 560  N NZ  . LYS A 1 92  ? 11.321  3.805   0.717   1.00 69.68  ? 92  LYS A NZ  1 
ATOM 561  N N   . ASP A 1 93  ? 5.468   2.563   3.182   1.00 42.27  ? 93  ASP A N   1 
ATOM 562  C CA  . ASP A 1 93  ? 4.427   2.536   2.163   1.00 46.09  ? 93  ASP A CA  1 
ATOM 563  C C   . ASP A 1 93  ? 3.177   3.242   2.655   1.00 48.61  ? 93  ASP A C   1 
ATOM 564  O O   . ASP A 1 93  ? 2.562   4.030   1.926   1.00 50.96  ? 93  ASP A O   1 
ATOM 565  C CB  . ASP A 1 93  ? 4.120   1.095   1.764   1.00 46.39  ? 93  ASP A CB  1 
ATOM 566  C CG  . ASP A 1 93  ? 3.666   0.973   0.327   1.00 56.11  ? 93  ASP A CG  1 
ATOM 567  O OD1 . ASP A 1 93  ? 4.000   1.866   -0.484  1.00 59.06  ? 93  ASP A OD1 1 
ATOM 568  O OD2 . ASP A 1 93  ? 2.987   -0.027  0.001   1.00 60.28  ? 93  ASP A OD2 1 
ATOM 569  N N   . ILE A 1 94  ? 2.793   2.974   3.899   1.00 44.86  ? 94  ILE A N   1 
ATOM 570  C CA  . ILE A 1 94  ? 1.580   3.552   4.457   1.00 40.29  ? 94  ILE A CA  1 
ATOM 571  C C   . ILE A 1 94  ? 1.720   5.065   4.546   1.00 43.32  ? 94  ILE A C   1 
ATOM 572  O O   . ILE A 1 94  ? 0.816   5.812   4.163   1.00 49.84  ? 94  ILE A O   1 
ATOM 573  C CB  . ILE A 1 94  ? 1.286   2.913   5.823   1.00 28.81  ? 94  ILE A CB  1 
ATOM 574  C CG1 . ILE A 1 94  ? 0.775   1.493   5.590   1.00 36.43  ? 94  ILE A CG1 1 
ATOM 575  C CG2 . ILE A 1 94  ? 0.274   3.719   6.590   1.00 41.57  ? 94  ILE A CG2 1 
ATOM 576  C CD1 . ILE A 1 94  ? 0.543   0.695   6.828   1.00 45.52  ? 94  ILE A CD1 1 
ATOM 577  N N   . HIS A 1 95  ? 2.867   5.531   5.042   1.00 51.35  ? 95  HIS A N   1 
ATOM 578  C CA  . HIS A 1 95  ? 3.186   6.958   5.033   1.00 53.66  ? 95  HIS A CA  1 
ATOM 579  C C   . HIS A 1 95  ? 2.927   7.583   3.670   1.00 54.57  ? 95  HIS A C   1 
ATOM 580  O O   . HIS A 1 95  ? 2.377   8.685   3.574   1.00 63.90  ? 95  HIS A O   1 
ATOM 581  C CB  . HIS A 1 95  ? 4.664   7.125   5.415   1.00 61.36  ? 95  HIS A CB  1 
ATOM 582  C CG  . HIS A 1 95  ? 5.094   8.536   5.669   1.00 48.80  ? 95  HIS A CG  1 
ATOM 583  N ND1 . HIS A 1 95  ? 4.537   9.620   5.027   1.00 72.46  ? 95  HIS A ND1 1 
ATOM 584  C CD2 . HIS A 1 95  ? 6.061   9.035   6.474   1.00 53.96  ? 95  HIS A CD2 1 
ATOM 585  C CE1 . HIS A 1 95  ? 5.127   10.726  5.443   1.00 79.98  ? 95  HIS A CE1 1 
ATOM 586  N NE2 . HIS A 1 95  ? 6.055   10.399  6.322   1.00 64.98  ? 95  HIS A NE2 1 
ATOM 587  N N   . GLU A 1 96  ? 3.262   6.868   2.604   1.00 50.15  ? 96  GLU A N   1 
ATOM 588  C CA  . GLU A 1 96  ? 3.179   7.413   1.258   1.00 49.19  ? 96  GLU A CA  1 
ATOM 589  C C   . GLU A 1 96  ? 1.810   7.197   0.628   1.00 50.99  ? 96  GLU A C   1 
ATOM 590  O O   . GLU A 1 96  ? 1.290   8.109   -0.027  1.00 59.98  ? 96  GLU A O   1 
ATOM 591  C CB  . GLU A 1 96  ? 4.281   6.792   0.397   1.00 65.49  ? 96  GLU A CB  1 
ATOM 592  C CG  . GLU A 1 96  ? 5.683   7.151   0.898   1.00 62.70  ? 96  GLU A CG  1 
ATOM 593  C CD  . GLU A 1 96  ? 6.796   6.398   0.195   1.00 68.87  ? 96  GLU A CD  1 
ATOM 594  O OE1 . GLU A 1 96  ? 6.524   5.333   -0.404  1.00 65.39  ? 96  GLU A OE1 1 
ATOM 595  O OE2 . GLU A 1 96  ? 7.952   6.866   0.266   1.00 78.40  ? 96  GLU A OE2 1 
ATOM 596  N N   . ARG A 1 97  ? 1.198   6.015   0.833   1.00 43.64  ? 97  ARG A N   1 
ATOM 597  C CA  . ARG A 1 97  ? -0.018  5.659   0.107   1.00 45.87  ? 97  ARG A CA  1 
ATOM 598  C C   . ARG A 1 97  ? -0.907  4.726   0.913   1.00 45.21  ? 97  ARG A C   1 
ATOM 599  O O   . ARG A 1 97  ? -1.568  3.855   0.336   1.00 49.47  ? 97  ARG A O   1 
ATOM 600  C CB  . ARG A 1 97  ? 0.307   4.965   -1.214  1.00 45.58  ? 97  ARG A CB  1 
ATOM 601  C CG  . ARG A 1 97  ? 1.298   3.846   -1.085  1.00 41.20  ? 97  ARG A CG  1 
ATOM 602  C CD  . ARG A 1 97  ? 1.758   3.383   -2.445  1.00 47.92  ? 97  ARG A CD  1 
ATOM 603  N NE  . ARG A 1 97  ? 1.858   1.930   -2.500  1.00 60.17  ? 97  ARG A NE  1 
ATOM 604  C CZ  . ARG A 1 97  ? 0.933   1.117   -3.005  1.00 78.56  ? 97  ARG A CZ  1 
ATOM 605  N NH1 . ARG A 1 97  ? -0.191  1.604   -3.518  1.00 73.85  ? 97  ARG A NH1 1 
ATOM 606  N NH2 . ARG A 1 97  ? 1.144   -0.198  -3.021  1.00 72.23  ? 97  ARG A NH2 1 
ATOM 607  N N   . GLY A 1 98  ? -0.942  4.890   2.232   1.00 45.42  ? 98  GLY A N   1 
ATOM 608  C CA  . GLY A 1 98  ? -1.752  4.015   3.063   1.00 54.24  ? 98  GLY A CA  1 
ATOM 609  C C   . GLY A 1 98  ? -3.223  3.986   2.698   1.00 49.37  ? 98  GLY A C   1 
ATOM 610  O O   . GLY A 1 98  ? -3.894  2.976   2.921   1.00 49.99  ? 98  GLY A O   1 
ATOM 611  N N   . GLU A 1 99  ? -3.740  5.068   2.122   1.00 43.33  ? 99  GLU A N   1 
ATOM 612  C CA  . GLU A 1 99  ? -5.160  5.136   1.807   1.00 39.57  ? 99  GLU A CA  1 
ATOM 613  C C   . GLU A 1 99  ? -5.506  4.597   0.432   1.00 36.25  ? 99  GLU A C   1 
ATOM 614  O O   . GLU A 1 99  ? -6.684  4.579   0.074   1.00 37.74  ? 99  GLU A O   1 
ATOM 615  C CB  . GLU A 1 99  ? -5.624  6.586   1.914   1.00 32.07  ? 99  GLU A CB  1 
ATOM 616  C CG  . GLU A 1 99  ? -5.607  7.081   3.330   1.00 43.80  ? 99  GLU A CG  1 
ATOM 617  C CD  . GLU A 1 99  ? -5.506  8.575   3.430   1.00 61.34  ? 99  GLU A CD  1 
ATOM 618  O OE1 . GLU A 1 99  ? -4.369  9.090   3.478   1.00 71.02  ? 99  GLU A OE1 1 
ATOM 619  O OE2 . GLU A 1 99  ? -6.562  9.231   3.475   1.00 66.21  ? 99  GLU A OE2 1 
ATOM 620  N N   . PHE A 1 100 ? -4.534  4.099   -0.317  1.00 42.27  ? 100 PHE A N   1 
ATOM 621  C CA  . PHE A 1 100 ? -4.823  3.522   -1.616  1.00 36.47  ? 100 PHE A CA  1 
ATOM 622  C C   . PHE A 1 100 ? -5.439  2.146   -1.491  1.00 38.37  ? 100 PHE A C   1 
ATOM 623  O O   . PHE A 1 100 ? -5.155  1.394   -0.558  1.00 49.32  ? 100 PHE A O   1 
ATOM 624  C CB  . PHE A 1 100 ? -3.558  3.446   -2.450  1.00 44.97  ? 100 PHE A CB  1 
ATOM 625  C CG  . PHE A 1 100 ? -3.207  4.738   -3.082  1.00 39.66  ? 100 PHE A CG  1 
ATOM 626  C CD1 . PHE A 1 100 ? -2.687  5.766   -2.325  1.00 36.24  ? 100 PHE A CD1 1 
ATOM 627  C CD2 . PHE A 1 100 ? -3.427  4.940   -4.429  1.00 33.72  ? 100 PHE A CD2 1 
ATOM 628  C CE1 . PHE A 1 100 ? -2.370  6.970   -2.905  1.00 43.78  ? 100 PHE A CE1 1 
ATOM 629  C CE2 . PHE A 1 100 ? -3.118  6.137   -5.013  1.00 45.12  ? 100 PHE A CE2 1 
ATOM 630  C CZ  . PHE A 1 100 ? -2.588  7.158   -4.253  1.00 44.84  ? 100 PHE A CZ  1 
ATOM 631  N N   . ILE A 1 101 ? -6.295  1.821   -2.460  1.00 42.96  ? 101 ILE A N   1 
ATOM 632  C CA  . ILE A 1 101 ? -6.852  0.480   -2.526  1.00 40.54  ? 101 ILE A CA  1 
ATOM 633  C C   . ILE A 1 101 ? -5.713  -0.508  -2.661  1.00 45.66  ? 101 ILE A C   1 
ATOM 634  O O   . ILE A 1 101 ? -4.706  -0.246  -3.331  1.00 52.54  ? 101 ILE A O   1 
ATOM 635  C CB  . ILE A 1 101 ? -7.849  0.348   -3.689  1.00 34.28  ? 101 ILE A CB  1 
ATOM 636  C CG1 . ILE A 1 101 ? -8.457  -1.053  -3.725  1.00 40.84  ? 101 ILE A CG1 1 
ATOM 637  C CG2 . ILE A 1 101 ? -7.167  0.622   -5.011  1.00 56.31  ? 101 ILE A CG2 1 
ATOM 638  C CD1 . ILE A 1 101 ? -9.322  -1.378  -2.552  1.00 53.55  ? 101 ILE A CD1 1 
ATOM 639  N N   . ASN A 1 102 ? -5.845  -1.616  -1.966  1.00 46.14  ? 102 ASN A N   1 
ATOM 640  C CA  . ASN A 1 102 ? -4.875  -2.693  -1.975  1.00 40.05  ? 102 ASN A CA  1 
ATOM 641  C C   . ASN A 1 102 ? -5.452  -4.018  -2.432  1.00 40.24  ? 102 ASN A C   1 
ATOM 642  O O   . ASN A 1 102 ? -4.734  -4.805  -3.042  1.00 39.63  ? 102 ASN A O   1 
ATOM 643  C CB  . ASN A 1 102 ? -4.271  -2.859  -0.578  1.00 50.49  ? 102 ASN A CB  1 
ATOM 644  C CG  . ASN A 1 102 ? -3.224  -3.938  -0.529  1.00 48.75  ? 102 ASN A CG  1 
ATOM 645  O OD1 . ASN A 1 102 ? -2.200  -3.849  -1.197  1.00 46.12  ? 102 ASN A OD1 1 
ATOM 646  N ND2 . ASN A 1 102 ? -3.465  -4.961  0.281   1.00 58.77  ? 102 ASN A ND2 1 
ATOM 647  N N   . PHE A 1 103 ? -6.722  -4.285  -2.144  1.00 42.78  ? 103 PHE A N   1 
ATOM 648  C CA  . PHE A 1 103 ? -7.354  -5.563  -2.430  1.00 44.13  ? 103 PHE A CA  1 
ATOM 649  C C   . PHE A 1 103 ? -8.857  -5.427  -2.347  1.00 40.33  ? 103 PHE A C   1 
ATOM 650  O O   . PHE A 1 103 ? -9.375  -4.540  -1.667  1.00 44.67  ? 103 PHE A O   1 
ATOM 651  C CB  . PHE A 1 103 ? -6.895  -6.610  -1.412  1.00 42.51  ? 103 PHE A CB  1 
ATOM 652  C CG  . PHE A 1 103 ? -7.030  -8.033  -1.862  1.00 47.48  ? 103 PHE A CG  1 
ATOM 653  C CD1 . PHE A 1 103 ? -6.106  -8.617  -2.697  1.00 61.08  ? 103 PHE A CD1 1 
ATOM 654  C CD2 . PHE A 1 103 ? -8.069  -8.814  -1.373  1.00 54.15  ? 103 PHE A CD2 1 
ATOM 655  C CE1 . PHE A 1 103 ? -6.240  -9.948  -3.074  1.00 65.60  ? 103 PHE A CE1 1 
ATOM 656  C CE2 . PHE A 1 103 ? -8.200  -10.140 -1.740  1.00 46.42  ? 103 PHE A CE2 1 
ATOM 657  C CZ  . PHE A 1 103 ? -7.287  -10.706 -2.587  1.00 53.42  ? 103 PHE A CZ  1 
ATOM 658  N N   . ILE A 1 104 ? -9.548  -6.277  -3.097  1.00 34.05  ? 104 ILE A N   1 
ATOM 659  C CA  . ILE A 1 104 ? -10.996 -6.365  -3.019  1.00 36.08  ? 104 ILE A CA  1 
ATOM 660  C C   . ILE A 1 104 ? -11.393 -7.827  -3.157  1.00 32.60  ? 104 ILE A C   1 
ATOM 661  O O   . ILE A 1 104 ? -10.788 -8.564  -3.936  1.00 53.41  ? 104 ILE A O   1 
ATOM 662  C CB  . ILE A 1 104 ? -11.672 -5.484  -4.082  1.00 45.03  ? 104 ILE A CB  1 
ATOM 663  C CG1 . ILE A 1 104 ? -13.188 -5.617  -3.972  1.00 42.89  ? 104 ILE A CG1 1 
ATOM 664  C CG2 . ILE A 1 104 ? -11.152 -5.844  -5.463  1.00 49.17  ? 104 ILE A CG2 1 
ATOM 665  C CD1 . ILE A 1 104 ? -13.940 -4.777  -4.954  1.00 48.92  ? 104 ILE A CD1 1 
ATOM 666  N N   . THR A 1 105 ? -12.373 -8.256  -2.364  1.00 37.43  ? 105 THR A N   1 
ATOM 667  C CA  . THR A 1 105 ? -12.984 -9.571  -2.497  1.00 40.88  ? 105 THR A CA  1 
ATOM 668  C C   . THR A 1 105 ? -14.475 -9.372  -2.713  1.00 55.72  ? 105 THR A C   1 
ATOM 669  O O   . THR A 1 105 ? -15.038 -8.349  -2.323  1.00 61.12  ? 105 THR A O   1 
ATOM 670  C CB  . THR A 1 105 ? -12.773 -10.460 -1.275  1.00 48.86  ? 105 THR A CB  1 
ATOM 671  O OG1 . THR A 1 105 ? -13.409 -9.883  -0.132  1.00 69.21  ? 105 THR A OG1 1 
ATOM 672  C CG2 . THR A 1 105 ? -11.298 -10.667 -1.030  1.00 57.52  ? 105 THR A CG2 1 
ATOM 673  N N   . SER A 1 106 ? -15.118 -10.366 -3.317  1.00 60.41  ? 106 SER A N   1 
ATOM 674  C CA  . SER A 1 106 ? -16.555 -10.327 -3.533  1.00 52.58  ? 106 SER A CA  1 
ATOM 675  C C   . SER A 1 106 ? -17.171 -11.702 -3.339  1.00 53.47  ? 106 SER A C   1 
ATOM 676  O O   . SER A 1 106 ? -16.581 -12.710 -3.732  1.00 65.46  ? 106 SER A O   1 
ATOM 677  C CB  . SER A 1 106 ? -16.851 -9.803  -4.931  1.00 56.35  ? 106 SER A CB  1 
ATOM 678  O OG  . SER A 1 106 ? -16.440 -8.449  -5.068  1.00 53.77  ? 106 SER A OG  1 
ATOM 679  N N   . ASP A 1 107 ? -18.335 -11.739 -2.693  1.00 53.63  ? 107 ASP A N   1 
ATOM 680  C CA  . ASP A 1 107 ? -19.122 -12.960 -2.566  1.00 46.96  ? 107 ASP A CA  1 
ATOM 681  C C   . ASP A 1 107 ? -20.539 -12.741 -3.071  1.00 61.57  ? 107 ASP A C   1 
ATOM 682  O O   . ASP A 1 107 ? -21.231 -11.833 -2.604  1.00 73.27  ? 107 ASP A O   1 
ATOM 683  C CB  . ASP A 1 107 ? -19.158 -13.424 -1.115  1.00 61.03  ? 107 ASP A CB  1 
ATOM 684  C CG  . ASP A 1 107 ? -17.804 -13.800 -0.609  1.00 65.54  ? 107 ASP A CG  1 
ATOM 685  O OD1 . ASP A 1 107 ? -17.263 -14.817 -1.082  1.00 73.98  ? 107 ASP A OD1 1 
ATOM 686  O OD2 . ASP A 1 107 ? -17.270 -13.074 0.257   1.00 78.06  ? 107 ASP A OD2 1 
ATOM 687  N N   . MET A 1 108 ? -20.965 -13.571 -4.019  1.00 75.83  ? 108 MET A N   1 
ATOM 688  C CA  . MET A 1 108 ? -22.307 -13.496 -4.583  1.00 73.74  ? 108 MET A CA  1 
ATOM 689  C C   . MET A 1 108 ? -23.280 -14.233 -3.673  1.00 73.42  ? 108 MET A C   1 
ATOM 690  O O   . MET A 1 108 ? -22.970 -15.323 -3.181  1.00 69.31  ? 108 MET A O   1 
ATOM 691  C CB  . MET A 1 108 ? -22.350 -14.115 -5.981  1.00 81.58  ? 108 MET A CB  1 
ATOM 692  C CG  . MET A 1 108 ? -23.635 -13.824 -6.755  1.00 82.37  ? 108 MET A CG  1 
ATOM 693  S SD  . MET A 1 108 ? -23.520 -14.198 -8.521  1.00 111.30 ? 108 MET A SD  1 
ATOM 694  C CE  . MET A 1 108 ? -23.502 -15.990 -8.503  1.00 93.19  ? 108 MET A CE  1 
ATOM 695  N N   . LEU A 1 109 ? -24.427 -13.617 -3.399  1.00 71.37  ? 109 LEU A N   1 
ATOM 696  C CA  . LEU A 1 109 ? -25.472 -14.274 -2.616  1.00 77.78  ? 109 LEU A CA  1 
ATOM 697  C C   . LEU A 1 109 ? -26.789 -14.409 -3.393  1.00 74.73  ? 109 LEU A C   1 
ATOM 698  O O   . LEU A 1 109 ? -27.411 -13.417 -3.779  1.00 75.92  ? 109 LEU A O   1 
ATOM 699  C CB  . LEU A 1 109 ? -25.688 -13.526 -1.306  1.00 85.19  ? 109 LEU A CB  1 
ATOM 700  C CG  . LEU A 1 109 ? -24.384 -13.146 -0.600  1.00 76.26  ? 109 LEU A CG  1 
ATOM 701  C CD1 . LEU A 1 109 ? -24.618 -12.031 0.389   1.00 70.28  ? 109 LEU A CD1 1 
ATOM 702  C CD2 . LEU A 1 109 ? -23.772 -14.365 0.074   1.00 70.89  ? 109 LEU A CD2 1 
ATOM 703  N N   . CYS A 1 115 ? -30.404 -10.976 -6.388  1.00 78.65  ? 115 CYS A N   1 
ATOM 704  C CA  . CYS A 1 115 ? -28.984 -11.316 -6.324  1.00 94.79  ? 115 CYS A CA  1 
ATOM 705  C C   . CYS A 1 115 ? -28.110 -10.109 -5.934  1.00 89.38  ? 115 CYS A C   1 
ATOM 706  O O   . CYS A 1 115 ? -28.076 -9.095  -6.641  1.00 76.62  ? 115 CYS A O   1 
ATOM 707  C CB  . CYS A 1 115 ? -28.529 -11.879 -7.662  1.00 94.06  ? 115 CYS A CB  1 
ATOM 708  S SG  . CYS A 1 115 ? -26.780 -12.259 -7.714  1.00 106.67 ? 115 CYS A SG  1 
ATOM 709  N N   . VAL A 1 116 ? -27.375 -10.257 -4.825  1.00 78.33  ? 116 VAL A N   1 
ATOM 710  C CA  . VAL A 1 116 ? -26.468 -9.237  -4.311  1.00 67.52  ? 116 VAL A CA  1 
ATOM 711  C C   . VAL A 1 116 ? -25.063 -9.796  -4.118  1.00 70.19  ? 116 VAL A C   1 
ATOM 712  O O   . VAL A 1 116 ? -24.850 -11.007 -4.040  1.00 71.07  ? 116 VAL A O   1 
ATOM 713  C CB  . VAL A 1 116 ? -26.978 -8.660  -2.983  1.00 60.74  ? 116 VAL A CB  1 
ATOM 714  C CG1 . VAL A 1 116 ? -28.363 -8.079  -3.177  1.00 72.91  ? 116 VAL A CG1 1 
ATOM 715  C CG2 . VAL A 1 116 ? -26.987 -9.740  -1.918  1.00 60.25  ? 116 VAL A CG2 1 
ATOM 716  N N   . PHE A 1 117 ? -24.107 -8.873  -3.989  1.00 71.19  ? 117 PHE A N   1 
ATOM 717  C CA  . PHE A 1 117 ? -22.687 -9.185  -3.872  1.00 68.51  ? 117 PHE A CA  1 
ATOM 718  C C   . PHE A 1 117 ? -22.168 -8.574  -2.574  1.00 65.92  ? 117 PHE A C   1 
ATOM 719  O O   . PHE A 1 117 ? -22.351 -7.375  -2.340  1.00 70.58  ? 117 PHE A O   1 
ATOM 720  C CB  . PHE A 1 117 ? -21.921 -8.593  -5.048  1.00 73.78  ? 117 PHE A CB  1 
ATOM 721  C CG  . PHE A 1 117 ? -22.324 -9.149  -6.375  1.00 77.47  ? 117 PHE A CG  1 
ATOM 722  C CD1 . PHE A 1 117 ? -21.769 -10.318 -6.854  1.00 83.47  ? 117 PHE A CD1 1 
ATOM 723  C CD2 . PHE A 1 117 ? -23.247 -8.477  -7.158  1.00 72.61  ? 117 PHE A CD2 1 
ATOM 724  C CE1 . PHE A 1 117 ? -22.141 -10.814 -8.076  1.00 93.60  ? 117 PHE A CE1 1 
ATOM 725  C CE2 . PHE A 1 117 ? -23.619 -8.966  -8.381  1.00 80.07  ? 117 PHE A CE2 1 
ATOM 726  C CZ  . PHE A 1 117 ? -23.066 -10.136 -8.843  1.00 100.33 ? 117 PHE A CZ  1 
ATOM 727  N N   . LEU A 1 118 ? -21.488 -9.380  -1.753  1.00 62.49  ? 118 LEU A N   1 
ATOM 728  C CA  . LEU A 1 118 ? -20.766 -8.879  -0.579  1.00 46.56  ? 118 LEU A CA  1 
ATOM 729  C C   . LEU A 1 118 ? -19.307 -8.552  -0.903  1.00 47.36  ? 118 LEU A C   1 
ATOM 730  O O   . LEU A 1 118 ? -18.458 -9.442  -0.977  1.00 53.22  ? 118 LEU A O   1 
ATOM 731  C CB  . LEU A 1 118 ? -20.866 -9.907  0.544   1.00 38.52  ? 118 LEU A CB  1 
ATOM 732  C CG  . LEU A 1 118 ? -20.308 -9.567  1.929   1.00 49.18  ? 118 LEU A CG  1 
ATOM 733  C CD1 . LEU A 1 118 ? -20.682 -10.686 2.881   1.00 50.43  ? 118 LEU A CD1 1 
ATOM 734  C CD2 . LEU A 1 118 ? -18.794 -9.359  1.980   1.00 62.81  ? 118 LEU A CD2 1 
ATOM 735  N N   . ASN A 1 119 ? -19.010 -7.261  -1.051  1.00 40.08  ? 119 ASN A N   1 
ATOM 736  C CA  . ASN A 1 119 ? -17.675 -6.787  -1.385  1.00 44.15  ? 119 ASN A CA  1 
ATOM 737  C C   . ASN A 1 119 ? -16.924 -6.348  -0.131  1.00 47.95  ? 119 ASN A C   1 
ATOM 738  O O   . ASN A 1 119 ? -17.500 -5.703  0.749   1.00 52.43  ? 119 ASN A O   1 
ATOM 739  C CB  . ASN A 1 119 ? -17.777 -5.621  -2.363  1.00 46.84  ? 119 ASN A CB  1 
ATOM 740  C CG  . ASN A 1 119 ? -18.605 -5.962  -3.583  1.00 55.00  ? 119 ASN A CG  1 
ATOM 741  O OD1 . ASN A 1 119 ? -18.165 -6.712  -4.451  1.00 63.65  ? 119 ASN A OD1 1 
ATOM 742  N ND2 . ASN A 1 119 ? -19.834 -5.461  -3.623  1.00 48.51  ? 119 ASN A ND2 1 
ATOM 743  N N   . ARG A 1 120 ? -15.624 -6.645  -0.074  1.00 45.54  ? 120 ARG A N   1 
ATOM 744  C CA  . ARG A 1 120 ? -14.744 -6.158  0.986   1.00 33.02  ? 120 ARG A CA  1 
ATOM 745  C C   . ARG A 1 120 ? -13.553 -5.426  0.387   1.00 41.13  ? 120 ARG A C   1 
ATOM 746  O O   . ARG A 1 120 ? -12.755 -6.028  -0.334  1.00 49.12  ? 120 ARG A O   1 
ATOM 747  C CB  . ARG A 1 120 ? -14.254 -7.310  1.850   1.00 30.33  ? 120 ARG A CB  1 
ATOM 748  C CG  . ARG A 1 120 ? -15.319 -7.898  2.711   1.00 37.32  ? 120 ARG A CG  1 
ATOM 749  C CD  . ARG A 1 120 ? -14.820 -9.132  3.407   1.00 61.48  ? 120 ARG A CD  1 
ATOM 750  N NE  . ARG A 1 120 ? -15.915 -9.874  4.016   1.00 71.92  ? 120 ARG A NE  1 
ATOM 751  C CZ  . ARG A 1 120 ? -16.518 -9.496  5.137   1.00 65.56  ? 120 ARG A CZ  1 
ATOM 752  N NH1 . ARG A 1 120 ? -16.126 -8.386  5.758   1.00 54.58  ? 120 ARG A NH1 1 
ATOM 753  N NH2 . ARG A 1 120 ? -17.515 -10.219 5.637   1.00 61.37  ? 120 ARG A NH2 1 
ATOM 754  N N   . LEU A 1 121 ? -13.390 -4.164  0.747   1.00 31.09  ? 121 LEU A N   1 
ATOM 755  C CA  . LEU A 1 121 ? -12.278 -3.359  0.276   1.00 28.45  ? 121 LEU A CA  1 
ATOM 756  C C   . LEU A 1 121 ? -11.217 -3.301  1.351   1.00 34.08  ? 121 LEU A C   1 
ATOM 757  O O   . LEU A 1 121 ? -11.536 -3.122  2.523   1.00 39.46  ? 121 LEU A O   1 
ATOM 758  C CB  . LEU A 1 121 ? -12.712 -1.939  -0.066  1.00 25.93  ? 121 LEU A CB  1 
ATOM 759  C CG  . LEU A 1 121 ? -13.695 -1.773  -1.208  1.00 29.19  ? 121 LEU A CG  1 
ATOM 760  C CD1 . LEU A 1 121 ? -13.164 -2.455  -2.452  1.00 48.32  ? 121 LEU A CD1 1 
ATOM 761  C CD2 . LEU A 1 121 ? -15.062 -2.292  -0.854  1.00 37.31  ? 121 LEU A CD2 1 
ATOM 762  N N   . SER A 1 122 ? -9.963  -3.481  0.959   1.00 36.56  ? 122 SER A N   1 
ATOM 763  C CA  . SER A 1 122 ? -8.849  -3.393  1.890   1.00 35.78  ? 122 SER A CA  1 
ATOM 764  C C   . SER A 1 122 ? -7.878  -2.375  1.318   1.00 39.06  ? 122 SER A C   1 
ATOM 765  O O   . SER A 1 122 ? -7.529  -2.449  0.135   1.00 47.24  ? 122 SER A O   1 
ATOM 766  C CB  . SER A 1 122 ? -8.178  -4.754  2.066   1.00 41.50  ? 122 SER A CB  1 
ATOM 767  O OG  . SER A 1 122 ? -6.933  -4.626  2.720   1.00 56.29  ? 122 SER A OG  1 
ATOM 768  N N   . ARG A 1 123 ? -7.404  -1.470  2.160   1.00 31.73  ? 123 ARG A N   1 
ATOM 769  C CA  . ARG A 1 123 ? -6.436  -0.465  1.756   1.00 30.94  ? 123 ARG A CA  1 
ATOM 770  C C   . ARG A 1 123 ? -5.011  -0.873  2.091   1.00 39.76  ? 123 ARG A C   1 
ATOM 771  O O   . ARG A 1 123 ? -4.757  -1.817  2.837   1.00 51.62  ? 123 ARG A O   1 
ATOM 772  C CB  . ARG A 1 123 ? -6.777  0.873   2.396   1.00 31.27  ? 123 ARG A CB  1 
ATOM 773  C CG  . ARG A 1 123 ? -8.185  1.301   2.095   1.00 34.63  ? 123 ARG A CG  1 
ATOM 774  C CD  . ARG A 1 123 ? -8.439  2.732   2.496   1.00 37.31  ? 123 ARG A CD  1 
ATOM 775  N NE  . ARG A 1 123 ? -7.942  3.031   3.829   1.00 38.74  ? 123 ARG A NE  1 
ATOM 776  C CZ  . ARG A 1 123 ? -8.314  4.083   4.545   1.00 42.72  ? 123 ARG A CZ  1 
ATOM 777  N NH1 . ARG A 1 123 ? -9.213  4.932   4.068   1.00 47.25  ? 123 ARG A NH1 1 
ATOM 778  N NH2 . ARG A 1 123 ? -7.795  4.283   5.746   1.00 47.32  ? 123 ARG A NH2 1 
ATOM 779  N N   . VAL A 1 124 ? -4.070  -0.135  1.499   1.00 49.59  ? 124 VAL A N   1 
ATOM 780  C CA  . VAL A 1 124 ? -2.654  -0.326  1.794   1.00 46.00  ? 124 VAL A CA  1 
ATOM 781  C C   . VAL A 1 124 ? -2.410  -0.276  3.291   1.00 39.86  ? 124 VAL A C   1 
ATOM 782  O O   . VAL A 1 124 ? -1.573  -1.014  3.821   1.00 43.46  ? 124 VAL A O   1 
ATOM 783  C CB  . VAL A 1 124 ? -1.813  0.741   1.066   1.00 42.68  ? 124 VAL A CB  1 
ATOM 784  C CG1 . VAL A 1 124 ? -0.386  0.755   1.575   1.00 47.55  ? 124 VAL A CG1 1 
ATOM 785  C CG2 . VAL A 1 124 ? -1.824  0.501   -0.421  1.00 55.29  ? 124 VAL A CG2 1 
ATOM 786  N N   . ASP A 1 125 ? -3.154  0.568   4.002   1.00 38.71  ? 125 ASP A N   1 
ATOM 787  C CA  . ASP A 1 125 ? -2.975  0.669   5.445   1.00 46.25  ? 125 ASP A CA  1 
ATOM 788  C C   . ASP A 1 125 ? -3.646  -0.456  6.225   1.00 44.20  ? 125 ASP A C   1 
ATOM 789  O O   . ASP A 1 125 ? -3.638  -0.418  7.460   1.00 45.36  ? 125 ASP A O   1 
ATOM 790  C CB  . ASP A 1 125 ? -3.481  2.034   5.942   1.00 48.06  ? 125 ASP A CB  1 
ATOM 791  C CG  . ASP A 1 125 ? -4.994  2.202   5.819   1.00 51.25  ? 125 ASP A CG  1 
ATOM 792  O OD1 . ASP A 1 125 ? -5.703  1.240   5.456   1.00 55.14  ? 125 ASP A OD1 1 
ATOM 793  O OD2 . ASP A 1 125 ? -5.479  3.319   6.096   1.00 42.84  ? 125 ASP A OD2 1 
ATOM 794  N N   . GLY A 1 126 ? -4.261  -1.424  5.555   1.00 43.36  ? 126 GLY A N   1 
ATOM 795  C CA  . GLY A 1 126 ? -4.844  -2.561  6.229   1.00 37.72  ? 126 GLY A CA  1 
ATOM 796  C C   . GLY A 1 126 ? -6.285  -2.390  6.645   1.00 32.95  ? 126 GLY A C   1 
ATOM 797  O O   . GLY A 1 126 ? -6.921  -3.380  7.017   1.00 43.15  ? 126 GLY A O   1 
ATOM 798  N N   . GLN A 1 127 ? -6.821  -1.175  6.595   1.00 38.32  ? 127 GLN A N   1 
ATOM 799  C CA  . GLN A 1 127 ? -8.211  -0.942  6.959   1.00 41.68  ? 127 GLN A CA  1 
ATOM 800  C C   . GLN A 1 127 ? -9.142  -1.487  5.890   1.00 34.39  ? 127 GLN A C   1 
ATOM 801  O O   . GLN A 1 127 ? -8.842  -1.426  4.696   1.00 47.61  ? 127 GLN A O   1 
ATOM 802  C CB  . GLN A 1 127 ? -8.463  0.542   7.196   1.00 41.76  ? 127 GLN A CB  1 
ATOM 803  C CG  . GLN A 1 127 ? -7.593  1.090   8.313   1.00 62.55  ? 127 GLN A CG  1 
ATOM 804  C CD  . GLN A 1 127 ? -8.097  2.393   8.884   1.00 76.02  ? 127 GLN A CD  1 
ATOM 805  O OE1 . GLN A 1 127 ? -9.296  2.670   8.867   1.00 93.65  ? 127 GLN A OE1 1 
ATOM 806  N NE2 . GLN A 1 127 ? -7.180  3.201   9.405   1.00 86.13  ? 127 GLN A NE2 1 
ATOM 807  N N   . GLU A 1 128 ? -10.302 -1.987  6.326   1.00 34.97  ? 128 GLU A N   1 
ATOM 808  C CA  . GLU A 1 128 ? -11.246 -2.604  5.410   1.00 31.96  ? 128 GLU A CA  1 
ATOM 809  C C   . GLU A 1 128 ? -12.625 -1.976  5.560   1.00 33.34  ? 128 GLU A C   1 
ATOM 810  O O   . GLU A 1 128 ? -12.947 -1.358  6.573   1.00 51.77  ? 128 GLU A O   1 
ATOM 811  C CB  . GLU A 1 128 ? -11.379 -4.116  5.661   1.00 29.98  ? 128 GLU A CB  1 
ATOM 812  C CG  . GLU A 1 128 ? -10.122 -4.940  5.416   1.00 49.52  ? 128 GLU A CG  1 
ATOM 813  C CD  . GLU A 1 128 ? -10.313 -6.426  5.754   1.00 56.75  ? 128 GLU A CD  1 
ATOM 814  O OE1 . GLU A 1 128 ? -11.184 -6.743  6.593   1.00 43.82  ? 128 GLU A OE1 1 
ATOM 815  O OE2 . GLU A 1 128 ? -9.598  -7.276  5.171   1.00 59.40  ? 128 GLU A OE2 1 
ATOM 816  N N   . PHE A 1 129 ? -13.430 -2.143  4.507   1.00 36.65  ? 129 PHE A N   1 
ATOM 817  C CA  . PHE A 1 129 ? -14.793 -1.630  4.450   1.00 32.41  ? 129 PHE A CA  1 
ATOM 818  C C   . PHE A 1 129 ? -15.692 -2.641  3.751   1.00 33.59  ? 129 PHE A C   1 
ATOM 819  O O   . PHE A 1 129 ? -15.334 -3.137  2.679   1.00 41.57  ? 129 PHE A O   1 
ATOM 820  C CB  . PHE A 1 129 ? -14.781 -0.305  3.684   1.00 37.18  ? 129 PHE A CB  1 
ATOM 821  C CG  . PHE A 1 129 ? -16.023 0.509   3.820   1.00 29.02  ? 129 PHE A CG  1 
ATOM 822  C CD1 . PHE A 1 129 ? -16.441 0.960   5.046   1.00 35.87  ? 129 PHE A CD1 1 
ATOM 823  C CD2 . PHE A 1 129 ? -16.753 0.858   2.707   1.00 36.17  ? 129 PHE A CD2 1 
ATOM 824  C CE1 . PHE A 1 129 ? -17.572 1.725   5.160   1.00 40.29  ? 129 PHE A CE1 1 
ATOM 825  C CE2 . PHE A 1 129 ? -17.884 1.620   2.820   1.00 39.48  ? 129 PHE A CE2 1 
ATOM 826  C CZ  . PHE A 1 129 ? -18.292 2.052   4.049   1.00 35.96  ? 129 PHE A CZ  1 
ATOM 827  N N   . LEU A 1 130 ? -16.839 -2.954  4.352   1.00 39.79  ? 130 LEU A N   1 
ATOM 828  C CA  . LEU A 1 130 ? -17.819 -3.842  3.733   1.00 32.08  ? 130 LEU A CA  1 
ATOM 829  C C   . LEU A 1 130 ? -18.820 -3.033  2.932   1.00 38.03  ? 130 LEU A C   1 
ATOM 830  O O   . LEU A 1 130 ? -19.370 -2.048  3.435   1.00 48.36  ? 130 LEU A O   1 
ATOM 831  C CB  . LEU A 1 130 ? -18.555 -4.674  4.775   1.00 34.20  ? 130 LEU A CB  1 
ATOM 832  C CG  . LEU A 1 130 ? -19.536 -5.667  4.168   1.00 37.08  ? 130 LEU A CG  1 
ATOM 833  C CD1 . LEU A 1 130 ? -19.716 -6.830  5.107   1.00 46.35  ? 130 LEU A CD1 1 
ATOM 834  C CD2 . LEU A 1 130 ? -20.896 -5.023  3.936   1.00 48.20  ? 130 LEU A CD2 1 
ATOM 835  N N   . LEU A 1 131 ? -19.089 -3.467  1.707   1.00 36.24  ? 131 LEU A N   1 
ATOM 836  C CA  . LEU A 1 131 ? -20.041 -2.756  0.874   1.00 35.80  ? 131 LEU A CA  1 
ATOM 837  C C   . LEU A 1 131 ? -20.893 -3.744  0.087   1.00 43.05  ? 131 LEU A C   1 
ATOM 838  O O   . LEU A 1 131 ? -20.351 -4.574  -0.646  1.00 51.51  ? 131 LEU A O   1 
ATOM 839  C CB  . LEU A 1 131 ? -19.268 -1.802  -0.031  1.00 33.28  ? 131 LEU A CB  1 
ATOM 840  C CG  . LEU A 1 131 ? -20.039 -0.809  -0.869  1.00 59.21  ? 131 LEU A CG  1 
ATOM 841  C CD1 . LEU A 1 131 ? -20.700 0.193   0.049   1.00 61.04  ? 131 LEU A CD1 1 
ATOM 842  C CD2 . LEU A 1 131 ? -19.074 -0.100  -1.797  1.00 63.21  ? 131 LEU A CD2 1 
ATOM 843  N N   . MET A 1 132 ? -22.215 -3.658  0.234   1.00 40.37  ? 132 MET A N   1 
ATOM 844  C CA  . MET A 1 132 ? -23.135 -4.492  -0.530  1.00 38.65  ? 132 MET A CA  1 
ATOM 845  C C   . MET A 1 132 ? -23.512 -3.791  -1.827  1.00 53.09  ? 132 MET A C   1 
ATOM 846  O O   . MET A 1 132 ? -23.642 -2.565  -1.864  1.00 55.97  ? 132 MET A O   1 
ATOM 847  C CB  . MET A 1 132 ? -24.428 -4.752  0.243   1.00 43.79  ? 132 MET A CB  1 
ATOM 848  C CG  . MET A 1 132 ? -24.283 -5.247  1.645   1.00 49.33  ? 132 MET A CG  1 
ATOM 849  S SD  . MET A 1 132 ? -23.575 -6.886  1.652   1.00 62.52  ? 132 MET A SD  1 
ATOM 850  C CE  . MET A 1 132 ? -24.783 -7.825  0.730   1.00 63.13  ? 132 MET A CE  1 
ATOM 851  N N   . THR A 1 133 ? -23.658 -4.575  -2.897  1.00 57.98  ? 133 THR A N   1 
ATOM 852  C CA  . THR A 1 133 ? -24.112 -4.077  -4.190  1.00 53.96  ? 133 THR A CA  1 
ATOM 853  C C   . THR A 1 133 ? -25.018 -5.116  -4.832  1.00 59.42  ? 133 THR A C   1 
ATOM 854  O O   . THR A 1 133 ? -24.770 -6.318  -4.708  1.00 61.46  ? 133 THR A O   1 
ATOM 855  C CB  . THR A 1 133 ? -22.959 -3.757  -5.143  1.00 56.63  ? 133 THR A CB  1 
ATOM 856  O OG1 . THR A 1 133 ? -22.083 -4.885  -5.242  1.00 66.11  ? 133 THR A OG1 1 
ATOM 857  C CG2 . THR A 1 133 ? -22.190 -2.548  -4.653  1.00 47.86  ? 133 THR A CG2 1 
ATOM 858  N N   . ASP A 1 134 ? -26.070 -4.662  -5.503  1.00 65.88  ? 134 ASP A N   1 
ATOM 859  C CA  . ASP A 1 134 ? -26.833 -5.557  -6.352  1.00 66.35  ? 134 ASP A CA  1 
ATOM 860  C C   . ASP A 1 134 ? -26.306 -5.367  -7.765  1.00 68.96  ? 134 ASP A C   1 
ATOM 861  O O   . ASP A 1 134 ? -25.312 -4.668  -7.995  1.00 66.33  ? 134 ASP A O   1 
ATOM 862  C CB  . ASP A 1 134 ? -28.346 -5.310  -6.290  1.00 78.11  ? 134 ASP A CB  1 
ATOM 863  C CG  . ASP A 1 134 ? -28.756 -3.918  -6.761  1.00 88.67  ? 134 ASP A CG  1 
ATOM 864  O OD1 . ASP A 1 134 ? -27.939 -3.196  -7.373  1.00 85.53  ? 134 ASP A OD1 1 
ATOM 865  O OD2 . ASP A 1 134 ? -29.936 -3.561  -6.551  1.00 87.15  ? 134 ASP A OD2 1 
ATOM 866  N N   . VAL A 1 135 ? -26.962 -6.004  -8.726  1.00 59.66  ? 135 VAL A N   1 
ATOM 867  C CA  . VAL A 1 135 ? -26.443 -5.990  -10.084 1.00 66.19  ? 135 VAL A CA  1 
ATOM 868  C C   . VAL A 1 135 ? -26.530 -4.589  -10.678 1.00 67.47  ? 135 VAL A C   1 
ATOM 869  O O   . VAL A 1 135 ? -25.640 -4.157  -11.423 1.00 66.66  ? 135 VAL A O   1 
ATOM 870  C CB  . VAL A 1 135 ? -27.211 -7.015  -10.927 1.00 58.37  ? 135 VAL A CB  1 
ATOM 871  C CG1 . VAL A 1 135 ? -27.142 -6.657  -12.402 1.00 73.39  ? 135 VAL A CG1 1 
ATOM 872  C CG2 . VAL A 1 135 ? -26.626 -8.386  -10.687 1.00 80.20  ? 135 VAL A CG2 1 
ATOM 873  N N   . GLN A 1 136 ? -27.606 -3.866  -10.378 1.00 67.71  ? 136 GLN A N   1 
ATOM 874  C CA  . GLN A 1 136 ? -27.738 -2.492  -10.849 1.00 72.80  ? 136 GLN A CA  1 
ATOM 875  C C   . GLN A 1 136 ? -26.694 -1.567  -10.235 1.00 75.90  ? 136 GLN A C   1 
ATOM 876  O O   . GLN A 1 136 ? -26.092 -0.745  -10.936 1.00 69.08  ? 136 GLN A O   1 
ATOM 877  C CB  . GLN A 1 136 ? -29.151 -1.994  -10.545 1.00 81.42  ? 136 GLN A CB  1 
ATOM 878  C CG  . GLN A 1 136 ? -29.470 -0.618  -11.081 1.00 100.48 ? 136 GLN A CG  1 
ATOM 879  C CD  . GLN A 1 136 ? -30.899 -0.209  -10.786 1.00 109.27 ? 136 GLN A CD  1 
ATOM 880  O OE1 . GLN A 1 136 ? -31.429 -0.488  -9.709  1.00 100.09 ? 136 GLN A OE1 1 
ATOM 881  N NE2 . GLN A 1 136 ? -31.534 0.455   -11.744 1.00 113.50 ? 136 GLN A NE2 1 
ATOM 882  N N   . ASN A 1 137 ? -26.485 -1.663  -8.920  1.00 75.31  ? 137 ASN A N   1 
ATOM 883  C CA  . ASN A 1 137 ? -25.438 -0.874  -8.279  1.00 64.96  ? 137 ASN A CA  1 
ATOM 884  C C   . ASN A 1 137 ? -24.077 -1.102  -8.925  1.00 66.79  ? 137 ASN A C   1 
ATOM 885  O O   . ASN A 1 137 ? -23.364 -0.142  -9.251  1.00 48.34  ? 137 ASN A O   1 
ATOM 886  C CB  . ASN A 1 137 ? -25.372 -1.239  -6.801  1.00 55.94  ? 137 ASN A CB  1 
ATOM 887  C CG  . ASN A 1 137 ? -26.652 -0.926  -6.069  1.00 67.91  ? 137 ASN A CG  1 
ATOM 888  O OD1 . ASN A 1 137 ? -27.054 -1.675  -5.178  1.00 67.30  ? 137 ASN A OD1 1 
ATOM 889  N ND2 . ASN A 1 137 ? -27.320 0.161   -6.450  1.00 81.40  ? 137 ASN A ND2 1 
ATOM 890  N N   . THR A 1 138 ? -23.750 -2.362  -9.218  1.00 62.42  ? 138 THR A N   1 
ATOM 891  C CA  . THR A 1 138 ? -22.428 -2.663  -9.750  1.00 52.85  ? 138 THR A CA  1 
ATOM 892  C C   . THR A 1 138 ? -22.231 -1.978  -11.082 1.00 59.91  ? 138 THR A C   1 
ATOM 893  O O   . THR A 1 138 ? -21.198 -1.343  -11.318 1.00 59.53  ? 138 THR A O   1 
ATOM 894  C CB  . THR A 1 138 ? -22.244 -4.167  -9.892  1.00 45.33  ? 138 THR A CB  1 
ATOM 895  O OG1 . THR A 1 138 ? -22.450 -4.798  -8.620  1.00 48.57  ? 138 THR A OG1 1 
ATOM 896  C CG2 . THR A 1 138 ? -20.844 -4.477  -10.377 1.00 55.84  ? 138 THR A CG2 1 
ATOM 897  N N   . CYS A 1 139 ? -23.239 -2.052  -11.944 1.00 71.96  ? 139 CYS A N   1 
ATOM 898  C CA  . CYS A 1 139 ? -23.170 -1.366  -13.223 1.00 74.73  ? 139 CYS A CA  1 
ATOM 899  C C   . CYS A 1 139 ? -23.027 0.134   -13.017 1.00 70.02  ? 139 CYS A C   1 
ATOM 900  O O   . CYS A 1 139 ? -22.245 0.794   -13.709 1.00 72.55  ? 139 CYS A O   1 
ATOM 901  C CB  . CYS A 1 139 ? -24.399 -1.692  -14.063 1.00 72.56  ? 139 CYS A CB  1 
ATOM 902  S SG  . CYS A 1 139 ? -24.383 -0.851  -15.642 1.00 88.73  ? 139 CYS A SG  1 
ATOM 903  N N   . HIS A 1 140 ? -23.775 0.696   -12.066 1.00 61.72  ? 140 HIS A N   1 
ATOM 904  C CA  . HIS A 1 140 ? -23.673 2.129   -11.817 1.00 78.69  ? 140 HIS A CA  1 
ATOM 905  C C   . HIS A 1 140 ? -22.284 2.482   -11.304 1.00 77.19  ? 140 HIS A C   1 
ATOM 906  O O   . HIS A 1 140 ? -21.720 3.522   -11.670 1.00 67.85  ? 140 HIS A O   1 
ATOM 907  C CB  . HIS A 1 140 ? -24.744 2.582   -10.827 1.00 87.01  ? 140 HIS A CB  1 
ATOM 908  C CG  . HIS A 1 140 ? -26.141 2.498   -11.360 1.00 99.24  ? 140 HIS A CG  1 
ATOM 909  N ND1 . HIS A 1 140 ? -27.253 2.679   -10.566 1.00 107.73 ? 140 HIS A ND1 1 
ATOM 910  C CD2 . HIS A 1 140 ? -26.607 2.247   -12.607 1.00 97.99  ? 140 HIS A CD2 1 
ATOM 911  C CE1 . HIS A 1 140 ? -28.343 2.554   -11.303 1.00 106.37 ? 140 HIS A CE1 1 
ATOM 912  N NE2 . HIS A 1 140 ? -27.979 2.285   -12.544 1.00 103.45 ? 140 HIS A NE2 1 
ATOM 913  N N   . LEU A 1 141 ? -21.718 1.623   -10.456 1.00 59.16  ? 141 LEU A N   1 
ATOM 914  C CA  . LEU A 1 141 ? -20.356 1.832   -9.981  1.00 55.49  ? 141 LEU A CA  1 
ATOM 915  C C   . LEU A 1 141 ? -19.360 1.847   -11.131 1.00 73.48  ? 141 LEU A C   1 
ATOM 916  O O   . LEU A 1 141 ? -18.456 2.690   -11.175 1.00 65.70  ? 141 LEU A O   1 
ATOM 917  C CB  . LEU A 1 141 ? -19.983 0.746   -8.985  1.00 53.67  ? 141 LEU A CB  1 
ATOM 918  C CG  . LEU A 1 141 ? -19.064 1.132   -7.833  1.00 39.58  ? 141 LEU A CG  1 
ATOM 919  C CD1 . LEU A 1 141 ? -19.323 2.516   -7.254  1.00 47.48  ? 141 LEU A CD1 1 
ATOM 920  C CD2 . LEU A 1 141 ? -19.205 0.072   -6.769  1.00 51.11  ? 141 LEU A CD2 1 
ATOM 921  N N   . ILE A 1 142 ? -19.516 0.918   -12.073 1.00 75.66  ? 142 ILE A N   1 
ATOM 922  C CA  . ILE A 1 142 ? -18.652 0.872   -13.247 1.00 64.81  ? 142 ILE A CA  1 
ATOM 923  C C   . ILE A 1 142 ? -18.736 2.184   -14.020 1.00 66.13  ? 142 ILE A C   1 
ATOM 924  O O   . ILE A 1 142 ? -17.716 2.752   -14.428 1.00 58.73  ? 142 ILE A O   1 
ATOM 925  C CB  . ILE A 1 142 ? -19.073 -0.323  -14.120 1.00 52.53  ? 142 ILE A CB  1 
ATOM 926  C CG1 . ILE A 1 142 ? -18.844 -1.630  -13.361 1.00 54.07  ? 142 ILE A CG1 1 
ATOM 927  C CG2 . ILE A 1 142 ? -18.333 -0.297  -15.446 1.00 57.48  ? 142 ILE A CG2 1 
ATOM 928  C CD1 . ILE A 1 142 ? -19.464 -2.839  -14.017 1.00 55.93  ? 142 ILE A CD1 1 
ATOM 929  N N   . ARG A 1 143 ? -19.947 2.706   -14.196 1.00 65.48  ? 143 ARG A N   1 
ATOM 930  C CA  . ARG A 1 143 ? -20.125 3.912   -14.991 1.00 75.50  ? 143 ARG A CA  1 
ATOM 931  C C   . ARG A 1 143 ? -19.435 5.092   -14.329 1.00 73.21  ? 143 ARG A C   1 
ATOM 932  O O   . ARG A 1 143 ? -18.719 5.858   -14.985 1.00 64.09  ? 143 ARG A O   1 
ATOM 933  C CB  . ARG A 1 143 ? -21.621 4.186   -15.147 1.00 92.30  ? 143 ARG A CB  1 
ATOM 934  C CG  . ARG A 1 143 ? -21.994 5.324   -16.090 1.00 100.93 ? 143 ARG A CG  1 
ATOM 935  C CD  . ARG A 1 143 ? -23.455 5.725   -15.909 1.00 119.30 ? 143 ARG A CD  1 
ATOM 936  N NE  . ARG A 1 143 ? -23.800 5.922   -14.501 1.00 124.33 ? 143 ARG A NE  1 
ATOM 937  C CZ  . ARG A 1 143 ? -25.016 5.764   -13.989 1.00 126.18 ? 143 ARG A CZ  1 
ATOM 938  N NH1 . ARG A 1 143 ? -26.032 5.396   -14.760 1.00 124.35 ? 143 ARG A NH1 1 
ATOM 939  N NH2 . ARG A 1 143 ? -25.216 5.967   -12.693 1.00 119.24 ? 143 ARG A NH2 1 
ATOM 940  N N   . HIS A 1 144 ? -19.601 5.213   -13.015 1.00 78.35  ? 144 HIS A N   1 
ATOM 941  C CA  . HIS A 1 144 ? -18.922 6.245   -12.243 1.00 68.62  ? 144 HIS A CA  1 
ATOM 942  C C   . HIS A 1 144 ? -17.411 6.169   -12.421 1.00 63.42  ? 144 HIS A C   1 
ATOM 943  O O   . HIS A 1 144 ? -16.753 7.178   -12.694 1.00 61.32  ? 144 HIS A O   1 
ATOM 944  C CB  . HIS A 1 144 ? -19.295 6.112   -10.771 1.00 65.14  ? 144 HIS A CB  1 
ATOM 945  C CG  . HIS A 1 144 ? -18.542 7.045   -9.881  1.00 53.25  ? 144 HIS A CG  1 
ATOM 946  N ND1 . HIS A 1 144 ? -19.016 8.294   -9.548  1.00 52.67  ? 144 HIS A ND1 1 
ATOM 947  C CD2 . HIS A 1 144 ? -17.337 6.924   -9.280  1.00 51.34  ? 144 HIS A CD2 1 
ATOM 948  C CE1 . HIS A 1 144 ? -18.140 8.897   -8.764  1.00 60.80  ? 144 HIS A CE1 1 
ATOM 949  N NE2 . HIS A 1 144 ? -17.112 8.087   -8.586  1.00 53.71  ? 144 HIS A NE2 1 
ATOM 950  N N   . LEU A 1 145 ? -16.844 4.973   -12.290 1.00 58.92  ? 145 LEU A N   1 
ATOM 951  C CA  . LEU A 1 145 ? -15.404 4.818   -12.449 1.00 59.50  ? 145 LEU A CA  1 
ATOM 952  C C   . LEU A 1 145 ? -14.948 5.150   -13.865 1.00 69.86  ? 145 LEU A C   1 
ATOM 953  O O   . LEU A 1 145 ? -13.895 5.772   -14.051 1.00 69.29  ? 145 LEU A O   1 
ATOM 954  C CB  . LEU A 1 145 ? -15.004 3.387   -12.101 1.00 69.68  ? 145 LEU A CB  1 
ATOM 955  C CG  . LEU A 1 145 ? -15.284 2.922   -10.675 1.00 63.91  ? 145 LEU A CG  1 
ATOM 956  C CD1 . LEU A 1 145 ? -15.115 1.414   -10.575 1.00 54.25  ? 145 LEU A CD1 1 
ATOM 957  C CD2 . LEU A 1 145 ? -14.367 3.632   -9.711  1.00 51.57  ? 145 LEU A CD2 1 
ATOM 958  N N   . LEU A 1 146 ? -15.743 4.789   -14.876 1.00 75.78  ? 146 LEU A N   1 
ATOM 959  C CA  . LEU A 1 146 ? -15.417 5.179   -16.246 1.00 74.71  ? 146 LEU A CA  1 
ATOM 960  C C   . LEU A 1 146 ? -15.446 6.684   -16.433 1.00 73.96  ? 146 LEU A C   1 
ATOM 961  O O   . LEU A 1 146 ? -14.551 7.246   -17.074 1.00 82.20  ? 146 LEU A O   1 
ATOM 962  C CB  . LEU A 1 146 ? -16.367 4.524   -17.243 1.00 68.76  ? 146 LEU A CB  1 
ATOM 963  C CG  . LEU A 1 146 ? -16.124 3.056   -17.573 1.00 78.51  ? 146 LEU A CG  1 
ATOM 964  C CD1 . LEU A 1 146 ? -17.208 2.537   -18.499 1.00 99.42  ? 146 LEU A CD1 1 
ATOM 965  C CD2 . LEU A 1 146 ? -14.769 2.892   -18.223 1.00 85.05  ? 146 LEU A CD2 1 
ATOM 966  N N   . SER A 1 147 ? -16.455 7.355   -15.886 1.00 67.63  ? 147 SER A N   1 
ATOM 967  C CA  . SER A 1 147 ? -16.494 8.808   -15.993 1.00 70.92  ? 147 SER A CA  1 
ATOM 968  C C   . SER A 1 147 ? -15.183 9.412   -15.511 1.00 81.86  ? 147 SER A C   1 
ATOM 969  O O   . SER A 1 147 ? -14.679 10.374  -16.101 1.00 91.26  ? 147 SER A O   1 
ATOM 970  C CB  . SER A 1 147 ? -17.686 9.353   -15.213 1.00 73.58  ? 147 SER A CB  1 
ATOM 971  O OG  . SER A 1 147 ? -18.889 8.767   -15.688 1.00 64.94  ? 147 SER A OG  1 
ATOM 972  N N   . ARG A 1 148 ? -14.597 8.846   -14.454 1.00 84.80  ? 148 ARG A N   1 
ATOM 973  C CA  . ARG A 1 148 ? -13.335 9.380   -13.950 1.00 98.40  ? 148 ARG A CA  1 
ATOM 974  C C   . ARG A 1 148 ? -12.200 9.132   -14.926 1.00 95.06  ? 148 ARG A C   1 
ATOM 975  O O   . ARG A 1 148 ? -11.350 10.007  -15.131 1.00 95.17  ? 148 ARG A O   1 
ATOM 976  C CB  . ARG A 1 148 ? -12.993 8.780   -12.589 1.00 91.51  ? 148 ARG A CB  1 
ATOM 977  C CG  . ARG A 1 148 ? -14.050 8.988   -11.553 1.00 85.56  ? 148 ARG A CG  1 
ATOM 978  C CD  . ARG A 1 148 ? -14.051 10.453  -11.122 1.00 81.00  ? 148 ARG A CD  1 
ATOM 979  N NE  . ARG A 1 148 ? -14.712 11.365  -12.048 1.00 92.41  ? 148 ARG A NE  1 
ATOM 980  C CZ  . ARG A 1 148 ? -16.017 11.357  -12.302 1.00 101.71 ? 148 ARG A CZ  1 
ATOM 981  N NH1 . ARG A 1 148 ? -16.814 10.495  -11.686 1.00 93.06  ? 148 ARG A NH1 1 
ATOM 982  N NH2 . ARG A 1 148 ? -16.534 12.228  -13.153 1.00 114.10 ? 148 ARG A NH2 1 
ATOM 983  N N   . LEU A 1 149 ? -12.192 7.976   -15.582 1.00 78.62  ? 149 LEU A N   1 
ATOM 984  C CA  . LEU A 1 149 ? -11.161 7.743   -16.577 1.00 79.65  ? 149 LEU A CA  1 
ATOM 985  C C   . LEU A 1 149 ? -11.337 8.702   -17.750 1.00 92.34  ? 149 LEU A C   1 
ATOM 986  O O   . LEU A 1 149 ? -10.357 9.176   -18.331 1.00 100.30 ? 149 LEU A O   1 
ATOM 987  C CB  . LEU A 1 149 ? -11.244 6.290   -17.024 1.00 73.79  ? 149 LEU A CB  1 
ATOM 988  C CG  . LEU A 1 149 ? -10.860 5.272   -15.946 1.00 68.69  ? 149 LEU A CG  1 
ATOM 989  C CD1 . LEU A 1 149 ? -10.893 3.864   -16.519 1.00 72.39  ? 149 LEU A CD1 1 
ATOM 990  C CD2 . LEU A 1 149 ? -9.499  5.555   -15.320 1.00 81.74  ? 149 LEU A CD2 1 
ATOM 991  N N   . LEU A 1 150 ? -12.585 9.007   -18.097 1.00 88.99  ? 150 LEU A N   1 
ATOM 992  C CA  . LEU A 1 150 ? -12.879 9.951   -19.169 1.00 83.73  ? 150 LEU A CA  1 
ATOM 993  C C   . LEU A 1 150 ? -12.422 11.361  -18.806 1.00 91.16  ? 150 LEU A C   1 
ATOM 994  O O   . LEU A 1 150 ? -11.981 12.117  -19.677 1.00 118.89 ? 150 LEU A O   1 
ATOM 995  C CB  . LEU A 1 150 ? -14.366 9.889   -19.489 1.00 81.69  ? 150 LEU A CB  1 
ATOM 996  C CG  . LEU A 1 150 ? -14.729 8.675   -20.349 1.00 99.84  ? 150 LEU A CG  1 
ATOM 997  C CD1 . LEU A 1 150 ? -16.214 8.497   -20.399 1.00 109.92 ? 150 LEU A CD1 1 
ATOM 998  C CD2 . LEU A 1 150 ? -14.243 8.885   -21.773 1.00 107.50 ? 150 LEU A CD2 1 
ATOM 999  N N   . GLU A 1 151 ? -12.522 11.724  -17.527 1.00 82.73  ? 151 GLU A N   1 
ATOM 1000 C CA  . GLU A 1 151 ? -12.028 13.017  -17.059 1.00 90.64  ? 151 GLU A CA  1 
ATOM 1001 C C   . GLU A 1 151 ? -10.514 13.051  -17.079 1.00 98.05  ? 151 GLU A C   1 
ATOM 1002 O O   . GLU A 1 151 ? -9.913  14.093  -17.366 1.00 97.73  ? 151 GLU A O   1 
ATOM 1003 C CB  . GLU A 1 151 ? -12.540 13.337  -15.663 1.00 100.91 ? 151 GLU A CB  1 
ATOM 1004 C CG  . GLU A 1 151 ? -14.004 13.665  -15.624 1.00 110.63 ? 151 GLU A CG  1 
ATOM 1005 C CD  . GLU A 1 151 ? -14.372 14.404  -14.366 1.00 113.18 ? 151 GLU A CD  1 
ATOM 1006 O OE1 . GLU A 1 151 ? -13.659 14.230  -13.352 1.00 100.82 ? 151 GLU A OE1 1 
ATOM 1007 O OE2 . GLU A 1 151 ? -15.356 15.170  -14.398 1.00 100.21 ? 151 GLU A OE2 1 
ATOM 1008 N N   . ALA A 1 152 ? -9.884  11.934  -16.726 1.00 97.43  ? 152 ALA A N   1 
ATOM 1009 C CA  . ALA A 1 152 ? -8.438  11.835  -16.852 1.00 113.89 ? 152 ALA A CA  1 
ATOM 1010 C C   . ALA A 1 152 ? -7.982  12.170  -18.266 1.00 122.62 ? 152 ALA A C   1 
ATOM 1011 O O   . ALA A 1 152 ? -6.886  12.715  -18.445 1.00 131.30 ? 152 ALA A O   1 
ATOM 1012 C CB  . ALA A 1 152 ? -7.976  10.429  -16.467 1.00 109.55 ? 152 ALA A CB  1 
ATOM 1013 N N   . GLN A 1 153 ? -8.797  11.877  -19.283 1.00 118.81 ? 153 GLN A N   1 
ATOM 1014 C CA  . GLN A 1 153 ? -8.349  12.136  -20.647 1.00 113.94 ? 153 GLN A CA  1 
ATOM 1015 C C   . GLN A 1 153 ? -8.162  13.630  -20.857 1.00 117.74 ? 153 GLN A C   1 
ATOM 1016 O O   . GLN A 1 153 ? -7.318  14.046  -21.657 1.00 143.55 ? 153 GLN A O   1 
ATOM 1017 C CB  . GLN A 1 153 ? -9.346  11.547  -21.652 1.00 116.70 ? 153 GLN A CB  1 
ATOM 1018 C CG  . GLN A 1 153 ? -9.406  12.213  -23.038 1.00 131.83 ? 153 GLN A CG  1 
ATOM 1019 C CD  . GLN A 1 153 ? -9.331  11.220  -24.181 1.00 150.50 ? 153 GLN A CD  1 
ATOM 1020 O OE1 . GLN A 1 153 ? -9.678  10.044  -24.035 1.00 145.33 ? 153 GLN A OE1 1 
ATOM 1021 N NE2 . GLN A 1 153 ? -8.884  11.697  -25.334 1.00 146.29 ? 153 GLN A NE2 1 
ATOM 1022 N N   . LYS A 1 154 ? -8.926  14.452  -20.141 1.00 103.05 ? 154 LYS A N   1 
ATOM 1023 C CA  . LYS A 1 154 ? -8.785  15.894  -20.296 1.00 111.89 ? 154 LYS A CA  1 
ATOM 1024 C C   . LYS A 1 154 ? -7.484  16.394  -19.677 1.00 116.98 ? 154 LYS A C   1 
ATOM 1025 O O   . LYS A 1 154 ? -6.909  17.376  -20.159 1.00 124.67 ? 154 LYS A O   1 
ATOM 1026 C CB  . LYS A 1 154 ? -9.983  16.591  -19.664 1.00 111.71 ? 154 LYS A CB  1 
ATOM 1027 C CG  . LYS A 1 154 ? -11.279 16.214  -20.340 1.00 115.30 ? 154 LYS A CG  1 
ATOM 1028 C CD  . LYS A 1 154 ? -11.267 16.571  -21.814 1.00 133.17 ? 154 LYS A CD  1 
ATOM 1029 C CE  . LYS A 1 154 ? -12.616 16.307  -22.435 1.00 146.77 ? 154 LYS A CE  1 
ATOM 1030 N NZ  . LYS A 1 154 ? -12.881 14.842  -22.458 1.00 118.80 ? 154 LYS A NZ  1 
ATOM 1031 N N   . ASN A 1 155 ? -6.980  15.707  -18.581 1.00 117.70 ? 155 ASN A N   1 
ATOM 1032 C CA  . ASN A 1 155 ? -5.757  16.147  -17.921 1.00 119.52 ? 155 ASN A CA  1 
ATOM 1033 C C   . ASN A 1 155 ? -4.547  15.570  -18.645 1.00 122.88 ? 155 ASN A C   1 
ATOM 1034 O O   . ASN A 1 155 ? -4.566  14.402  -19.045 1.00 123.16 ? 155 ASN A O   1 
ATOM 1035 C CB  . ASN A 1 155 ? -5.704  15.719  -16.464 1.00 110.85 ? 155 ASN A CB  1 
ATOM 1036 C CG  . ASN A 1 155 ? -4.361  16.057  -15.813 1.00 111.10 ? 155 ASN A CG  1 
ATOM 1037 O OD1 . ASN A 1 155 ? -3.424  15.259  -15.844 1.00 105.55 ? 155 ASN A OD1 1 
ATOM 1038 N ND2 . ASN A 1 155 ? -4.266  17.248  -15.229 1.00 98.70  ? 155 ASN A ND2 1 
ATOM 1039 N N   . PRO A 1 156 ? -3.499  16.361  -18.868 1.00 121.77 ? 156 PRO A N   1 
ATOM 1040 C CA  . PRO A 1 156 ? -2.368  15.850  -19.660 1.00 123.76 ? 156 PRO A CA  1 
ATOM 1041 C C   . PRO A 1 156 ? -1.758  14.557  -19.129 1.00 120.32 ? 156 PRO A C   1 
ATOM 1042 O O   . PRO A 1 156 ? -1.434  13.660  -19.919 1.00 117.32 ? 156 PRO A O   1 
ATOM 1043 C CB  . PRO A 1 156 ? -1.356  17.003  -19.584 1.00 115.64 ? 156 PRO A CB  1 
ATOM 1044 C CG  . PRO A 1 156 ? -2.171  18.216  -19.343 1.00 113.36 ? 156 PRO A CG  1 
ATOM 1045 C CD  . PRO A 1 156 ? -3.308  17.771  -18.479 1.00 110.94 ? 156 PRO A CD  1 
ATOM 1046 N N   . ILE A 1 157 ? -1.608  14.428  -17.807 1.00 104.32 ? 157 ILE A N   1 
ATOM 1047 C CA  . ILE A 1 157 ? -1.050  13.210  -17.211 1.00 97.86  ? 157 ILE A CA  1 
ATOM 1048 C C   . ILE A 1 157 ? -1.953  11.998  -17.437 1.00 107.56 ? 157 ILE A C   1 
ATOM 1049 O O   . ILE A 1 157 ? -1.514  10.959  -17.948 1.00 99.82  ? 157 ILE A O   1 
ATOM 1050 C CB  . ILE A 1 157 ? -0.800  13.421  -15.704 1.00 80.56  ? 157 ILE A CB  1 
ATOM 1051 C CG1 . ILE A 1 157 ? 0.115   14.623  -15.465 1.00 78.54  ? 157 ILE A CG1 1 
ATOM 1052 C CG2 . ILE A 1 157 ? -0.224  12.137  -15.063 1.00 95.44  ? 157 ILE A CG2 1 
ATOM 1053 C CD1 . ILE A 1 157 ? 0.408   14.907  -13.992 1.00 99.29  ? 157 ILE A CD1 1 
ATOM 1054 N N   . GLY A 1 158 ? -3.222  12.110  -17.047 1.00 105.87 ? 158 GLY A N   1 
ATOM 1055 C CA  . GLY A 1 158 ? -4.159  11.005  -17.206 1.00 112.86 ? 158 GLY A CA  1 
ATOM 1056 C C   . GLY A 1 158 ? -4.275  10.402  -18.594 1.00 106.22 ? 158 GLY A C   1 
ATOM 1057 O O   . GLY A 1 158 ? -4.380  9.180   -18.732 1.00 96.67  ? 158 GLY A O   1 
ATOM 1058 N N   . GLU A 1 159 ? -4.257  11.223  -19.643 1.00 120.43 ? 159 GLU A N   1 
ATOM 1059 C CA  . GLU A 1 159 ? -4.395  10.640  -20.973 1.00 123.31 ? 159 GLU A CA  1 
ATOM 1060 C C   . GLU A 1 159 ? -3.227  9.707   -21.248 1.00 113.91 ? 159 GLU A C   1 
ATOM 1061 O O   . GLU A 1 159 ? -3.407  8.616   -21.804 1.00 106.17 ? 159 GLU A O   1 
ATOM 1062 C CB  . GLU A 1 159 ? -4.523  11.724  -22.045 1.00 136.04 ? 159 GLU A CB  1 
ATOM 1063 C CG  . GLU A 1 159 ? -5.364  11.254  -23.248 1.00 142.82 ? 159 GLU A CG  1 
ATOM 1064 C CD  . GLU A 1 159 ? -4.584  10.545  -24.338 1.00 147.71 ? 159 GLU A CD  1 
ATOM 1065 O OE1 . GLU A 1 159 ? -3.336  10.551  -24.308 1.00 143.36 ? 159 GLU A OE1 1 
ATOM 1066 O OE2 . GLU A 1 159 ? -5.244  9.968   -25.232 1.00 150.41 ? 159 GLU A OE2 1 
ATOM 1067 N N   . LYS A 1 160 ? -2.023  10.107  -20.835 1.00 106.22 ? 160 LYS A N   1 
ATOM 1068 C CA  . LYS A 1 160 ? -0.847  9.283   -21.073 1.00 110.05 ? 160 LYS A CA  1 
ATOM 1069 C C   . LYS A 1 160 ? -0.923  8.052   -20.187 1.00 109.34 ? 160 LYS A C   1 
ATOM 1070 O O   . LYS A 1 160 ? -0.658  6.932   -20.639 1.00 95.57  ? 160 LYS A O   1 
ATOM 1071 C CB  . LYS A 1 160 ? 0.418   10.101  -20.821 1.00 109.55 ? 160 LYS A CB  1 
ATOM 1072 C CG  . LYS A 1 160 ? 0.547   11.266  -21.799 1.00 140.27 ? 160 LYS A CG  1 
ATOM 1073 C CD  . LYS A 1 160 ? 1.913   11.931  -21.765 1.00 146.18 ? 160 LYS A CD  1 
ATOM 1074 C CE  . LYS A 1 160 ? 1.990   13.069  -22.788 1.00 134.17 ? 160 LYS A CE  1 
ATOM 1075 N NZ  . LYS A 1 160 ? 3.369   13.605  -22.979 1.00 100.53 ? 160 LYS A NZ  1 
ATOM 1076 N N   . ASN A 1 161 ? -1.396  8.237   -18.950 1.00 114.25 ? 161 ASN A N   1 
ATOM 1077 C CA  . ASN A 1 161 ? -1.632  7.105   -18.059 1.00 108.53 ? 161 ASN A CA  1 
ATOM 1078 C C   . ASN A 1 161 ? -2.583  6.096   -18.686 1.00 106.68 ? 161 ASN A C   1 
ATOM 1079 O O   . ASN A 1 161 ? -2.381  4.882   -18.557 1.00 102.77 ? 161 ASN A O   1 
ATOM 1080 C CB  . ASN A 1 161 ? -2.165  7.553   -16.687 1.00 97.43  ? 161 ASN A CB  1 
ATOM 1081 C CG  . ASN A 1 161 ? -1.115  8.226   -15.809 1.00 102.79 ? 161 ASN A CG  1 
ATOM 1082 O OD1 . ASN A 1 161 ? -1.436  8.755   -14.754 1.00 110.25 ? 161 ASN A OD1 1 
ATOM 1083 N ND2 . ASN A 1 161 ? 0.158   8.086   -16.178 1.00 109.10 ? 161 ASN A ND2 1 
ATOM 1084 N N   . LEU A 1 162 ? -3.652  6.563   -19.327 1.00 102.23 ? 162 LEU A N   1 
ATOM 1085 C CA  . LEU A 1 162 ? -4.581  5.607   -19.902 1.00 89.03  ? 162 LEU A CA  1 
ATOM 1086 C C   . LEU A 1 162 ? -3.920  4.879   -21.059 1.00 105.36 ? 162 LEU A C   1 
ATOM 1087 O O   . LEU A 1 162 ? -4.119  3.672   -21.245 1.00 90.33  ? 162 LEU A O   1 
ATOM 1088 C CB  . LEU A 1 162 ? -5.799  6.357   -20.423 1.00 80.43  ? 162 LEU A CB  1 
ATOM 1089 C CG  . LEU A 1 162 ? -6.812  6.873   -19.421 1.00 75.28  ? 162 LEU A CG  1 
ATOM 1090 C CD1 . LEU A 1 162 ? -7.618  7.986   -20.061 1.00 86.63  ? 162 LEU A CD1 1 
ATOM 1091 C CD2 . LEU A 1 162 ? -7.708  5.751   -18.972 1.00 107.15 ? 162 LEU A CD2 1 
ATOM 1092 N N   . GLN A 1 163 ? -3.110  5.601   -21.835 1.00 112.10 ? 163 GLN A N   1 
ATOM 1093 C CA  . GLN A 1 163 ? -2.398  4.987   -22.946 1.00 120.57 ? 163 GLN A CA  1 
ATOM 1094 C C   . GLN A 1 163 ? -1.389  3.964   -22.436 1.00 119.20 ? 163 GLN A C   1 
ATOM 1095 O O   . GLN A 1 163 ? -1.122  2.959   -23.105 1.00 122.96 ? 163 GLN A O   1 
ATOM 1096 C CB  . GLN A 1 163 ? -1.733  6.073   -23.790 1.00 126.10 ? 163 GLN A CB  1 
ATOM 1097 C CG  . GLN A 1 163 ? -2.734  6.894   -24.616 1.00 136.90 ? 163 GLN A CG  1 
ATOM 1098 C CD  . GLN A 1 163 ? -3.500  6.067   -25.642 1.00 150.33 ? 163 GLN A CD  1 
ATOM 1099 O OE1 . GLN A 1 163 ? -3.065  4.987   -26.035 1.00 154.03 ? 163 GLN A OE1 1 
ATOM 1100 N NE2 . GLN A 1 163 ? -4.655  6.573   -26.069 1.00 143.24 ? 163 GLN A NE2 1 
ATOM 1101 N N   . GLU A 1 164 ? -0.856  4.186   -21.229 1.00 107.85 ? 164 GLU A N   1 
ATOM 1102 C CA  . GLU A 1 164 ? 0.092   3.250   -20.637 1.00 104.58 ? 164 GLU A CA  1 
ATOM 1103 C C   . GLU A 1 164 ? -0.563  1.906   -20.394 1.00 110.44 ? 164 GLU A C   1 
ATOM 1104 O O   . GLU A 1 164 ? 0.114   0.872   -20.421 1.00 114.52 ? 164 GLU A O   1 
ATOM 1105 C CB  . GLU A 1 164 ? 0.635   3.784   -19.309 1.00 117.11 ? 164 GLU A CB  1 
ATOM 1106 C CG  . GLU A 1 164 ? 1.480   5.039   -19.392 1.00 127.94 ? 164 GLU A CG  1 
ATOM 1107 C CD  . GLU A 1 164 ? 1.735   5.646   -18.027 1.00 136.33 ? 164 GLU A CD  1 
ATOM 1108 O OE1 . GLU A 1 164 ? 1.835   4.885   -17.039 1.00 142.95 ? 164 GLU A OE1 1 
ATOM 1109 O OE2 . GLU A 1 164 ? 1.811   6.888   -17.933 1.00 128.89 ? 164 GLU A OE2 1 
ATOM 1110 N N   . ILE A 1 165 ? -1.875  1.903   -20.170 1.00 114.23 ? 165 ILE A N   1 
ATOM 1111 C CA  . ILE A 1 165 ? -2.624  0.686   -19.895 1.00 118.63 ? 165 ILE A CA  1 
ATOM 1112 C C   . ILE A 1 165 ? -3.603  0.451   -21.032 1.00 113.21 ? 165 ILE A C   1 
ATOM 1113 O O   . ILE A 1 165 ? -4.675  -0.127  -20.820 1.00 114.17 ? 165 ILE A O   1 
ATOM 1114 C CB  . ILE A 1 165 ? -3.386  0.781   -18.557 1.00 98.48  ? 165 ILE A CB  1 
ATOM 1115 C CG1 . ILE A 1 165 ? -4.358  1.969   -18.585 1.00 95.90  ? 165 ILE A CG1 1 
ATOM 1116 C CG2 . ILE A 1 165 ? -2.416  0.913   -17.393 1.00 79.28  ? 165 ILE A CG2 1 
ATOM 1117 C CD1 . ILE A 1 165 ? -5.347  1.976   -17.455 1.00 103.39 ? 165 ILE A CD1 1 
ATOM 1118 N N   . GLN A 1 166 ? -3.232  0.876   -22.247 1.00 107.55 ? 166 GLN A N   1 
ATOM 1119 C CA  . GLN A 1 166 ? -4.166  0.802   -23.365 1.00 114.78 ? 166 GLN A CA  1 
ATOM 1120 C C   . GLN A 1 166 ? -4.694  -0.614  -23.550 1.00 116.06 ? 166 GLN A C   1 
ATOM 1121 O O   . GLN A 1 166 ? -5.853  -0.797  -23.938 1.00 118.75 ? 166 GLN A O   1 
ATOM 1122 C CB  . GLN A 1 166 ? -3.511  1.292   -24.650 1.00 134.11 ? 166 GLN A CB  1 
ATOM 1123 C CG  . GLN A 1 166 ? -4.451  1.247   -25.841 1.00 141.63 ? 166 GLN A CG  1 
ATOM 1124 C CD  . GLN A 1 166 ? -3.828  1.796   -27.103 1.00 159.70 ? 166 GLN A CD  1 
ATOM 1125 O OE1 . GLN A 1 166 ? -2.606  1.793   -27.262 1.00 162.38 ? 166 GLN A OE1 1 
ATOM 1126 N NE2 . GLN A 1 166 ? -4.667  2.278   -28.010 1.00 162.99 ? 166 GLN A NE2 1 
ATOM 1127 N N   . GLU A 1 167 ? -3.867  -1.627  -23.261 1.00 109.50 ? 167 GLU A N   1 
ATOM 1128 C CA  . GLU A 1 167 ? -4.288  -3.018  -23.424 1.00 113.86 ? 167 GLU A CA  1 
ATOM 1129 C C   . GLU A 1 167 ? -5.322  -3.410  -22.377 1.00 125.96 ? 167 GLU A C   1 
ATOM 1130 O O   . GLU A 1 167 ? -6.238  -4.191  -22.660 1.00 125.21 ? 167 GLU A O   1 
ATOM 1131 C CB  . GLU A 1 167 ? -3.112  -3.992  -23.365 1.00 115.33 ? 167 GLU A CB  1 
ATOM 1132 C CG  . GLU A 1 167 ? -3.612  -5.436  -23.501 1.00 124.11 ? 167 GLU A CG  1 
ATOM 1133 C CD  . GLU A 1 167 ? -2.519  -6.446  -23.752 1.00 144.71 ? 167 GLU A CD  1 
ATOM 1134 O OE1 . GLU A 1 167 ? -2.073  -6.579  -24.911 1.00 147.00 ? 167 GLU A OE1 1 
ATOM 1135 O OE2 . GLU A 1 167 ? -2.135  -7.139  -22.789 1.00 149.42 ? 167 GLU A OE2 1 
ATOM 1136 N N   . ASP A 1 168 ? -5.174  -2.906  -21.148 1.00 127.56 ? 168 ASP A N   1 
ATOM 1137 C CA  . ASP A 1 168 ? -6.139  -3.243  -20.110 1.00 126.14 ? 168 ASP A CA  1 
ATOM 1138 C C   . ASP A 1 168 ? -7.502  -2.667  -20.456 1.00 109.69 ? 168 ASP A C   1 
ATOM 1139 O O   . ASP A 1 168 ? -8.531  -3.294  -20.182 1.00 113.58 ? 168 ASP A O   1 
ATOM 1140 C CB  . ASP A 1 168 ? -5.647  -2.741  -18.751 1.00 130.33 ? 168 ASP A CB  1 
ATOM 1141 C CG  . ASP A 1 168 ? -5.922  -3.730  -17.620 1.00 126.15 ? 168 ASP A CG  1 
ATOM 1142 O OD1 . ASP A 1 168 ? -4.997  -4.494  -17.262 1.00 119.63 ? 168 ASP A OD1 1 
ATOM 1143 O OD2 . ASP A 1 168 ? -7.049  -3.741  -17.079 1.00 113.96 ? 168 ASP A OD2 1 
ATOM 1144 N N   . LEU A 1 169 ? -7.541  -1.470  -21.036 1.00 91.86  ? 169 LEU A N   1 
ATOM 1145 C CA  . LEU A 1 169 ? -8.822  -0.960  -21.499 1.00 95.82  ? 169 LEU A CA  1 
ATOM 1146 C C   . LEU A 1 169 ? -9.351  -1.850  -22.614 1.00 109.51 ? 169 LEU A C   1 
ATOM 1147 O O   . LEU A 1 169 ? -10.486 -2.333  -22.563 1.00 114.06 ? 169 LEU A O   1 
ATOM 1148 C CB  . LEU A 1 169 ? -8.686  0.473   -21.991 1.00 85.79  ? 169 LEU A CB  1 
ATOM 1149 C CG  . LEU A 1 169 ? -8.004  1.447   -21.048 1.00 82.65  ? 169 LEU A CG  1 
ATOM 1150 C CD1 . LEU A 1 169 ? -6.715  1.821   -21.647 1.00 93.41  ? 169 LEU A CD1 1 
ATOM 1151 C CD2 . LEU A 1 169 ? -8.831  2.665   -20.885 1.00 102.19 ? 169 LEU A CD2 1 
ATOM 1152 N N   . ASP A 1 170 ? -8.523  -2.102  -23.626 1.00 114.46 ? 170 ASP A N   1 
ATOM 1153 C CA  . ASP A 1 170 ? -8.967  -2.932  -24.736 1.00 121.85 ? 170 ASP A CA  1 
ATOM 1154 C C   . ASP A 1 170 ? -9.490  -4.271  -24.236 1.00 113.09 ? 170 ASP A C   1 
ATOM 1155 O O   . ASP A 1 170 ? -10.447 -4.818  -24.794 1.00 118.29 ? 170 ASP A O   1 
ATOM 1156 C CB  . ASP A 1 170 ? -7.834  -3.101  -25.745 1.00 132.36 ? 170 ASP A CB  1 
ATOM 1157 C CG  . ASP A 1 170 ? -7.607  -1.844  -26.568 1.00 143.99 ? 170 ASP A CG  1 
ATOM 1158 O OD1 . ASP A 1 170 ? -8.607  -1.206  -26.971 1.00 136.96 ? 170 ASP A OD1 1 
ATOM 1159 O OD2 . ASP A 1 170 ? -6.434  -1.484  -26.800 1.00 156.36 ? 170 ASP A OD2 1 
ATOM 1160 N N   . SER A 1 171 ? -8.879  -4.818  -23.184 1.00 97.95  ? 171 SER A N   1 
ATOM 1161 C CA  . SER A 1 171 ? -9.385  -6.071  -22.644 1.00 101.71 ? 171 SER A CA  1 
ATOM 1162 C C   . SER A 1 171 ? -10.793 -5.864  -22.115 1.00 110.11 ? 171 SER A C   1 
ATOM 1163 O O   . SER A 1 171 ? -11.700 -6.654  -22.395 1.00 129.52 ? 171 SER A O   1 
ATOM 1164 C CB  . SER A 1 171 ? -8.467  -6.584  -21.531 1.00 108.43 ? 171 SER A CB  1 
ATOM 1165 O OG  . SER A 1 171 ? -8.980  -7.784  -20.969 1.00 106.24 ? 171 SER A OG  1 
ATOM 1166 N N   . LEU A 1 172 ? -10.987 -4.788  -21.352 1.00 108.69 ? 172 LEU A N   1 
ATOM 1167 C CA  . LEU A 1 172 ? -12.307 -4.398  -20.866 1.00 117.42 ? 172 LEU A CA  1 
ATOM 1168 C C   . LEU A 1 172 ? -13.362 -4.391  -21.978 1.00 123.28 ? 172 LEU A C   1 
ATOM 1169 O O   . LEU A 1 172 ? -14.445 -4.972  -21.823 1.00 122.30 ? 172 LEU A O   1 
ATOM 1170 C CB  . LEU A 1 172 ? -12.221 -3.021  -20.189 1.00 113.51 ? 172 LEU A CB  1 
ATOM 1171 C CG  . LEU A 1 172 ? -11.537 -2.898  -18.821 1.00 89.51  ? 172 LEU A CG  1 
ATOM 1172 C CD1 . LEU A 1 172 ? -11.628 -1.467  -18.319 1.00 79.17  ? 172 LEU A CD1 1 
ATOM 1173 C CD2 . LEU A 1 172 ? -12.140 -3.845  -17.803 1.00 87.17  ? 172 LEU A CD2 1 
ATOM 1174 N N   . ARG A 1 173 ? -13.074 -3.715  -23.102 1.00 125.91 ? 173 ARG A N   1 
ATOM 1175 C CA  . ARG A 1 173 ? -14.034 -3.648  -24.210 1.00 123.14 ? 173 ARG A CA  1 
ATOM 1176 C C   . ARG A 1 173 ? -14.489 -5.016  -24.701 1.00 125.40 ? 173 ARG A C   1 
ATOM 1177 O O   . ARG A 1 173 ? -15.686 -5.239  -24.924 1.00 118.28 ? 173 ARG A O   1 
ATOM 1178 C CB  . ARG A 1 173 ? -13.347 -2.935  -25.376 1.00 127.68 ? 173 ARG A CB  1 
ATOM 1179 C CG  . ARG A 1 173 ? -14.163 -2.668  -26.610 1.00 122.52 ? 173 ARG A CG  1 
ATOM 1180 C CD  . ARG A 1 173 ? -13.234 -2.185  -27.747 1.00 109.97 ? 173 ARG A CD  1 
ATOM 1181 N NE  . ARG A 1 173 ? -12.173 -3.154  -28.062 1.00 127.75 ? 173 ARG A NE  1 
ATOM 1182 C CZ  . ARG A 1 173 ? -12.295 -4.164  -28.925 1.00 139.38 ? 173 ARG A CZ  1 
ATOM 1183 N NH1 . ARG A 1 173 ? -13.434 -4.358  -29.578 1.00 133.60 ? 173 ARG A NH1 1 
ATOM 1184 N NH2 . ARG A 1 173 ? -11.276 -4.988  -29.141 1.00 117.47 ? 173 ARG A NH2 1 
ATOM 1185 N N   . ALA A 1 174 ? -13.548 -5.932  -24.922 1.00 119.71 ? 174 ALA A N   1 
ATOM 1186 C CA  . ALA A 1 174 ? -13.897 -7.309  -25.254 1.00 112.51 ? 174 ALA A CA  1 
ATOM 1187 C C   . ALA A 1 174 ? -14.764 -7.919  -24.166 1.00 111.34 ? 174 ALA A C   1 
ATOM 1188 O O   . ALA A 1 174 ? -15.917 -8.310  -24.380 1.00 118.03 ? 174 ALA A O   1 
ATOM 1189 C CB  . ALA A 1 174 ? -12.633 -8.140  -25.478 1.00 131.09 ? 174 ALA A CB  1 
ATOM 1190 N N   . HIS A 1 175 ? -14.185 -7.956  -22.969 1.00 120.16 ? 175 HIS A N   1 
ATOM 1191 C CA  . HIS A 1 175 ? -14.785 -8.489  -21.760 1.00 129.46 ? 175 HIS A CA  1 
ATOM 1192 C C   . HIS A 1 175 ? -16.171 -7.942  -21.455 1.00 120.80 ? 175 HIS A C   1 
ATOM 1193 O O   . HIS A 1 175 ? -17.059 -8.697  -21.044 1.00 108.98 ? 175 HIS A O   1 
ATOM 1194 C CB  . HIS A 1 175 ? -13.805 -8.115  -20.640 1.00 130.22 ? 175 HIS A CB  1 
ATOM 1195 C CG  . HIS A 1 175 ? -13.799 -9.011  -19.447 1.00 138.62 ? 175 HIS A CG  1 
ATOM 1196 N ND1 . HIS A 1 175 ? -14.690 -8.879  -18.401 1.00 141.92 ? 175 HIS A ND1 1 
ATOM 1197 C CD2 . HIS A 1 175 ? -12.934 -9.986  -19.080 1.00 130.16 ? 175 HIS A CD2 1 
ATOM 1198 C CE1 . HIS A 1 175 ? -14.404 -9.770  -17.468 1.00 132.56 ? 175 HIS A CE1 1 
ATOM 1199 N NE2 . HIS A 1 175 ? -13.344 -10.458 -17.857 1.00 128.79 ? 175 HIS A NE2 1 
ATOM 1200 N N   . PHE A 1 176 ? -16.395 -6.642  -21.639 1.00 115.36 ? 176 PHE A N   1 
ATOM 1201 C CA  . PHE A 1 176 ? -17.735 -6.147  -21.356 1.00 106.26 ? 176 PHE A CA  1 
ATOM 1202 C C   . PHE A 1 176 ? -18.779 -6.547  -22.404 1.00 113.27 ? 176 PHE A C   1 
ATOM 1203 O O   . PHE A 1 176 ? -19.855 -7.050  -22.065 1.00 109.21 ? 176 PHE A O   1 
ATOM 1204 C CB  . PHE A 1 176 ? -17.720 -4.634  -21.249 1.00 113.56 ? 176 PHE A CB  1 
ATOM 1205 C CG  . PHE A 1 176 ? -19.084 -4.086  -21.144 1.00 138.91 ? 176 PHE A CG  1 
ATOM 1206 C CD1 . PHE A 1 176 ? -19.736 -4.138  -19.929 1.00 141.78 ? 176 PHE A CD1 1 
ATOM 1207 C CD2 . PHE A 1 176 ? -19.777 -3.641  -22.259 1.00 141.02 ? 176 PHE A CD2 1 
ATOM 1208 C CE1 . PHE A 1 176 ? -21.013 -3.690  -19.803 1.00 140.19 ? 176 PHE A CE1 1 
ATOM 1209 C CE2 . PHE A 1 176 ? -21.068 -3.195  -22.124 1.00 130.69 ? 176 PHE A CE2 1 
ATOM 1210 C CZ  . PHE A 1 176 ? -21.678 -3.227  -20.895 1.00 130.81 ? 176 PHE A CZ  1 
ATOM 1211 N N   . GLU A 1 177 ? -18.452 -6.381  -23.688 1.00 116.18 ? 177 GLU A N   1 
ATOM 1212 C CA  . GLU A 1 177 ? -19.335 -6.792  -24.783 1.00 109.36 ? 177 GLU A CA  1 
ATOM 1213 C C   . GLU A 1 177 ? -19.661 -8.272  -24.759 1.00 108.20 ? 177 GLU A C   1 
ATOM 1214 O O   . GLU A 1 177 ? -20.778 -8.668  -25.106 1.00 111.56 ? 177 GLU A O   1 
ATOM 1215 C CB  . GLU A 1 177 ? -18.745 -6.351  -26.112 1.00 111.94 ? 177 GLU A CB  1 
ATOM 1216 C CG  . GLU A 1 177 ? -18.940 -4.855  -26.290 1.00 111.31 ? 177 GLU A CG  1 
ATOM 1217 C CD  . GLU A 1 177 ? -18.503 -4.341  -27.641 1.00 111.43 ? 177 GLU A CD  1 
ATOM 1218 O OE1 . GLU A 1 177 ? -17.342 -3.900  -27.764 1.00 106.04 ? 177 GLU A OE1 1 
ATOM 1219 O OE2 . GLU A 1 177 ? -19.330 -4.359  -28.578 1.00 121.10 ? 177 GLU A OE2 1 
ATOM 1220 N N   . GLU A 1 178 ? -18.712 -9.088  -24.320 1.00 102.69 ? 178 GLU A N   1 
ATOM 1221 C CA  . GLU A 1 178 ? -18.934 -10.521 -24.215 1.00 122.13 ? 178 GLU A CA  1 
ATOM 1222 C C   . GLU A 1 178 ? -20.014 -10.773 -23.181 1.00 111.09 ? 178 GLU A C   1 
ATOM 1223 O O   . GLU A 1 178 ? -20.815 -11.706 -23.317 1.00 98.19  ? 178 GLU A O   1 
ATOM 1224 C CB  . GLU A 1 178 ? -17.604 -11.215 -23.927 1.00 135.18 ? 178 GLU A CB  1 
ATOM 1225 C CG  . GLU A 1 178 ? -17.669 -12.605 -23.324 1.00 143.93 ? 178 GLU A CG  1 
ATOM 1226 C CD  . GLU A 1 178 ? -16.294 -13.104 -22.908 1.00 164.00 ? 178 GLU A CD  1 
ATOM 1227 O OE1 . GLU A 1 178 ? -15.327 -12.310 -22.964 1.00 162.03 ? 178 GLU A OE1 1 
ATOM 1228 O OE2 . GLU A 1 178 ? -16.173 -14.293 -22.539 1.00 178.24 ? 178 GLU A OE2 1 
ATOM 1229 N N   . LEU A 1 179 ? -20.062 -9.938  -22.153 1.00 115.49 ? 179 LEU A N   1 
ATOM 1230 C CA  . LEU A 1 179 ? -21.121 -10.068 -21.170 1.00 121.30 ? 179 LEU A CA  1 
ATOM 1231 C C   . LEU A 1 179 ? -22.446 -9.769  -21.862 1.00 117.89 ? 179 LEU A C   1 
ATOM 1232 O O   . LEU A 1 179 ? -23.410 -10.536 -21.746 1.00 107.01 ? 179 LEU A O   1 
ATOM 1233 C CB  . LEU A 1 179 ? -20.862 -9.104  -20.006 1.00 118.83 ? 179 LEU A CB  1 
ATOM 1234 C CG  . LEU A 1 179 ? -21.836 -8.948  -18.840 1.00 118.08 ? 179 LEU A CG  1 
ATOM 1235 C CD1 . LEU A 1 179 ? -22.867 -7.902  -19.203 1.00 113.30 ? 179 LEU A CD1 1 
ATOM 1236 C CD2 . LEU A 1 179 ? -22.537 -10.239 -18.412 1.00 119.76 ? 179 LEU A CD2 1 
ATOM 1237 N N   . THR A 1 180 ? -22.488 -8.688  -22.635 1.00 113.72 ? 180 THR A N   1 
ATOM 1238 C CA  . THR A 1 180 ? -23.714 -8.217  -23.273 1.00 126.84 ? 180 THR A CA  1 
ATOM 1239 C C   . THR A 1 180 ? -24.253 -9.266  -24.242 1.00 129.53 ? 180 THR A C   1 
ATOM 1240 O O   . THR A 1 180 ? -24.985 -10.178 -23.854 1.00 124.16 ? 180 THR A O   1 
ATOM 1241 C CB  . THR A 1 180 ? -23.466 -6.922  -24.072 1.00 124.65 ? 180 THR A CB  1 
ATOM 1242 O OG1 . THR A 1 180 ? -22.476 -6.123  -23.415 1.00 124.95 ? 180 THR A OG1 1 
ATOM 1243 C CG2 . THR A 1 180 ? -24.754 -6.128  -24.248 1.00 121.85 ? 180 THR A CG2 1 
# 
